data_7SL5
#
_entry.id   7SL5
#
_cell.length_a   71.148
_cell.length_b   81.359
_cell.length_c   95.650
_cell.angle_alpha   90.340
_cell.angle_beta   95.960
_cell.angle_gamma   100.650
#
_symmetry.space_group_name_H-M   'P 1'
#
loop_
_entity.id
_entity.type
_entity.pdbx_description
1 polymer 'Heavy chain VP12E7 Fab'
2 polymer 'Light chain VP12E7 Fab'
3 polymer PRO-SER-LYS-ARG-SER-PHE-ILE-GLU-ASP-LEU-LEU-PHE-ASN
4 water water
#
loop_
_entity_poly.entity_id
_entity_poly.type
_entity_poly.pdbx_seq_one_letter_code
_entity_poly.pdbx_strand_id
1 'polypeptide(L)'
;QVQLVQSGGGVVQPGESLRLSCSGSGFTFNNYIMHWVRQAPGQGLDYVSGIGSDGRNTNYGDSVKGRFTISRDNSKDTLY
LQMTSLRAEDTAFYYCVKGLDVLRFLDLSTPSGERLDAFDIWGQGTMVTVSSASTKGPSVFPLAPSSKSTSGGTAALGCL
VKDYFPEPVTVSWNSGALTSGVHTFPAVLQSSGLYSLSSVVTVPSSSLGTQTYICNVNHKPSNTKVDKRVEPKSC
;
A,D,G,J
2 'polypeptide(L)'
;DIVMTQSPSFLSASVGDRVTITCRASQGISNYLAWYQQKPGKAPHLLIYAASTLQSGVPSRFSGSGSGTEFTLTISSLQP
EDFATYYCQQLNSYPLFTFGPGTKVDIERTVAAPSVFIFPPSDEQLKSGTASVVCLLNNFYPREAKVQWKVDNALQSGNS
QESVTEQDSKDSTYSLSSTLTLSKADYEKHKVYACEVTHQGLSSPVTKSFNRGEC
;
B,E,H,K
3 'polypeptide(L)' KPSKRSFIEDLLFNK C,F,I,L
#
# COMPACT_ATOMS: atom_id res chain seq x y z
N VAL A 2 -13.53 -22.64 -41.62
CA VAL A 2 -12.37 -23.30 -41.06
C VAL A 2 -12.66 -23.65 -39.60
N GLN A 3 -12.62 -24.94 -39.28
CA GLN A 3 -13.09 -25.41 -37.99
C GLN A 3 -12.47 -26.75 -37.64
N LEU A 4 -12.47 -27.06 -36.34
CA LEU A 4 -12.17 -28.39 -35.83
C LEU A 4 -13.41 -28.89 -35.09
N VAL A 5 -13.97 -30.00 -35.56
CA VAL A 5 -15.22 -30.54 -35.02
C VAL A 5 -14.91 -31.85 -34.32
N GLN A 6 -15.26 -31.92 -33.04
CA GLN A 6 -14.98 -33.06 -32.18
C GLN A 6 -16.22 -33.94 -32.06
N SER A 7 -15.98 -35.25 -31.92
CA SER A 7 -17.05 -36.22 -31.70
C SER A 7 -16.61 -37.19 -30.61
N GLY A 8 -17.59 -37.87 -30.03
CA GLY A 8 -17.31 -38.87 -29.00
C GLY A 8 -17.42 -38.31 -27.61
N GLY A 9 -16.86 -39.06 -26.66
CA GLY A 9 -16.89 -38.67 -25.26
C GLY A 9 -18.13 -39.17 -24.56
N GLY A 10 -18.19 -38.89 -23.27
CA GLY A 10 -19.32 -39.29 -22.47
C GLY A 10 -18.88 -39.80 -21.12
N VAL A 11 -19.72 -40.64 -20.53
CA VAL A 11 -19.49 -41.18 -19.19
C VAL A 11 -19.06 -42.64 -19.34
N VAL A 12 -17.93 -43.00 -18.74
CA VAL A 12 -17.41 -44.35 -18.81
C VAL A 12 -16.95 -44.77 -17.41
N GLN A 13 -16.94 -46.06 -17.17
CA GLN A 13 -16.46 -46.59 -15.91
C GLN A 13 -14.94 -46.63 -15.88
N PRO A 14 -14.34 -46.62 -14.70
CA PRO A 14 -12.87 -46.72 -14.61
C PRO A 14 -12.38 -48.01 -15.21
N GLY A 15 -11.28 -47.93 -15.95
CA GLY A 15 -10.70 -49.08 -16.61
C GLY A 15 -11.23 -49.33 -18.00
N GLU A 16 -12.33 -48.67 -18.38
CA GLU A 16 -12.86 -48.80 -19.72
C GLU A 16 -12.09 -47.90 -20.68
N SER A 17 -12.39 -48.05 -21.97
CA SER A 17 -11.72 -47.31 -23.04
C SER A 17 -12.70 -46.35 -23.69
N LEU A 18 -12.18 -45.18 -24.10
CA LEU A 18 -12.95 -44.19 -24.82
C LEU A 18 -12.10 -43.65 -25.96
N ARG A 19 -12.77 -43.33 -27.08
CA ARG A 19 -12.10 -42.79 -28.26
C ARG A 19 -12.68 -41.42 -28.60
N LEU A 20 -11.81 -40.44 -28.79
CA LEU A 20 -12.20 -39.10 -29.20
C LEU A 20 -11.74 -38.88 -30.63
N SER A 21 -12.56 -38.19 -31.42
CA SER A 21 -12.24 -37.86 -32.80
C SER A 21 -12.32 -36.36 -33.01
N CYS A 22 -11.43 -35.84 -33.84
CA CYS A 22 -11.36 -34.42 -34.15
C CYS A 22 -11.20 -34.26 -35.66
N SER A 23 -12.24 -33.75 -36.32
CA SER A 23 -12.29 -33.63 -37.77
C SER A 23 -12.06 -32.18 -38.19
N GLY A 24 -11.14 -31.97 -39.12
CA GLY A 24 -10.76 -30.64 -39.57
C GLY A 24 -11.31 -30.32 -40.94
N SER A 25 -11.53 -29.03 -41.19
CA SER A 25 -11.90 -28.54 -42.50
C SER A 25 -11.40 -27.12 -42.65
N GLY A 26 -11.06 -26.73 -43.87
CA GLY A 26 -10.65 -25.37 -44.14
C GLY A 26 -9.17 -25.09 -43.99
N PHE A 27 -8.36 -26.09 -43.66
CA PHE A 27 -6.93 -25.92 -43.63
C PHE A 27 -6.29 -27.21 -44.10
N THR A 28 -5.03 -27.13 -44.52
CA THR A 28 -4.33 -28.30 -45.07
C THR A 28 -3.88 -29.18 -43.91
N PHE A 29 -4.71 -30.17 -43.59
CA PHE A 29 -4.53 -31.00 -42.40
C PHE A 29 -3.16 -31.66 -42.37
N ASN A 30 -2.69 -32.13 -43.53
CA ASN A 30 -1.45 -32.89 -43.62
C ASN A 30 -0.21 -32.09 -43.24
N ASN A 31 -0.31 -30.77 -43.06
CA ASN A 31 0.87 -29.94 -42.84
C ASN A 31 1.18 -29.68 -41.37
N TYR A 32 0.20 -29.81 -40.48
CA TYR A 32 0.32 -29.30 -39.12
C TYR A 32 0.43 -30.42 -38.10
N ILE A 33 1.26 -30.19 -37.08
CA ILE A 33 1.19 -31.02 -35.89
C ILE A 33 -0.15 -30.76 -35.22
N MET A 34 -0.74 -31.82 -34.67
CA MET A 34 -2.04 -31.74 -34.01
C MET A 34 -1.87 -32.15 -32.55
N HIS A 35 -2.65 -31.51 -31.68
CA HIS A 35 -2.50 -31.69 -30.24
C HIS A 35 -3.84 -31.98 -29.58
N TRP A 36 -3.77 -32.62 -28.42
CA TRP A 36 -4.90 -32.77 -27.52
C TRP A 36 -4.60 -32.09 -26.19
N VAL A 37 -5.52 -31.24 -25.73
CA VAL A 37 -5.43 -30.58 -24.43
C VAL A 37 -6.71 -30.85 -23.66
N ARG A 38 -6.57 -31.05 -22.34
CA ARG A 38 -7.71 -31.31 -21.47
C ARG A 38 -7.74 -30.31 -20.32
N GLN A 39 -8.95 -29.92 -19.91
CA GLN A 39 -9.16 -28.97 -18.83
C GLN A 39 -10.10 -29.61 -17.82
N ALA A 40 -9.58 -29.97 -16.65
CA ALA A 40 -10.43 -30.49 -15.60
C ALA A 40 -11.32 -29.38 -15.04
N PRO A 41 -12.50 -29.74 -14.49
CA PRO A 41 -13.43 -28.71 -14.00
C PRO A 41 -12.78 -27.72 -13.04
N GLY A 42 -12.89 -26.43 -13.38
CA GLY A 42 -12.29 -25.38 -12.58
C GLY A 42 -10.80 -25.32 -12.58
N GLN A 43 -10.13 -26.01 -13.51
CA GLN A 43 -8.68 -26.12 -13.51
C GLN A 43 -8.11 -25.49 -14.79
N GLY A 44 -6.78 -25.53 -14.88
CA GLY A 44 -6.08 -25.00 -16.03
C GLY A 44 -6.03 -25.98 -17.19
N LEU A 45 -5.31 -25.57 -18.23
CA LEU A 45 -5.10 -26.38 -19.42
C LEU A 45 -3.89 -27.30 -19.24
N ASP A 46 -4.08 -28.58 -19.54
CA ASP A 46 -3.02 -29.58 -19.34
C ASP A 46 -2.73 -30.30 -20.64
N TYR A 47 -1.45 -30.50 -20.94
CA TYR A 47 -1.03 -31.13 -22.19
C TYR A 47 -1.27 -32.62 -22.13
N VAL A 48 -1.91 -33.17 -23.17
CA VAL A 48 -2.20 -34.60 -23.26
C VAL A 48 -1.27 -35.28 -24.26
N SER A 49 -1.38 -34.94 -25.55
CA SER A 49 -0.60 -35.62 -26.57
C SER A 49 -0.49 -34.75 -27.82
N GLY A 50 0.53 -35.06 -28.62
CA GLY A 50 0.71 -34.41 -29.91
C GLY A 50 1.22 -35.41 -30.94
N ILE A 51 0.85 -35.16 -32.19
CA ILE A 51 1.21 -36.03 -33.31
C ILE A 51 1.81 -35.22 -34.44
N GLY A 52 2.88 -35.73 -35.05
CA GLY A 52 3.43 -35.09 -36.22
C GLY A 52 2.51 -35.18 -37.42
N SER A 53 2.78 -34.35 -38.42
CA SER A 53 1.93 -34.29 -39.61
C SER A 53 1.84 -35.65 -40.31
N ASP A 54 2.97 -36.35 -40.46
CA ASP A 54 2.94 -37.67 -41.09
C ASP A 54 2.40 -38.74 -40.15
N GLY A 55 2.42 -38.50 -38.83
CA GLY A 55 1.94 -39.45 -37.85
C GLY A 55 3.00 -40.32 -37.22
N ARG A 56 4.26 -40.23 -37.67
CA ARG A 56 5.31 -41.08 -37.11
C ARG A 56 5.76 -40.62 -35.73
N ASN A 57 5.65 -39.34 -35.43
CA ASN A 57 6.16 -38.80 -34.18
C ASN A 57 5.02 -38.46 -33.25
N THR A 58 5.14 -38.88 -31.99
CA THR A 58 4.14 -38.63 -30.96
C THR A 58 4.84 -38.27 -29.67
N ASN A 59 4.22 -37.38 -28.89
CA ASN A 59 4.65 -37.12 -27.52
C ASN A 59 3.41 -37.11 -26.63
N TYR A 60 3.62 -37.35 -25.34
CA TYR A 60 2.51 -37.47 -24.41
C TYR A 60 2.82 -36.77 -23.10
N GLY A 61 1.77 -36.35 -22.41
CA GLY A 61 1.93 -35.93 -21.03
C GLY A 61 2.23 -37.13 -20.15
N ASP A 62 3.01 -36.88 -19.09
CA ASP A 62 3.46 -37.96 -18.23
C ASP A 62 2.30 -38.73 -17.62
N SER A 63 1.20 -38.04 -17.31
CA SER A 63 0.07 -38.70 -16.67
C SER A 63 -0.62 -39.70 -17.60
N VAL A 64 -0.52 -39.51 -18.91
CA VAL A 64 -1.23 -40.35 -19.87
C VAL A 64 -0.32 -41.31 -20.62
N LYS A 65 1.00 -41.19 -20.48
CA LYS A 65 1.93 -42.03 -21.21
C LYS A 65 1.66 -43.51 -20.91
N GLY A 66 1.71 -44.33 -21.95
CA GLY A 66 1.45 -45.75 -21.82
C GLY A 66 -0.01 -46.13 -21.76
N ARG A 67 -0.90 -45.17 -21.51
CA ARG A 67 -2.34 -45.42 -21.47
C ARG A 67 -3.08 -44.80 -22.64
N PHE A 68 -2.57 -43.71 -23.20
CA PHE A 68 -3.20 -42.96 -24.26
C PHE A 68 -2.41 -43.11 -25.55
N THR A 69 -3.12 -43.14 -26.67
CA THR A 69 -2.49 -43.19 -27.98
C THR A 69 -3.15 -42.19 -28.91
N ILE A 70 -2.33 -41.34 -29.53
CA ILE A 70 -2.79 -40.35 -30.49
C ILE A 70 -2.57 -40.89 -31.90
N SER A 71 -3.52 -40.65 -32.78
CA SER A 71 -3.44 -41.12 -34.15
C SER A 71 -4.15 -40.14 -35.06
N ARG A 72 -3.77 -40.16 -36.34
CA ARG A 72 -4.41 -39.30 -37.33
C ARG A 72 -4.63 -40.07 -38.62
N ASP A 73 -5.73 -39.77 -39.29
CA ASP A 73 -6.04 -40.25 -40.63
C ASP A 73 -6.10 -39.02 -41.53
N ASN A 74 -5.03 -38.78 -42.28
CA ASN A 74 -4.98 -37.58 -43.10
C ASN A 74 -5.94 -37.66 -44.27
N SER A 75 -6.20 -38.87 -44.78
CA SER A 75 -7.15 -39.03 -45.87
C SER A 75 -8.55 -38.54 -45.51
N LYS A 76 -8.86 -38.48 -44.20
CA LYS A 76 -10.16 -38.03 -43.73
C LYS A 76 -10.06 -36.75 -42.89
N ASP A 77 -8.86 -36.14 -42.81
CA ASP A 77 -8.64 -34.89 -42.07
C ASP A 77 -9.12 -35.01 -40.62
N THR A 78 -8.86 -36.16 -40.00
CA THR A 78 -9.39 -36.45 -38.67
C THR A 78 -8.28 -36.86 -37.72
N LEU A 79 -8.34 -36.32 -36.51
CA LEU A 79 -7.44 -36.64 -35.41
C LEU A 79 -8.16 -37.52 -34.39
N TYR A 80 -7.45 -38.50 -33.84
CA TYR A 80 -8.03 -39.43 -32.88
C TYR A 80 -7.19 -39.46 -31.60
N LEU A 81 -7.87 -39.63 -30.47
CA LEU A 81 -7.23 -39.93 -29.20
C LEU A 81 -7.85 -41.19 -28.64
N GLN A 82 -7.02 -42.20 -28.40
CA GLN A 82 -7.47 -43.48 -27.85
C GLN A 82 -7.09 -43.51 -26.38
N MET A 83 -8.10 -43.57 -25.51
CA MET A 83 -7.91 -43.54 -24.07
C MET A 83 -8.25 -44.91 -23.51
N THR A 84 -7.30 -45.52 -22.81
CA THR A 84 -7.49 -46.83 -22.20
C THR A 84 -7.09 -46.77 -20.74
N SER A 85 -7.59 -47.75 -19.96
CA SER A 85 -7.36 -47.80 -18.51
C SER A 85 -7.70 -46.46 -17.86
N LEU A 86 -8.84 -45.91 -18.25
CA LEU A 86 -9.21 -44.57 -17.81
C LEU A 86 -9.37 -44.54 -16.28
N ARG A 87 -8.98 -43.43 -15.69
CA ARG A 87 -9.08 -43.22 -14.26
C ARG A 87 -9.97 -42.01 -14.00
N ALA A 88 -10.40 -41.86 -12.75
CA ALA A 88 -11.20 -40.70 -12.39
C ALA A 88 -10.45 -39.40 -12.67
N GLU A 89 -9.12 -39.40 -12.51
CA GLU A 89 -8.33 -38.21 -12.77
C GLU A 89 -8.41 -37.75 -14.22
N ASP A 90 -8.71 -38.67 -15.15
CA ASP A 90 -8.87 -38.31 -16.55
C ASP A 90 -10.16 -37.55 -16.84
N THR A 91 -11.03 -37.36 -15.85
CA THR A 91 -12.23 -36.57 -16.04
C THR A 91 -11.85 -35.14 -16.36
N ALA A 92 -12.25 -34.66 -17.55
CA ALA A 92 -11.91 -33.32 -17.99
C ALA A 92 -12.69 -32.98 -19.25
N PHE A 93 -12.61 -31.72 -19.66
CA PHE A 93 -13.10 -31.27 -20.95
C PHE A 93 -11.94 -31.28 -21.93
N TYR A 94 -12.02 -32.12 -22.97
CA TYR A 94 -10.90 -32.37 -23.87
C TYR A 94 -11.03 -31.53 -25.14
N TYR A 95 -9.95 -30.83 -25.47
CA TYR A 95 -9.86 -29.97 -26.66
C TYR A 95 -8.83 -30.53 -27.62
N CYS A 96 -9.14 -30.47 -28.91
CA CYS A 96 -8.14 -30.66 -29.95
C CYS A 96 -7.77 -29.30 -30.50
N VAL A 97 -6.47 -29.09 -30.71
CA VAL A 97 -5.96 -27.81 -31.18
C VAL A 97 -5.06 -28.07 -32.37
N LYS A 98 -5.22 -27.26 -33.43
CA LYS A 98 -4.27 -27.25 -34.53
C LYS A 98 -2.95 -26.67 -34.06
N GLY A 99 -1.87 -27.39 -34.32
CA GLY A 99 -0.54 -26.96 -33.93
C GLY A 99 0.21 -26.32 -35.08
N LEU A 100 1.53 -26.34 -34.97
CA LEU A 100 2.39 -25.63 -35.91
C LEU A 100 2.84 -26.52 -37.06
N ASP A 101 2.83 -25.95 -38.27
CA ASP A 101 3.60 -26.53 -39.36
C ASP A 101 5.07 -26.25 -39.11
N VAL A 102 5.87 -27.31 -38.95
CA VAL A 102 7.25 -27.16 -38.51
C VAL A 102 8.09 -26.33 -39.48
N LEU A 103 7.67 -26.19 -40.74
CA LEU A 103 8.45 -25.36 -41.65
C LEU A 103 8.43 -23.89 -41.23
N ARG A 104 7.50 -23.50 -40.35
CA ARG A 104 7.43 -22.12 -39.85
C ARG A 104 7.85 -22.04 -38.39
N PHE A 105 8.75 -22.92 -37.96
CA PHE A 105 9.21 -22.95 -36.58
C PHE A 105 9.77 -21.61 -36.13
N LEU A 106 10.31 -20.83 -37.08
CA LEU A 106 10.86 -19.52 -36.75
C LEU A 106 9.81 -18.58 -36.19
N ASP A 107 8.53 -18.75 -36.58
CA ASP A 107 7.49 -17.84 -36.14
C ASP A 107 7.33 -17.84 -34.62
N LEU A 108 7.67 -18.95 -33.96
CA LEU A 108 7.54 -19.02 -32.50
C LEU A 108 8.46 -18.01 -31.82
N SER A 109 9.67 -17.79 -32.36
CA SER A 109 10.61 -16.84 -31.77
C SER A 109 10.87 -15.60 -32.62
N THR A 110 10.72 -15.70 -33.94
CA THR A 110 11.01 -14.58 -34.84
C THR A 110 9.88 -14.48 -35.84
N PRO A 111 8.80 -13.78 -35.49
CA PRO A 111 7.63 -13.74 -36.37
C PRO A 111 7.98 -13.16 -37.72
N SER A 112 7.50 -13.81 -38.77
CA SER A 112 7.78 -13.40 -40.14
C SER A 112 6.55 -12.96 -40.91
N GLY A 113 5.36 -13.45 -40.55
CA GLY A 113 4.14 -13.14 -41.25
C GLY A 113 3.20 -12.28 -40.43
N GLU A 114 2.06 -11.98 -41.04
CA GLU A 114 1.04 -11.19 -40.36
C GLU A 114 0.39 -11.96 -39.22
N ARG A 115 0.45 -13.30 -39.24
CA ARG A 115 -0.21 -14.12 -38.25
C ARG A 115 0.66 -15.33 -37.92
N LEU A 116 0.36 -15.97 -36.80
CA LEU A 116 0.94 -17.26 -36.44
C LEU A 116 0.00 -18.37 -36.86
N ASP A 117 0.45 -19.22 -37.80
CA ASP A 117 -0.35 -20.31 -38.32
C ASP A 117 -0.31 -21.52 -37.38
N ALA A 118 -0.61 -21.29 -36.11
CA ALA A 118 -0.59 -22.34 -35.11
C ALA A 118 -1.47 -21.90 -33.94
N PHE A 119 -2.17 -22.86 -33.32
CA PHE A 119 -3.03 -22.60 -32.17
C PHE A 119 -4.15 -21.63 -32.50
N ASP A 120 -4.46 -21.51 -33.79
CA ASP A 120 -5.50 -20.63 -34.32
C ASP A 120 -6.84 -21.32 -34.46
N ILE A 121 -6.87 -22.64 -34.49
CA ILE A 121 -8.11 -23.41 -34.60
C ILE A 121 -8.21 -24.38 -33.44
N TRP A 122 -9.33 -24.35 -32.75
CA TRP A 122 -9.59 -25.21 -31.61
C TRP A 122 -10.89 -25.96 -31.85
N GLY A 123 -10.96 -27.17 -31.32
CA GLY A 123 -12.21 -27.89 -31.32
C GLY A 123 -13.17 -27.32 -30.29
N GLN A 124 -14.45 -27.67 -30.44
CA GLN A 124 -15.46 -27.19 -29.52
C GLN A 124 -15.29 -27.77 -28.11
N GLY A 125 -14.63 -28.91 -28.01
CA GLY A 125 -14.40 -29.52 -26.71
C GLY A 125 -15.31 -30.72 -26.49
N THR A 126 -14.82 -31.66 -25.70
CA THR A 126 -15.58 -32.88 -25.44
C THR A 126 -15.48 -33.22 -23.95
N MET A 127 -16.62 -33.46 -23.32
CA MET A 127 -16.65 -33.78 -21.90
C MET A 127 -16.40 -35.27 -21.74
N VAL A 128 -15.45 -35.63 -20.87
CA VAL A 128 -15.16 -37.01 -20.53
C VAL A 128 -15.26 -37.14 -19.03
N THR A 129 -16.18 -37.98 -18.55
CA THR A 129 -16.37 -38.21 -17.14
C THR A 129 -16.13 -39.68 -16.85
N VAL A 130 -15.19 -39.96 -15.95
CA VAL A 130 -14.81 -41.32 -15.61
C VAL A 130 -15.23 -41.56 -14.17
N SER A 131 -16.23 -42.43 -13.98
CA SER A 131 -16.78 -42.70 -12.66
C SER A 131 -17.36 -44.10 -12.62
N SER A 132 -17.19 -44.76 -11.47
CA SER A 132 -17.84 -46.04 -11.22
C SER A 132 -19.33 -45.90 -10.99
N ALA A 133 -19.81 -44.69 -10.72
CA ALA A 133 -21.22 -44.48 -10.42
C ALA A 133 -22.09 -44.84 -11.61
N SER A 134 -23.37 -45.12 -11.32
CA SER A 134 -24.36 -45.42 -12.34
C SER A 134 -25.42 -44.33 -12.34
N THR A 135 -26.16 -44.28 -13.45
CA THR A 135 -27.19 -43.25 -13.62
C THR A 135 -28.19 -43.32 -12.48
N LYS A 136 -28.32 -42.23 -11.73
CA LYS A 136 -29.26 -42.17 -10.61
C LYS A 136 -29.98 -40.82 -10.65
N GLY A 137 -31.29 -40.87 -10.43
CA GLY A 137 -32.10 -39.68 -10.36
C GLY A 137 -31.86 -38.89 -9.09
N PRO A 138 -32.07 -37.58 -9.15
CA PRO A 138 -31.86 -36.73 -7.97
C PRO A 138 -33.02 -36.79 -6.98
N SER A 139 -32.67 -36.58 -5.71
CA SER A 139 -33.65 -36.36 -4.65
C SER A 139 -33.78 -34.85 -4.45
N VAL A 140 -35.01 -34.34 -4.52
CA VAL A 140 -35.28 -32.91 -4.46
C VAL A 140 -35.85 -32.57 -3.09
N PHE A 141 -35.11 -31.79 -2.31
CA PHE A 141 -35.53 -31.38 -0.98
C PHE A 141 -35.73 -29.87 -0.90
N PRO A 142 -36.79 -29.41 -0.26
CA PRO A 142 -37.05 -27.97 -0.17
C PRO A 142 -36.15 -27.30 0.85
N LEU A 143 -35.83 -26.04 0.57
CA LEU A 143 -35.17 -25.16 1.53
C LEU A 143 -36.23 -24.14 1.94
N ALA A 144 -36.92 -24.42 3.04
CA ALA A 144 -38.10 -23.65 3.40
C ALA A 144 -37.70 -22.27 3.92
N PRO A 145 -38.47 -21.22 3.58
CA PRO A 145 -38.20 -19.88 4.12
C PRO A 145 -38.61 -19.73 5.58
N SER A 146 -37.65 -19.52 6.47
CA SER A 146 -37.99 -19.30 7.87
C SER A 146 -37.96 -17.82 8.20
N SER A 147 -37.98 -17.51 9.50
CA SER A 147 -37.95 -16.14 9.98
C SER A 147 -36.59 -15.49 9.75
N SER A 151 -35.60 -11.36 6.30
CA SER A 151 -34.55 -10.38 6.58
C SER A 151 -34.71 -9.12 5.72
N GLY A 152 -35.10 -8.02 6.35
CA GLY A 152 -35.29 -6.77 5.62
C GLY A 152 -36.41 -6.83 4.61
N GLY A 153 -37.49 -7.55 4.93
CA GLY A 153 -38.59 -7.75 4.03
C GLY A 153 -38.36 -8.78 2.95
N THR A 154 -37.20 -9.41 2.89
CA THR A 154 -36.89 -10.41 1.89
C THR A 154 -36.49 -11.72 2.57
N ALA A 155 -37.04 -12.82 2.06
CA ALA A 155 -36.77 -14.15 2.58
C ALA A 155 -36.12 -15.00 1.49
N ALA A 156 -35.27 -15.93 1.91
CA ALA A 156 -34.56 -16.82 1.00
C ALA A 156 -35.17 -18.22 1.08
N LEU A 157 -35.40 -18.83 -0.07
CA LEU A 157 -35.89 -20.19 -0.16
C LEU A 157 -35.24 -20.86 -1.36
N GLY A 158 -35.23 -22.19 -1.35
CA GLY A 158 -34.60 -22.88 -2.45
C GLY A 158 -34.88 -24.36 -2.45
N CYS A 159 -34.13 -25.08 -3.28
CA CYS A 159 -34.23 -26.52 -3.42
C CYS A 159 -32.84 -27.15 -3.40
N LEU A 160 -32.74 -28.32 -2.77
CA LEU A 160 -31.52 -29.10 -2.69
C LEU A 160 -31.66 -30.31 -3.60
N VAL A 161 -30.97 -30.28 -4.73
CA VAL A 161 -30.98 -31.38 -5.69
C VAL A 161 -29.79 -32.27 -5.38
N LYS A 162 -30.03 -33.44 -4.80
CA LYS A 162 -28.96 -34.23 -4.20
C LYS A 162 -28.93 -35.65 -4.73
N ASP A 163 -27.70 -36.19 -4.81
CA ASP A 163 -27.43 -37.59 -5.15
C ASP A 163 -27.93 -37.96 -6.55
N TYR A 164 -27.47 -37.21 -7.55
CA TYR A 164 -27.75 -37.51 -8.95
C TYR A 164 -26.46 -37.71 -9.73
N PHE A 165 -26.48 -38.68 -10.65
CA PHE A 165 -25.41 -38.93 -11.59
C PHE A 165 -26.00 -39.29 -12.94
N PRO A 166 -25.41 -38.79 -14.05
CA PRO A 166 -24.37 -37.78 -14.07
C PRO A 166 -24.94 -36.38 -14.30
N GLU A 167 -24.05 -35.42 -14.59
CA GLU A 167 -24.49 -34.10 -14.97
C GLU A 167 -25.16 -34.16 -16.34
N PRO A 168 -26.07 -33.20 -16.65
CA PRO A 168 -26.46 -32.09 -15.80
C PRO A 168 -27.90 -32.20 -15.29
N VAL A 169 -28.32 -31.20 -14.51
CA VAL A 169 -29.71 -31.03 -14.11
C VAL A 169 -30.11 -29.60 -14.45
N THR A 170 -31.38 -29.43 -14.78
CA THR A 170 -31.94 -28.12 -15.07
C THR A 170 -32.96 -27.77 -13.99
N VAL A 171 -32.81 -26.59 -13.40
CA VAL A 171 -33.69 -26.13 -12.33
C VAL A 171 -34.35 -24.82 -12.76
N SER A 172 -35.67 -24.80 -12.72
CA SER A 172 -36.44 -23.59 -12.99
C SER A 172 -37.42 -23.38 -11.85
N TRP A 173 -37.84 -22.15 -11.67
CA TRP A 173 -38.76 -21.78 -10.59
C TRP A 173 -40.07 -21.29 -11.17
N ASN A 174 -41.18 -21.88 -10.71
CA ASN A 174 -42.52 -21.56 -11.17
C ASN A 174 -42.62 -21.71 -12.69
N SER A 175 -42.02 -22.78 -13.21
CA SER A 175 -42.03 -23.07 -14.65
C SER A 175 -41.48 -21.89 -15.45
N GLY A 176 -40.41 -21.28 -14.95
CA GLY A 176 -39.79 -20.16 -15.63
C GLY A 176 -40.43 -18.83 -15.35
N ALA A 177 -41.53 -18.78 -14.60
CA ALA A 177 -42.16 -17.50 -14.30
C ALA A 177 -41.33 -16.70 -13.29
N LEU A 178 -40.60 -17.39 -12.42
CA LEU A 178 -39.76 -16.73 -11.42
C LEU A 178 -38.30 -16.85 -11.86
N THR A 179 -37.69 -15.71 -12.19
CA THR A 179 -36.28 -15.68 -12.58
C THR A 179 -35.45 -14.66 -11.81
N SER A 180 -36.06 -13.63 -11.23
CA SER A 180 -35.29 -12.63 -10.50
C SER A 180 -34.93 -13.17 -9.13
N GLY A 181 -33.69 -12.94 -8.72
CA GLY A 181 -33.21 -13.44 -7.45
C GLY A 181 -32.87 -14.91 -7.42
N VAL A 182 -33.07 -15.63 -8.53
CA VAL A 182 -32.78 -17.06 -8.58
C VAL A 182 -31.27 -17.25 -8.73
N HIS A 183 -30.69 -18.11 -7.89
CA HIS A 183 -29.29 -18.50 -7.98
C HIS A 183 -29.22 -20.03 -7.99
N THR A 184 -28.86 -20.62 -9.13
CA THR A 184 -28.59 -22.05 -9.24
C THR A 184 -27.09 -22.27 -9.23
N PHE A 185 -26.58 -22.87 -8.17
CA PHE A 185 -25.15 -22.97 -7.96
C PHE A 185 -24.56 -24.13 -8.76
N PRO A 186 -23.26 -24.08 -9.04
CA PRO A 186 -22.61 -25.24 -9.65
C PRO A 186 -22.68 -26.45 -8.74
N ALA A 187 -22.89 -27.61 -9.34
CA ALA A 187 -22.93 -28.84 -8.58
C ALA A 187 -21.54 -29.16 -8.00
N VAL A 188 -21.54 -29.97 -6.95
CA VAL A 188 -20.32 -30.48 -6.35
C VAL A 188 -20.34 -32.00 -6.42
N LEU A 189 -19.16 -32.59 -6.54
CA LEU A 189 -19.03 -34.04 -6.59
C LEU A 189 -18.70 -34.54 -5.19
N GLN A 190 -19.61 -35.31 -4.61
CA GLN A 190 -19.44 -35.83 -3.27
C GLN A 190 -18.53 -37.05 -3.28
N SER A 191 -18.08 -37.45 -2.08
CA SER A 191 -17.27 -38.65 -1.94
C SER A 191 -18.04 -39.89 -2.37
N SER A 192 -19.37 -39.84 -2.35
CA SER A 192 -20.19 -40.95 -2.82
C SER A 192 -20.07 -41.17 -4.32
N GLY A 193 -19.59 -40.17 -5.06
CA GLY A 193 -19.60 -40.24 -6.50
C GLY A 193 -20.82 -39.65 -7.15
N LEU A 194 -21.73 -39.07 -6.37
CA LEU A 194 -22.93 -38.45 -6.87
C LEU A 194 -22.82 -36.94 -6.72
N TYR A 195 -23.48 -36.22 -7.63
CA TYR A 195 -23.47 -34.78 -7.63
C TYR A 195 -24.57 -34.23 -6.72
N SER A 196 -24.34 -33.03 -6.21
CA SER A 196 -25.33 -32.34 -5.38
C SER A 196 -25.37 -30.88 -5.80
N LEU A 197 -26.57 -30.38 -6.02
CA LEU A 197 -26.79 -29.03 -6.53
C LEU A 197 -27.79 -28.31 -5.64
N SER A 198 -27.60 -27.00 -5.53
CA SER A 198 -28.49 -26.13 -4.78
C SER A 198 -29.04 -25.04 -5.69
N SER A 199 -30.30 -24.69 -5.49
CA SER A 199 -30.94 -23.59 -6.20
C SER A 199 -31.74 -22.77 -5.21
N VAL A 200 -31.42 -21.47 -5.08
CA VAL A 200 -32.08 -20.60 -4.12
C VAL A 200 -32.68 -19.42 -4.86
N VAL A 201 -33.67 -18.79 -4.24
CA VAL A 201 -34.28 -17.57 -4.74
C VAL A 201 -34.65 -16.69 -3.56
N THR A 202 -34.43 -15.38 -3.68
CA THR A 202 -34.86 -14.41 -2.69
C THR A 202 -36.17 -13.79 -3.14
N VAL A 203 -37.15 -13.78 -2.25
CA VAL A 203 -38.49 -13.25 -2.56
C VAL A 203 -38.90 -12.31 -1.45
N PRO A 204 -39.85 -11.40 -1.71
CA PRO A 204 -40.39 -10.56 -0.64
C PRO A 204 -41.06 -11.42 0.43
N SER A 205 -40.80 -11.07 1.69
CA SER A 205 -41.40 -11.82 2.79
C SER A 205 -42.92 -11.76 2.77
N SER A 206 -43.47 -10.61 2.36
CA SER A 206 -44.92 -10.46 2.31
C SER A 206 -45.57 -11.43 1.33
N SER A 207 -44.86 -11.78 0.25
CA SER A 207 -45.41 -12.64 -0.78
C SER A 207 -45.56 -14.10 -0.34
N LEU A 208 -44.91 -14.50 0.76
CA LEU A 208 -44.87 -15.90 1.13
C LEU A 208 -46.27 -16.46 1.35
N GLY A 209 -47.15 -15.70 1.98
CA GLY A 209 -48.51 -16.18 2.18
C GLY A 209 -49.30 -16.26 0.89
N THR A 210 -49.10 -15.29 -0.01
CA THR A 210 -49.90 -15.24 -1.23
C THR A 210 -49.35 -16.16 -2.32
N GLN A 211 -48.06 -16.06 -2.61
CA GLN A 211 -47.47 -16.69 -3.79
C GLN A 211 -46.87 -18.04 -3.44
N THR A 212 -47.17 -19.05 -4.26
CA THR A 212 -46.59 -20.38 -4.11
C THR A 212 -45.35 -20.51 -4.98
N TYR A 213 -44.30 -21.12 -4.42
CA TYR A 213 -43.03 -21.27 -5.10
C TYR A 213 -42.72 -22.74 -5.30
N ILE A 214 -42.54 -23.14 -6.57
CA ILE A 214 -42.23 -24.51 -6.94
C ILE A 214 -40.98 -24.50 -7.80
N CYS A 215 -40.02 -25.37 -7.46
CA CYS A 215 -38.82 -25.55 -8.26
C CYS A 215 -39.00 -26.77 -9.15
N ASN A 216 -38.71 -26.62 -10.43
CA ASN A 216 -38.87 -27.68 -11.42
C ASN A 216 -37.48 -28.19 -11.80
N VAL A 217 -37.19 -29.43 -11.44
CA VAL A 217 -35.89 -30.04 -11.65
C VAL A 217 -36.04 -31.15 -12.67
N ASN A 218 -35.30 -31.05 -13.77
N ASN A 218 -35.28 -31.05 -13.76
CA ASN A 218 -35.32 -32.05 -14.82
CA ASN A 218 -35.31 -32.04 -14.83
C ASN A 218 -33.92 -32.65 -14.96
C ASN A 218 -33.92 -32.65 -14.98
N HIS A 219 -33.83 -33.97 -14.84
CA HIS A 219 -32.59 -34.70 -14.99
C HIS A 219 -32.75 -35.61 -16.21
N LYS A 220 -32.23 -35.17 -17.35
CA LYS A 220 -32.42 -35.92 -18.58
C LYS A 220 -31.77 -37.31 -18.57
N PRO A 221 -30.57 -37.52 -18.03
CA PRO A 221 -29.98 -38.88 -18.10
C PRO A 221 -30.82 -39.95 -17.43
N SER A 222 -31.45 -39.67 -16.29
CA SER A 222 -32.32 -40.63 -15.63
C SER A 222 -33.79 -40.43 -15.95
N ASN A 223 -34.12 -39.51 -16.87
CA ASN A 223 -35.50 -39.22 -17.26
C ASN A 223 -36.34 -38.79 -16.06
N THR A 224 -35.70 -38.17 -15.07
CA THR A 224 -36.35 -37.77 -13.83
C THR A 224 -36.81 -36.33 -13.93
N LYS A 225 -38.10 -36.09 -13.71
CA LYS A 225 -38.66 -34.74 -13.64
C LYS A 225 -39.43 -34.61 -12.34
N VAL A 226 -38.94 -33.75 -11.45
CA VAL A 226 -39.53 -33.55 -10.12
C VAL A 226 -39.89 -32.08 -9.98
N ASP A 227 -41.13 -31.81 -9.59
CA ASP A 227 -41.58 -30.47 -9.24
C ASP A 227 -41.87 -30.45 -7.75
N LYS A 228 -41.12 -29.63 -7.01
CA LYS A 228 -41.18 -29.61 -5.55
C LYS A 228 -41.65 -28.24 -5.11
N ARG A 229 -42.77 -28.20 -4.40
CA ARG A 229 -43.28 -26.96 -3.83
C ARG A 229 -42.55 -26.65 -2.52
N VAL A 230 -42.07 -25.42 -2.39
CA VAL A 230 -41.39 -24.96 -1.19
C VAL A 230 -42.39 -24.13 -0.39
N GLU A 231 -42.84 -24.66 0.73
CA GLU A 231 -43.85 -23.99 1.54
C GLU A 231 -43.25 -23.39 2.81
N PRO A 232 -43.71 -22.21 3.23
CA PRO A 232 -43.27 -21.56 4.47
C PRO A 232 -43.66 -22.37 5.72
N ASP B 1 8.95 -31.16 -16.90
CA ASP B 1 9.04 -30.16 -17.95
C ASP B 1 9.22 -28.76 -17.37
N ILE B 2 8.94 -27.75 -18.19
CA ILE B 2 8.98 -26.36 -17.74
C ILE B 2 7.68 -26.05 -17.02
N VAL B 3 7.80 -25.47 -15.82
CA VAL B 3 6.65 -25.10 -15.00
C VAL B 3 6.40 -23.61 -15.18
N MET B 4 5.16 -23.25 -15.51
CA MET B 4 4.76 -21.86 -15.67
C MET B 4 3.88 -21.47 -14.49
N THR B 5 4.18 -20.31 -13.89
CA THR B 5 3.40 -19.74 -12.80
C THR B 5 2.85 -18.38 -13.20
N GLN B 6 1.64 -18.08 -12.73
CA GLN B 6 1.00 -16.79 -12.99
C GLN B 6 0.54 -16.15 -11.69
N SER B 7 0.87 -14.88 -11.52
CA SER B 7 0.41 -14.06 -10.41
C SER B 7 -0.22 -12.79 -10.95
N PRO B 8 -1.35 -12.34 -10.38
CA PRO B 8 -2.05 -13.08 -9.33
C PRO B 8 -2.99 -14.11 -9.93
N SER B 9 -3.58 -14.97 -9.09
CA SER B 9 -4.53 -15.95 -9.61
C SER B 9 -5.86 -15.29 -9.93
N PHE B 10 -6.27 -14.29 -9.17
CA PHE B 10 -7.52 -13.60 -9.35
C PHE B 10 -7.26 -12.10 -9.39
N LEU B 11 -8.01 -11.39 -10.22
CA LEU B 11 -7.80 -9.96 -10.37
C LEU B 11 -9.14 -9.27 -10.58
N SER B 12 -9.32 -8.13 -9.93
CA SER B 12 -10.52 -7.30 -10.08
C SER B 12 -10.14 -5.96 -10.67
N ALA B 13 -10.85 -5.55 -11.70
CA ALA B 13 -10.62 -4.25 -12.32
C ALA B 13 -11.94 -3.73 -12.87
N SER B 14 -12.02 -2.41 -13.00
CA SER B 14 -13.16 -1.78 -13.65
C SER B 14 -12.91 -1.64 -15.15
N VAL B 15 -14.00 -1.45 -15.90
CA VAL B 15 -13.86 -1.09 -17.31
C VAL B 15 -13.14 0.24 -17.40
N GLY B 16 -12.11 0.30 -18.25
CA GLY B 16 -11.30 1.49 -18.36
C GLY B 16 -10.04 1.47 -17.52
N ASP B 17 -9.81 0.40 -16.76
CA ASP B 17 -8.61 0.22 -15.96
C ASP B 17 -7.49 -0.43 -16.78
N ARG B 18 -6.28 -0.26 -16.29
CA ARG B 18 -5.09 -0.88 -16.84
C ARG B 18 -4.76 -2.15 -16.07
N VAL B 19 -4.63 -3.27 -16.79
CA VAL B 19 -4.39 -4.57 -16.18
C VAL B 19 -3.04 -5.09 -16.65
N THR B 20 -2.21 -5.53 -15.70
CA THR B 20 -0.94 -6.17 -15.99
C THR B 20 -0.90 -7.55 -15.33
N ILE B 21 -0.72 -8.59 -16.15
CA ILE B 21 -0.64 -9.98 -15.70
C ILE B 21 0.78 -10.48 -15.87
N THR B 22 1.26 -11.26 -14.90
CA THR B 22 2.63 -11.73 -14.88
C THR B 22 2.67 -13.25 -15.07
N CYS B 23 3.66 -13.70 -15.84
CA CYS B 23 3.94 -15.10 -16.07
C CYS B 23 5.42 -15.34 -15.83
N ARG B 24 5.76 -16.39 -15.11
CA ARG B 24 7.15 -16.74 -14.82
C ARG B 24 7.42 -18.16 -15.27
N ALA B 25 8.59 -18.37 -15.86
CA ALA B 25 9.02 -19.70 -16.32
C ALA B 25 10.09 -20.25 -15.39
N SER B 26 10.00 -21.55 -15.10
CA SER B 26 10.95 -22.17 -14.18
C SER B 26 12.37 -22.15 -14.71
N GLN B 27 12.54 -22.18 -16.03
CA GLN B 27 13.85 -22.03 -16.67
C GLN B 27 13.72 -21.08 -17.85
N GLY B 28 14.87 -20.63 -18.36
CA GLY B 28 14.90 -19.71 -19.47
C GLY B 28 14.26 -20.26 -20.73
N ILE B 29 13.25 -19.55 -21.23
CA ILE B 29 12.57 -19.92 -22.47
C ILE B 29 12.73 -18.86 -23.54
N SER B 30 13.65 -17.93 -23.36
CA SER B 30 13.90 -16.84 -24.33
C SER B 30 12.59 -16.08 -24.49
N ASN B 31 12.09 -15.90 -25.72
CA ASN B 31 10.80 -15.29 -25.97
C ASN B 31 9.77 -16.31 -26.47
N TYR B 32 10.02 -17.60 -26.24
CA TYR B 32 9.11 -18.67 -26.67
C TYR B 32 7.89 -18.73 -25.75
N LEU B 33 7.10 -17.65 -25.79
CA LEU B 33 5.95 -17.57 -24.91
C LEU B 33 4.75 -16.96 -25.63
N ALA B 34 3.57 -17.53 -25.38
CA ALA B 34 2.32 -17.05 -25.94
C ALA B 34 1.33 -16.77 -24.82
N TRP B 35 0.36 -15.92 -25.12
CA TRP B 35 -0.70 -15.52 -24.19
C TRP B 35 -2.06 -15.89 -24.78
N TYR B 36 -2.97 -16.35 -23.91
CA TYR B 36 -4.29 -16.78 -24.37
C TYR B 36 -5.38 -16.18 -23.48
N GLN B 37 -6.57 -16.07 -24.05
CA GLN B 37 -7.78 -15.64 -23.36
C GLN B 37 -8.80 -16.77 -23.47
N GLN B 38 -9.38 -17.15 -22.33
CA GLN B 38 -10.47 -18.13 -22.30
C GLN B 38 -11.66 -17.56 -21.56
N LYS B 39 -12.82 -17.63 -22.18
CA LYS B 39 -14.04 -17.24 -21.53
C LYS B 39 -14.91 -18.48 -21.29
N PRO B 40 -15.68 -18.50 -20.21
CA PRO B 40 -16.44 -19.71 -19.88
C PRO B 40 -17.29 -20.20 -21.05
N GLY B 41 -17.24 -21.50 -21.29
CA GLY B 41 -17.96 -22.09 -22.39
C GLY B 41 -17.28 -21.97 -23.74
N LYS B 42 -16.05 -21.46 -23.79
CA LYS B 42 -15.34 -21.27 -25.05
C LYS B 42 -13.92 -21.81 -24.92
N ALA B 43 -13.33 -22.14 -26.07
CA ALA B 43 -11.95 -22.57 -26.05
C ALA B 43 -11.02 -21.35 -25.98
N PRO B 44 -9.83 -21.51 -25.43
CA PRO B 44 -8.87 -20.40 -25.43
C PRO B 44 -8.48 -19.99 -26.84
N HIS B 45 -8.28 -18.69 -27.04
CA HIS B 45 -7.88 -18.17 -28.33
C HIS B 45 -6.64 -17.31 -28.17
N LEU B 46 -5.72 -17.45 -29.13
CA LEU B 46 -4.39 -16.85 -29.04
C LEU B 46 -4.45 -15.33 -29.15
N LEU B 47 -3.72 -14.66 -28.26
CA LEU B 47 -3.58 -13.21 -28.25
C LEU B 47 -2.20 -12.76 -28.69
N ILE B 48 -1.15 -13.34 -28.11
CA ILE B 48 0.21 -12.91 -28.36
C ILE B 48 1.10 -14.15 -28.47
N TYR B 49 2.04 -14.11 -29.42
CA TYR B 49 3.08 -15.12 -29.53
C TYR B 49 4.44 -14.42 -29.62
N ALA B 50 5.49 -15.20 -29.35
CA ALA B 50 6.85 -14.67 -29.29
C ALA B 50 6.96 -13.54 -28.28
N ALA B 51 6.20 -13.68 -27.17
CA ALA B 51 6.21 -12.77 -26.03
C ALA B 51 5.57 -11.42 -26.32
N SER B 52 5.94 -10.79 -27.43
CA SER B 52 5.51 -9.41 -27.68
C SER B 52 4.71 -9.22 -28.97
N THR B 53 4.51 -10.25 -29.78
CA THR B 53 3.94 -10.08 -31.11
C THR B 53 2.45 -10.39 -31.08
N LEU B 54 1.65 -9.44 -31.54
CA LEU B 54 0.20 -9.58 -31.52
C LEU B 54 -0.25 -10.51 -32.63
N GLN B 55 -1.12 -11.47 -32.30
CA GLN B 55 -1.76 -12.28 -33.31
C GLN B 55 -2.76 -11.46 -34.11
N SER B 56 -2.93 -11.84 -35.38
CA SER B 56 -3.81 -11.09 -36.27
C SER B 56 -5.23 -11.05 -35.73
N GLY B 57 -5.87 -9.90 -35.89
CA GLY B 57 -7.22 -9.66 -35.42
C GLY B 57 -7.35 -9.35 -33.95
N VAL B 58 -6.25 -9.33 -33.20
CA VAL B 58 -6.29 -9.07 -31.76
C VAL B 58 -6.17 -7.57 -31.54
N PRO B 59 -7.03 -6.97 -30.72
CA PRO B 59 -7.02 -5.51 -30.56
C PRO B 59 -5.68 -4.98 -30.06
N SER B 60 -5.40 -3.72 -30.41
CA SER B 60 -4.13 -3.11 -30.05
C SER B 60 -3.98 -2.87 -28.56
N ARG B 61 -5.07 -2.92 -27.78
CA ARG B 61 -4.94 -2.68 -26.34
C ARG B 61 -4.14 -3.78 -25.65
N PHE B 62 -4.13 -4.98 -26.20
CA PHE B 62 -3.31 -6.07 -25.66
C PHE B 62 -1.86 -5.91 -26.10
N SER B 63 -0.94 -6.07 -25.15
CA SER B 63 0.48 -6.04 -25.46
C SER B 63 1.20 -6.99 -24.52
N GLY B 64 2.32 -7.52 -24.97
CA GLY B 64 3.10 -8.45 -24.19
C GLY B 64 4.57 -8.05 -24.16
N SER B 65 5.24 -8.46 -23.09
CA SER B 65 6.65 -8.12 -22.92
C SER B 65 7.35 -9.23 -22.15
N GLY B 66 8.67 -9.19 -22.17
CA GLY B 66 9.53 -10.06 -21.39
C GLY B 66 10.34 -11.02 -22.25
N SER B 67 11.48 -11.43 -21.72
CA SER B 67 12.32 -12.46 -22.33
C SER B 67 13.05 -13.20 -21.22
N GLY B 68 13.30 -14.49 -21.44
CA GLY B 68 13.89 -15.31 -20.39
C GLY B 68 12.87 -15.92 -19.46
N THR B 69 12.94 -15.55 -18.17
CA THR B 69 12.09 -16.11 -17.13
C THR B 69 10.79 -15.36 -16.92
N GLU B 70 10.82 -14.04 -16.96
CA GLU B 70 9.72 -13.20 -16.52
C GLU B 70 8.98 -12.61 -17.72
N PHE B 71 7.66 -12.70 -17.71
CA PHE B 71 6.85 -12.20 -18.82
C PHE B 71 5.64 -11.43 -18.29
N THR B 72 5.15 -10.51 -19.12
CA THR B 72 4.05 -9.65 -18.75
C THR B 72 3.05 -9.50 -19.89
N LEU B 73 1.77 -9.57 -19.55
CA LEU B 73 0.67 -9.27 -20.45
C LEU B 73 -0.03 -8.02 -19.94
N THR B 74 -0.21 -7.05 -20.81
CA THR B 74 -0.80 -5.77 -20.44
C THR B 74 -2.02 -5.49 -21.30
N ILE B 75 -3.14 -5.17 -20.65
CA ILE B 75 -4.31 -4.66 -21.32
C ILE B 75 -4.40 -3.18 -20.95
N SER B 76 -4.18 -2.31 -21.93
CA SER B 76 -4.03 -0.88 -21.61
C SER B 76 -5.28 -0.33 -20.95
N SER B 77 -6.45 -0.60 -21.53
CA SER B 77 -7.72 -0.20 -20.93
C SER B 77 -8.69 -1.33 -21.08
N LEU B 78 -9.12 -1.90 -19.96
CA LEU B 78 -10.03 -3.05 -19.99
C LEU B 78 -11.36 -2.66 -20.60
N GLN B 79 -11.86 -3.50 -21.49
CA GLN B 79 -13.12 -3.29 -22.17
C GLN B 79 -14.11 -4.36 -21.72
N PRO B 80 -15.42 -4.14 -21.88
CA PRO B 80 -16.40 -5.08 -21.31
C PRO B 80 -16.20 -6.52 -21.77
N GLU B 81 -15.73 -6.75 -22.99
CA GLU B 81 -15.48 -8.10 -23.46
C GLU B 81 -14.19 -8.71 -22.92
N ASP B 82 -13.35 -7.92 -22.25
CA ASP B 82 -12.05 -8.39 -21.76
C ASP B 82 -12.12 -9.22 -20.49
N PHE B 83 -13.21 -9.17 -19.73
CA PHE B 83 -13.30 -9.95 -18.51
C PHE B 83 -13.30 -11.44 -18.83
N ALA B 84 -12.27 -12.14 -18.36
CA ALA B 84 -12.00 -13.51 -18.75
C ALA B 84 -10.79 -14.04 -18.00
N THR B 85 -10.35 -15.25 -18.34
CA THR B 85 -9.16 -15.86 -17.78
C THR B 85 -8.03 -15.84 -18.81
N TYR B 86 -6.84 -15.48 -18.36
CA TYR B 86 -5.69 -15.33 -19.25
C TYR B 86 -4.61 -16.32 -18.86
N TYR B 87 -4.13 -17.08 -19.85
CA TYR B 87 -3.11 -18.10 -19.65
C TYR B 87 -1.87 -17.75 -20.46
N CYS B 88 -0.71 -18.03 -19.90
CA CYS B 88 0.52 -17.99 -20.66
C CYS B 88 0.92 -19.41 -21.03
N GLN B 89 1.66 -19.54 -22.14
CA GLN B 89 2.03 -20.83 -22.68
C GLN B 89 3.49 -20.78 -23.10
N GLN B 90 4.32 -21.64 -22.52
CA GLN B 90 5.69 -21.76 -22.96
C GLN B 90 5.75 -22.67 -24.18
N LEU B 91 6.45 -22.22 -25.21
CA LEU B 91 6.62 -22.98 -26.45
C LEU B 91 8.06 -23.40 -26.66
N ASN B 92 8.92 -23.24 -25.65
CA ASN B 92 10.33 -23.54 -25.81
C ASN B 92 10.56 -25.01 -26.15
N SER B 93 9.76 -25.90 -25.57
CA SER B 93 9.92 -27.33 -25.79
C SER B 93 9.01 -27.86 -26.89
N TYR B 94 8.51 -27.00 -27.76
CA TYR B 94 7.59 -27.43 -28.80
C TYR B 94 8.24 -28.56 -29.61
N PRO B 95 7.51 -29.65 -29.92
CA PRO B 95 6.05 -29.83 -29.89
C PRO B 95 5.40 -30.04 -28.53
N LEU B 96 6.14 -29.93 -27.43
CA LEU B 96 5.57 -30.03 -26.10
C LEU B 96 5.35 -28.63 -25.57
N PHE B 97 4.14 -28.34 -25.09
CA PHE B 97 3.88 -27.05 -24.48
C PHE B 97 3.10 -27.24 -23.19
N THR B 98 3.39 -26.37 -22.23
CA THR B 98 2.68 -26.33 -20.95
C THR B 98 2.14 -24.93 -20.70
N PHE B 99 1.02 -24.86 -20.00
CA PHE B 99 0.33 -23.61 -19.72
C PHE B 99 0.56 -23.18 -18.27
N GLY B 100 0.36 -21.88 -18.04
CA GLY B 100 0.34 -21.35 -16.70
C GLY B 100 -1.01 -21.62 -16.07
N PRO B 101 -1.08 -21.52 -14.73
CA PRO B 101 -2.37 -21.79 -14.05
C PRO B 101 -3.45 -20.78 -14.38
N GLY B 102 -3.12 -19.59 -14.85
CA GLY B 102 -4.14 -18.67 -15.28
C GLY B 102 -4.38 -17.53 -14.30
N THR B 103 -4.81 -16.39 -14.84
CA THR B 103 -5.28 -15.26 -14.06
C THR B 103 -6.68 -14.92 -14.50
N LYS B 104 -7.62 -14.88 -13.57
CA LYS B 104 -9.01 -14.58 -13.87
C LYS B 104 -9.31 -13.14 -13.51
N VAL B 105 -9.87 -12.39 -14.46
CA VAL B 105 -10.18 -10.98 -14.27
C VAL B 105 -11.70 -10.83 -14.19
N ASP B 106 -12.18 -10.28 -13.08
CA ASP B 106 -13.59 -10.00 -12.92
C ASP B 106 -13.81 -8.50 -12.72
N ILE B 107 -15.06 -8.08 -12.79
CA ILE B 107 -15.41 -6.66 -12.79
C ILE B 107 -15.34 -6.12 -11.36
N GLU B 108 -14.72 -4.95 -11.21
CA GLU B 108 -14.64 -4.32 -9.89
C GLU B 108 -15.96 -3.66 -9.54
N ARG B 109 -16.22 -3.59 -8.24
CA ARG B 109 -17.49 -3.14 -7.69
C ARG B 109 -17.26 -2.59 -6.30
N THR B 110 -18.20 -1.80 -5.81
CA THR B 110 -18.18 -1.44 -4.41
C THR B 110 -18.43 -2.68 -3.55
N VAL B 111 -17.76 -2.72 -2.39
CA VAL B 111 -17.87 -3.87 -1.51
C VAL B 111 -19.32 -4.04 -1.06
N ALA B 112 -19.82 -5.26 -1.20
CA ALA B 112 -21.18 -5.61 -0.78
C ALA B 112 -21.11 -6.81 0.15
N ALA B 113 -21.63 -6.66 1.36
CA ALA B 113 -21.61 -7.74 2.32
C ALA B 113 -22.62 -8.81 1.94
N PRO B 114 -22.35 -10.08 2.28
CA PRO B 114 -23.32 -11.14 1.99
C PRO B 114 -24.50 -11.11 2.95
N SER B 115 -25.67 -11.44 2.42
CA SER B 115 -26.83 -11.78 3.23
C SER B 115 -26.77 -13.27 3.53
N VAL B 116 -26.72 -13.63 4.81
CA VAL B 116 -26.48 -14.99 5.24
C VAL B 116 -27.79 -15.61 5.70
N PHE B 117 -28.12 -16.79 5.17
CA PHE B 117 -29.30 -17.54 5.53
C PHE B 117 -28.89 -19.00 5.76
N ILE B 118 -29.42 -19.59 6.82
CA ILE B 118 -29.16 -20.99 7.14
C ILE B 118 -30.46 -21.77 6.97
N PHE B 119 -30.36 -22.94 6.32
CA PHE B 119 -31.52 -23.80 6.07
C PHE B 119 -31.31 -25.13 6.76
N PRO B 120 -32.19 -25.51 7.71
CA PRO B 120 -32.05 -26.80 8.38
C PRO B 120 -32.45 -27.94 7.44
N PRO B 121 -32.07 -29.17 7.76
CA PRO B 121 -32.49 -30.30 6.94
C PRO B 121 -34.01 -30.41 6.89
N SER B 122 -34.52 -30.75 5.72
CA SER B 122 -35.95 -30.92 5.55
C SER B 122 -36.42 -32.21 6.22
N ASP B 123 -37.71 -32.26 6.55
CA ASP B 123 -38.27 -33.48 7.11
C ASP B 123 -38.20 -34.63 6.11
N GLU B 124 -38.32 -34.33 4.81
CA GLU B 124 -38.24 -35.36 3.80
C GLU B 124 -36.87 -36.04 3.81
N GLN B 125 -35.80 -35.24 3.86
CA GLN B 125 -34.46 -35.80 3.84
C GLN B 125 -34.16 -36.61 5.11
N LEU B 126 -34.66 -36.14 6.26
CA LEU B 126 -34.33 -36.80 7.53
C LEU B 126 -34.85 -38.23 7.58
N LYS B 127 -36.00 -38.50 6.97
CA LYS B 127 -36.47 -39.88 6.88
C LYS B 127 -35.51 -40.75 6.09
N SER B 128 -34.80 -40.16 5.12
CA SER B 128 -33.86 -40.90 4.30
C SER B 128 -32.59 -41.30 5.04
N GLY B 129 -32.34 -40.77 6.22
CA GLY B 129 -31.19 -41.15 7.02
C GLY B 129 -29.98 -40.24 6.92
N THR B 130 -30.07 -39.12 6.21
CA THR B 130 -28.99 -38.15 6.11
C THR B 130 -29.52 -36.74 6.39
N ALA B 131 -28.64 -35.88 6.91
CA ALA B 131 -28.97 -34.50 7.20
C ALA B 131 -28.03 -33.57 6.45
N SER B 132 -28.62 -32.65 5.67
CA SER B 132 -27.85 -31.65 4.93
C SER B 132 -28.29 -30.26 5.39
N VAL B 133 -27.35 -29.48 5.89
CA VAL B 133 -27.59 -28.10 6.30
C VAL B 133 -26.96 -27.18 5.26
N VAL B 134 -27.76 -26.25 4.74
CA VAL B 134 -27.35 -25.38 3.66
C VAL B 134 -27.22 -23.96 4.21
N CYS B 135 -26.09 -23.31 3.91
CA CYS B 135 -25.85 -21.93 4.27
C CYS B 135 -25.66 -21.11 3.00
N LEU B 136 -26.46 -20.06 2.85
CA LEU B 136 -26.48 -19.23 1.66
C LEU B 136 -25.87 -17.86 1.96
N LEU B 137 -24.86 -17.49 1.17
CA LEU B 137 -24.27 -16.16 1.19
C LEU B 137 -24.68 -15.52 -0.13
N ASN B 138 -25.48 -14.46 -0.07
CA ASN B 138 -26.13 -13.92 -1.26
C ASN B 138 -25.59 -12.53 -1.59
N ASN B 139 -25.19 -12.35 -2.86
CA ASN B 139 -24.88 -11.04 -3.44
C ASN B 139 -23.80 -10.31 -2.64
N PHE B 140 -22.62 -10.91 -2.58
CA PHE B 140 -21.48 -10.30 -1.93
C PHE B 140 -20.40 -9.98 -2.95
N TYR B 141 -19.60 -8.95 -2.64
CA TYR B 141 -18.42 -8.60 -3.41
C TYR B 141 -17.40 -8.01 -2.45
N PRO B 142 -16.12 -8.41 -2.52
CA PRO B 142 -15.54 -9.32 -3.52
C PRO B 142 -15.81 -10.80 -3.25
N ARG B 143 -15.25 -11.68 -4.09
CA ARG B 143 -15.57 -13.10 -4.03
C ARG B 143 -14.97 -13.78 -2.81
N GLU B 144 -13.89 -13.24 -2.25
CA GLU B 144 -13.24 -13.87 -1.11
C GLU B 144 -14.19 -13.96 0.08
N ALA B 145 -14.44 -15.18 0.54
CA ALA B 145 -15.35 -15.41 1.66
C ALA B 145 -14.97 -16.70 2.35
N LYS B 146 -15.12 -16.73 3.67
CA LYS B 146 -14.83 -17.92 4.46
C LYS B 146 -16.10 -18.34 5.18
N VAL B 147 -16.51 -19.58 4.96
CA VAL B 147 -17.62 -20.19 5.68
C VAL B 147 -17.06 -21.26 6.60
N GLN B 148 -17.38 -21.15 7.88
CA GLN B 148 -16.96 -22.12 8.89
C GLN B 148 -18.20 -22.71 9.55
N TRP B 149 -18.33 -24.03 9.48
CA TRP B 149 -19.42 -24.73 10.14
C TRP B 149 -19.03 -25.09 11.57
N LYS B 150 -19.95 -24.85 12.49
CA LYS B 150 -19.76 -25.18 13.90
C LYS B 150 -20.96 -25.97 14.38
N VAL B 151 -20.68 -27.12 14.99
CA VAL B 151 -21.71 -28.00 15.54
C VAL B 151 -21.45 -28.08 17.03
N ASP B 152 -22.36 -27.52 17.83
CA ASP B 152 -22.17 -27.37 19.26
C ASP B 152 -20.82 -26.71 19.57
N ASN B 153 -20.53 -25.64 18.82
CA ASN B 153 -19.33 -24.81 18.90
C ASN B 153 -18.09 -25.50 18.35
N ALA B 154 -18.17 -26.77 17.96
CA ALA B 154 -17.00 -27.48 17.48
C ALA B 154 -16.81 -27.18 16.00
N LEU B 155 -15.61 -26.72 15.63
CA LEU B 155 -15.33 -26.38 14.25
C LEU B 155 -15.33 -27.64 13.40
N GLN B 156 -16.08 -27.59 12.29
CA GLN B 156 -16.21 -28.75 11.41
C GLN B 156 -15.19 -28.64 10.29
N SER B 157 -14.62 -29.78 9.91
CA SER B 157 -13.70 -29.84 8.79
C SER B 157 -13.93 -31.14 8.03
N GLY B 158 -13.95 -31.03 6.70
CA GLY B 158 -14.03 -32.21 5.85
C GLY B 158 -15.42 -32.76 5.60
N ASN B 159 -16.45 -32.23 6.24
CA ASN B 159 -17.81 -32.70 6.01
C ASN B 159 -18.68 -31.64 5.33
N SER B 160 -18.06 -30.63 4.72
CA SER B 160 -18.79 -29.57 4.03
C SER B 160 -18.23 -29.39 2.63
N GLN B 161 -19.09 -28.90 1.73
CA GLN B 161 -18.72 -28.57 0.37
C GLN B 161 -19.44 -27.28 -0.04
N GLU B 162 -18.76 -26.48 -0.86
CA GLU B 162 -19.30 -25.20 -1.29
C GLU B 162 -19.05 -25.02 -2.78
N SER B 163 -19.88 -24.18 -3.40
CA SER B 163 -19.66 -23.73 -4.77
C SER B 163 -20.11 -22.28 -4.90
N VAL B 164 -19.51 -21.56 -5.84
CA VAL B 164 -19.77 -20.14 -6.04
C VAL B 164 -20.31 -19.94 -7.46
N THR B 165 -21.31 -19.06 -7.58
CA THR B 165 -21.82 -18.71 -8.89
C THR B 165 -20.84 -17.77 -9.60
N GLU B 166 -21.01 -17.66 -10.92
CA GLU B 166 -20.28 -16.64 -11.65
C GLU B 166 -20.82 -15.26 -11.31
N GLN B 167 -19.97 -14.25 -11.50
CA GLN B 167 -20.35 -12.87 -11.22
C GLN B 167 -21.63 -12.50 -11.94
N ASP B 168 -22.56 -11.89 -11.20
CA ASP B 168 -23.84 -11.52 -11.78
C ASP B 168 -23.66 -10.45 -12.84
N SER B 169 -24.41 -10.58 -13.94
CA SER B 169 -24.29 -9.61 -15.02
C SER B 169 -24.85 -8.25 -14.64
N LYS B 170 -25.80 -8.21 -13.70
CA LYS B 170 -26.47 -6.97 -13.32
C LYS B 170 -25.72 -6.21 -12.22
N ASP B 171 -25.59 -6.82 -11.03
CA ASP B 171 -24.99 -6.15 -9.88
C ASP B 171 -23.55 -6.56 -9.62
N SER B 172 -22.99 -7.45 -10.45
CA SER B 172 -21.58 -7.86 -10.38
C SER B 172 -21.23 -8.47 -9.02
N THR B 173 -22.15 -9.20 -8.42
CA THR B 173 -21.89 -9.81 -7.13
C THR B 173 -21.79 -11.33 -7.26
N TYR B 174 -21.33 -11.94 -6.20
CA TYR B 174 -21.19 -13.38 -6.11
C TYR B 174 -22.16 -13.92 -5.05
N SER B 175 -22.54 -15.18 -5.22
CA SER B 175 -23.32 -15.88 -4.22
C SER B 175 -22.66 -17.22 -3.95
N LEU B 176 -22.66 -17.63 -2.70
CA LEU B 176 -22.02 -18.86 -2.27
C LEU B 176 -23.04 -19.75 -1.56
N SER B 177 -22.96 -21.04 -1.84
CA SER B 177 -23.80 -22.05 -1.20
C SER B 177 -22.89 -23.10 -0.57
N SER B 178 -23.06 -23.31 0.73
CA SER B 178 -22.29 -24.30 1.48
C SER B 178 -23.25 -25.34 2.06
N THR B 179 -22.87 -26.61 1.96
CA THR B 179 -23.68 -27.73 2.45
C THR B 179 -22.87 -28.53 3.47
N LEU B 180 -23.41 -28.67 4.66
CA LEU B 180 -22.85 -29.53 5.70
C LEU B 180 -23.63 -30.84 5.70
N THR B 181 -22.94 -31.96 5.45
CA THR B 181 -23.55 -33.27 5.34
C THR B 181 -23.21 -34.12 6.56
N LEU B 182 -24.25 -34.57 7.26
CA LEU B 182 -24.08 -35.46 8.42
C LEU B 182 -25.08 -36.61 8.32
N SER B 183 -24.76 -37.70 9.01
CA SER B 183 -25.73 -38.76 9.18
C SER B 183 -26.85 -38.30 10.10
N LYS B 184 -28.03 -38.92 9.95
CA LYS B 184 -29.16 -38.56 10.81
C LYS B 184 -28.83 -38.80 12.27
N ALA B 185 -28.09 -39.87 12.57
CA ALA B 185 -27.68 -40.12 13.95
C ALA B 185 -26.77 -39.02 14.46
N ASP B 186 -25.75 -38.65 13.67
CA ASP B 186 -24.86 -37.57 14.07
C ASP B 186 -25.59 -36.24 14.17
N TYR B 187 -26.57 -36.01 13.28
CA TYR B 187 -27.34 -34.78 13.34
C TYR B 187 -28.17 -34.74 14.62
N GLU B 188 -28.80 -35.86 14.99
CA GLU B 188 -29.62 -35.92 16.19
C GLU B 188 -28.79 -35.94 17.47
N LYS B 189 -27.48 -36.14 17.38
CA LYS B 189 -26.64 -36.16 18.58
C LYS B 189 -26.29 -34.77 19.08
N HIS B 190 -26.42 -33.74 18.25
CA HIS B 190 -26.05 -32.38 18.59
C HIS B 190 -27.25 -31.44 18.42
N LYS B 191 -27.18 -30.28 19.05
CA LYS B 191 -28.30 -29.34 19.08
C LYS B 191 -28.06 -28.09 18.23
N VAL B 192 -26.90 -27.44 18.35
CA VAL B 192 -26.67 -26.13 17.77
C VAL B 192 -25.84 -26.25 16.51
N TYR B 193 -26.37 -25.73 15.40
CA TYR B 193 -25.70 -25.75 14.11
C TYR B 193 -25.54 -24.32 13.63
N ALA B 194 -24.30 -23.91 13.39
CA ALA B 194 -23.97 -22.54 13.10
C ALA B 194 -23.15 -22.44 11.81
N CYS B 195 -23.35 -21.35 11.09
CA CYS B 195 -22.62 -21.04 9.88
C CYS B 195 -21.96 -19.68 10.10
N GLU B 196 -20.64 -19.67 10.18
CA GLU B 196 -19.88 -18.46 10.44
C GLU B 196 -19.30 -17.93 9.13
N VAL B 197 -19.61 -16.67 8.83
CA VAL B 197 -19.25 -16.06 7.56
C VAL B 197 -18.23 -14.94 7.82
N THR B 198 -17.09 -15.03 7.15
CA THR B 198 -16.05 -13.99 7.20
C THR B 198 -15.97 -13.33 5.83
N HIS B 199 -16.19 -12.02 5.80
CA HIS B 199 -16.16 -11.26 4.56
C HIS B 199 -15.70 -9.84 4.85
N GLN B 200 -15.13 -9.18 3.84
CA GLN B 200 -14.63 -7.82 4.03
C GLN B 200 -15.74 -6.84 4.34
N GLY B 201 -16.92 -7.03 3.75
CA GLY B 201 -18.06 -6.16 4.01
C GLY B 201 -18.56 -6.23 5.44
N LEU B 202 -18.21 -7.28 6.18
CA LEU B 202 -18.63 -7.43 7.56
C LEU B 202 -17.54 -6.93 8.51
N SER B 203 -17.92 -6.02 9.41
CA SER B 203 -16.97 -5.52 10.40
C SER B 203 -16.52 -6.65 11.34
N SER B 204 -17.43 -7.55 11.68
CA SER B 204 -17.12 -8.77 12.41
C SER B 204 -17.78 -9.94 11.70
N PRO B 205 -17.22 -11.14 11.83
CA PRO B 205 -17.85 -12.30 11.19
C PRO B 205 -19.27 -12.47 11.68
N VAL B 206 -20.16 -12.87 10.78
CA VAL B 206 -21.57 -13.03 11.08
C VAL B 206 -21.88 -14.51 11.18
N THR B 207 -22.57 -14.89 12.25
CA THR B 207 -22.96 -16.28 12.49
C THR B 207 -24.47 -16.37 12.46
N LYS B 208 -24.98 -17.32 11.69
CA LYS B 208 -26.41 -17.66 11.67
C LYS B 208 -26.56 -19.10 12.16
N SER B 209 -27.48 -19.30 13.10
CA SER B 209 -27.59 -20.60 13.75
C SER B 209 -29.04 -20.94 14.01
N PHE B 210 -29.27 -22.23 14.23
CA PHE B 210 -30.58 -22.74 14.63
C PHE B 210 -30.37 -23.87 15.63
N ASN B 211 -31.36 -24.06 16.48
CA ASN B 211 -31.42 -25.23 17.34
C ASN B 211 -32.17 -26.34 16.61
N ARG B 212 -31.62 -27.55 16.65
CA ARG B 212 -32.25 -28.67 15.96
C ARG B 212 -33.65 -28.90 16.50
N GLY B 213 -34.64 -28.84 15.61
CA GLY B 213 -36.02 -29.10 16.00
C GLY B 213 -36.83 -27.88 16.38
N GLU B 214 -36.35 -26.68 16.05
CA GLU B 214 -37.05 -25.46 16.41
C GLU B 214 -37.39 -24.63 15.18
N PRO C 2 10.23 -38.59 -48.58
CA PRO C 2 10.70 -38.06 -47.29
C PRO C 2 10.83 -36.54 -47.30
N SER C 3 9.73 -35.84 -46.99
CA SER C 3 9.69 -34.40 -47.07
C SER C 3 10.56 -33.78 -45.97
N LYS C 4 10.87 -32.48 -46.15
CA LYS C 4 11.61 -31.75 -45.14
C LYS C 4 10.81 -31.64 -43.85
N ARG C 5 9.50 -31.43 -43.98
CA ARG C 5 8.63 -31.36 -42.81
C ARG C 5 8.69 -32.66 -42.00
N SER C 6 8.85 -33.80 -42.68
CA SER C 6 8.90 -35.07 -41.98
C SER C 6 10.13 -35.18 -41.08
N PHE C 7 11.31 -34.83 -41.61
CA PHE C 7 12.52 -34.91 -40.81
C PHE C 7 12.58 -33.85 -39.72
N ILE C 8 12.13 -32.63 -40.01
CA ILE C 8 12.13 -31.59 -38.99
C ILE C 8 11.27 -32.02 -37.81
N GLU C 9 10.17 -32.72 -38.08
CA GLU C 9 9.36 -33.27 -37.00
C GLU C 9 10.14 -34.34 -36.24
N ASP C 10 10.94 -35.14 -36.95
CA ASP C 10 11.80 -36.11 -36.27
C ASP C 10 12.79 -35.41 -35.34
N LEU C 11 13.37 -34.30 -35.80
CA LEU C 11 14.33 -33.58 -34.99
C LEU C 11 13.68 -32.93 -33.77
N LEU C 12 12.51 -32.34 -33.94
CA LEU C 12 11.86 -31.64 -32.84
C LEU C 12 11.31 -32.62 -31.80
N PHE C 13 10.70 -33.73 -32.25
CA PHE C 13 10.08 -34.68 -31.32
C PHE C 13 11.11 -35.49 -30.53
N ASN C 14 12.31 -35.70 -31.07
CA ASN C 14 13.33 -36.49 -30.40
C ASN C 14 14.51 -35.65 -29.93
N LYS C 15 14.36 -34.33 -29.95
CA LYS C 15 15.42 -33.41 -29.55
C LYS C 15 15.83 -33.57 -28.08
N GLN D 1 23.52 35.17 -9.94
CA GLN D 1 23.14 34.59 -8.65
C GLN D 1 23.31 33.09 -8.64
N VAL D 2 24.29 32.60 -7.88
CA VAL D 2 24.55 31.16 -7.74
C VAL D 2 23.79 30.67 -6.51
N GLN D 3 22.90 29.71 -6.70
CA GLN D 3 22.00 29.30 -5.63
C GLN D 3 21.51 27.88 -5.90
N LEU D 4 21.09 27.22 -4.81
CA LEU D 4 20.39 25.94 -4.87
C LEU D 4 19.00 26.14 -4.31
N VAL D 5 17.98 25.83 -5.10
CA VAL D 5 16.58 26.07 -4.73
C VAL D 5 15.90 24.71 -4.54
N GLN D 6 15.36 24.49 -3.34
CA GLN D 6 14.72 23.22 -3.00
C GLN D 6 13.20 23.35 -3.10
N SER D 7 12.57 22.25 -3.50
CA SER D 7 11.12 22.17 -3.58
C SER D 7 10.66 20.85 -2.99
N GLY D 8 9.38 20.79 -2.63
CA GLY D 8 8.81 19.58 -2.08
C GLY D 8 8.83 19.57 -0.57
N GLY D 9 8.59 18.37 -0.03
CA GLY D 9 8.53 18.19 1.41
C GLY D 9 7.12 18.36 1.95
N GLY D 10 7.01 18.17 3.25
CA GLY D 10 5.75 18.31 3.96
C GLY D 10 5.62 17.25 5.03
N VAL D 11 4.37 16.98 5.42
CA VAL D 11 4.05 16.05 6.49
C VAL D 11 3.47 14.78 5.88
N VAL D 12 4.04 13.64 6.24
CA VAL D 12 3.64 12.35 5.68
C VAL D 12 3.48 11.32 6.80
N GLN D 13 2.66 10.30 6.55
CA GLN D 13 2.51 9.18 7.46
C GLN D 13 3.65 8.18 7.25
N PRO D 14 3.97 7.38 8.27
CA PRO D 14 5.03 6.38 8.13
C PRO D 14 4.71 5.35 7.04
N GLY D 15 5.74 5.00 6.27
CA GLY D 15 5.61 4.04 5.21
C GLY D 15 5.24 4.60 3.85
N GLU D 16 4.85 5.88 3.78
CA GLU D 16 4.51 6.48 2.50
C GLU D 16 5.79 7.04 1.85
N SER D 17 5.63 7.83 0.79
CA SER D 17 6.75 8.24 -0.02
C SER D 17 6.68 9.73 -0.32
N LEU D 18 7.83 10.39 -0.29
CA LEU D 18 7.96 11.79 -0.65
C LEU D 18 9.22 11.98 -1.49
N ARG D 19 9.16 12.91 -2.43
CA ARG D 19 10.26 13.20 -3.34
C ARG D 19 10.72 14.63 -3.14
N LEU D 20 12.03 14.84 -3.06
CA LEU D 20 12.63 16.15 -2.88
C LEU D 20 13.33 16.60 -4.16
N SER D 21 13.26 17.90 -4.43
CA SER D 21 13.90 18.49 -5.59
C SER D 21 14.88 19.57 -5.15
N CYS D 22 16.03 19.63 -5.82
CA CYS D 22 17.06 20.63 -5.58
C CYS D 22 17.53 21.14 -6.94
N SER D 23 17.20 22.39 -7.25
CA SER D 23 17.50 22.99 -8.54
C SER D 23 18.65 23.97 -8.40
N GLY D 24 19.66 23.83 -9.27
CA GLY D 24 20.85 24.65 -9.22
C GLY D 24 20.84 25.68 -10.33
N SER D 25 21.51 26.80 -10.07
CA SER D 25 21.72 27.83 -11.08
C SER D 25 23.01 28.56 -10.77
N GLY D 26 23.70 28.99 -11.83
CA GLY D 26 24.92 29.76 -11.68
C GLY D 26 26.19 28.95 -11.59
N PHE D 27 26.11 27.62 -11.66
CA PHE D 27 27.30 26.79 -11.69
C PHE D 27 27.05 25.60 -12.61
N THR D 28 28.13 24.98 -13.07
CA THR D 28 28.05 23.88 -14.03
C THR D 28 27.67 22.60 -13.30
N PHE D 29 26.35 22.29 -13.30
CA PHE D 29 25.83 21.18 -12.52
C PHE D 29 26.49 19.86 -12.90
N ASN D 30 26.91 19.71 -14.16
CA ASN D 30 27.48 18.47 -14.64
C ASN D 30 28.86 18.17 -14.08
N ASN D 31 29.53 19.14 -13.44
CA ASN D 31 30.89 18.93 -12.99
C ASN D 31 31.01 18.44 -11.55
N TYR D 32 30.02 18.68 -10.70
CA TYR D 32 30.16 18.48 -9.26
C TYR D 32 29.33 17.30 -8.76
N ILE D 33 29.89 16.59 -7.79
CA ILE D 33 29.11 15.65 -6.98
C ILE D 33 28.09 16.43 -6.17
N MET D 34 26.90 15.86 -6.02
CA MET D 34 25.82 16.50 -5.27
C MET D 34 25.43 15.62 -4.10
N HIS D 35 25.06 16.26 -2.99
CA HIS D 35 24.80 15.55 -1.74
C HIS D 35 23.46 16.00 -1.16
N TRP D 36 22.90 15.12 -0.32
CA TRP D 36 21.76 15.44 0.53
C TRP D 36 22.18 15.28 1.97
N VAL D 37 21.91 16.29 2.79
CA VAL D 37 22.21 16.28 4.21
C VAL D 37 20.92 16.62 4.97
N ARG D 38 20.69 15.95 6.10
CA ARG D 38 19.52 16.20 6.91
C ARG D 38 19.93 16.55 8.34
N GLN D 39 19.16 17.45 8.96
CA GLN D 39 19.41 17.89 10.33
C GLN D 39 18.13 17.72 11.13
N ALA D 40 18.11 16.76 12.05
CA ALA D 40 16.97 16.59 12.93
C ALA D 40 16.89 17.76 13.91
N PRO D 41 15.68 18.08 14.41
CA PRO D 41 15.53 19.24 15.31
C PRO D 41 16.45 19.19 16.52
N GLY D 42 17.24 20.25 16.71
CA GLY D 42 18.18 20.33 17.80
C GLY D 42 19.38 19.42 17.69
N GLN D 43 19.64 18.84 16.53
CA GLN D 43 20.70 17.86 16.33
C GLN D 43 21.74 18.39 15.36
N GLY D 44 22.76 17.56 15.12
CA GLY D 44 23.79 17.86 14.17
C GLY D 44 23.39 17.48 12.75
N LEU D 45 24.34 17.64 11.83
CA LEU D 45 24.15 17.32 10.43
C LEU D 45 24.49 15.85 10.16
N ASP D 46 23.60 15.16 9.45
CA ASP D 46 23.72 13.73 9.22
C ASP D 46 23.76 13.45 7.72
N TYR D 47 24.68 12.58 7.30
CA TYR D 47 24.86 12.29 5.88
C TYR D 47 23.72 11.43 5.37
N VAL D 48 23.12 11.84 4.26
CA VAL D 48 22.02 11.07 3.68
C VAL D 48 22.49 10.35 2.43
N SER D 49 22.84 11.11 1.40
CA SER D 49 23.17 10.49 0.12
C SER D 49 24.04 11.42 -0.72
N GLY D 50 24.76 10.81 -1.66
CA GLY D 50 25.56 11.55 -2.61
C GLY D 50 25.51 10.86 -3.96
N ILE D 51 25.63 11.65 -5.01
CA ILE D 51 25.53 11.16 -6.39
C ILE D 51 26.69 11.69 -7.22
N GLY D 52 27.26 10.83 -8.06
CA GLY D 52 28.28 11.26 -8.98
C GLY D 52 27.75 12.18 -10.06
N SER D 53 28.68 12.86 -10.74
CA SER D 53 28.30 13.85 -11.75
C SER D 53 27.49 13.21 -12.87
N ASP D 54 27.92 12.06 -13.38
CA ASP D 54 27.18 11.37 -14.42
C ASP D 54 25.92 10.67 -13.89
N GLY D 55 25.85 10.42 -12.59
CA GLY D 55 24.72 9.74 -11.99
C GLY D 55 24.89 8.25 -11.79
N ARG D 56 25.99 7.67 -12.30
CA ARG D 56 26.19 6.24 -12.19
C ARG D 56 26.57 5.82 -10.76
N ASN D 57 27.20 6.70 -10.01
CA ASN D 57 27.70 6.36 -8.67
C ASN D 57 26.86 7.03 -7.60
N THR D 58 26.45 6.26 -6.60
CA THR D 58 25.67 6.76 -5.48
C THR D 58 26.19 6.13 -4.19
N ASN D 59 26.16 6.90 -3.12
CA ASN D 59 26.40 6.36 -1.78
C ASN D 59 25.32 6.90 -0.86
N TYR D 60 25.09 6.16 0.24
CA TYR D 60 24.00 6.49 1.14
C TYR D 60 24.46 6.27 2.58
N GLY D 61 23.84 7.00 3.51
CA GLY D 61 23.96 6.66 4.91
C GLY D 61 23.25 5.35 5.22
N ASP D 62 23.77 4.60 6.20
CA ASP D 62 23.24 3.28 6.49
C ASP D 62 21.76 3.32 6.85
N SER D 63 21.32 4.37 7.52
CA SER D 63 19.93 4.48 7.98
C SER D 63 18.93 4.57 6.83
N VAL D 64 19.36 5.02 5.65
CA VAL D 64 18.46 5.22 4.53
C VAL D 64 18.65 4.19 3.42
N LYS D 65 19.57 3.24 3.59
CA LYS D 65 19.87 2.30 2.51
C LYS D 65 18.66 1.42 2.22
N GLY D 66 18.41 1.22 0.92
CA GLY D 66 17.27 0.42 0.49
C GLY D 66 15.96 1.19 0.46
N ARG D 67 15.86 2.25 1.24
CA ARG D 67 14.64 3.05 1.31
C ARG D 67 14.73 4.36 0.55
N PHE D 68 15.93 4.93 0.42
CA PHE D 68 16.13 6.21 -0.23
C PHE D 68 16.89 6.02 -1.53
N THR D 69 16.54 6.81 -2.54
CA THR D 69 17.21 6.78 -3.83
C THR D 69 17.50 8.20 -4.29
N ILE D 70 18.76 8.47 -4.60
CA ILE D 70 19.19 9.77 -5.10
C ILE D 70 19.29 9.71 -6.62
N SER D 71 18.85 10.78 -7.27
CA SER D 71 18.92 10.87 -8.73
C SER D 71 19.12 12.33 -9.12
N ARG D 72 19.70 12.54 -10.30
CA ARG D 72 19.93 13.87 -10.82
C ARG D 72 19.57 13.88 -12.31
N ASP D 73 19.04 15.00 -12.77
CA ASP D 73 18.78 15.23 -14.19
C ASP D 73 19.58 16.45 -14.62
N ASN D 74 20.69 16.22 -15.32
CA ASN D 74 21.56 17.31 -15.73
C ASN D 74 20.89 18.22 -16.76
N SER D 75 19.96 17.68 -17.55
CA SER D 75 19.26 18.50 -18.53
C SER D 75 18.49 19.63 -17.86
N LYS D 76 17.98 19.41 -16.64
CA LYS D 76 17.24 20.43 -15.91
C LYS D 76 18.01 20.98 -14.73
N ASP D 77 19.27 20.58 -14.55
CA ASP D 77 20.13 21.05 -13.47
C ASP D 77 19.46 20.86 -12.10
N THR D 78 18.82 19.71 -11.93
CA THR D 78 18.03 19.43 -10.73
C THR D 78 18.50 18.13 -10.10
N LEU D 79 18.63 18.16 -8.78
CA LEU D 79 18.98 17.00 -7.98
C LEU D 79 17.73 16.50 -7.26
N TYR D 80 17.57 15.19 -7.19
CA TYR D 80 16.37 14.58 -6.60
C TYR D 80 16.74 13.61 -5.49
N LEU D 81 15.91 13.58 -4.46
CA LEU D 81 15.96 12.57 -3.41
C LEU D 81 14.60 11.91 -3.32
N GLN D 82 14.56 10.60 -3.54
CA GLN D 82 13.33 9.83 -3.48
C GLN D 82 13.31 9.04 -2.19
N MET D 83 12.34 9.32 -1.33
CA MET D 83 12.23 8.70 -0.02
C MET D 83 11.03 7.76 -0.02
N THR D 84 11.27 6.50 0.29
CA THR D 84 10.23 5.49 0.38
C THR D 84 10.36 4.79 1.74
N SER D 85 9.27 4.15 2.16
CA SER D 85 9.22 3.48 3.46
C SER D 85 9.63 4.43 4.59
N LEU D 86 9.10 5.65 4.54
CA LEU D 86 9.50 6.70 5.46
C LEU D 86 9.19 6.32 6.91
N ARG D 87 10.10 6.70 7.81
CA ARG D 87 9.96 6.41 9.23
C ARG D 87 9.97 7.71 10.03
N ALA D 88 9.55 7.62 11.29
CA ALA D 88 9.58 8.80 12.16
C ALA D 88 10.99 9.34 12.30
N GLU D 89 12.00 8.46 12.39
CA GLU D 89 13.39 8.90 12.52
C GLU D 89 13.83 9.74 11.34
N ASP D 90 13.19 9.59 10.18
CA ASP D 90 13.52 10.38 9.00
C ASP D 90 13.05 11.82 9.11
N THR D 91 12.33 12.18 10.17
CA THR D 91 11.91 13.56 10.39
C THR D 91 13.13 14.46 10.58
N ALA D 92 13.31 15.42 9.68
CA ALA D 92 14.48 16.30 9.73
C ALA D 92 14.29 17.45 8.75
N PHE D 93 15.20 18.41 8.84
CA PHE D 93 15.32 19.47 7.84
C PHE D 93 16.38 19.06 6.83
N TYR D 94 15.98 18.89 5.56
CA TYR D 94 16.84 18.31 4.54
C TYR D 94 17.51 19.40 3.71
N TYR D 95 18.83 19.30 3.58
CA TYR D 95 19.64 20.23 2.79
C TYR D 95 20.26 19.49 1.61
N CYS D 96 20.32 20.16 0.46
CA CYS D 96 21.18 19.72 -0.63
C CYS D 96 22.39 20.63 -0.67
N VAL D 97 23.57 20.03 -0.83
CA VAL D 97 24.83 20.77 -0.80
C VAL D 97 25.62 20.41 -2.05
N LYS D 98 26.18 21.43 -2.70
CA LYS D 98 27.11 21.22 -3.80
C LYS D 98 28.42 20.62 -3.29
N GLY D 99 28.87 19.55 -3.93
CA GLY D 99 30.08 18.86 -3.54
C GLY D 99 31.26 19.23 -4.40
N LEU D 100 32.22 18.32 -4.45
CA LEU D 100 33.50 18.55 -5.11
C LEU D 100 33.49 18.06 -6.55
N ASP D 101 34.12 18.83 -7.44
CA ASP D 101 34.53 18.28 -8.73
C ASP D 101 35.73 17.36 -8.50
N VAL D 102 35.58 16.08 -8.83
CA VAL D 102 36.62 15.11 -8.48
C VAL D 102 37.96 15.44 -9.12
N LEU D 103 37.96 16.19 -10.22
CA LEU D 103 39.23 16.60 -10.81
C LEU D 103 40.01 17.55 -9.92
N ARG D 104 39.39 18.11 -8.89
CA ARG D 104 40.06 18.98 -7.94
C ARG D 104 40.21 18.30 -6.58
N PHE D 105 40.28 16.96 -6.58
CA PHE D 105 40.35 16.19 -5.34
C PHE D 105 41.54 16.59 -4.47
N LEU D 106 42.62 17.06 -5.10
CA LEU D 106 43.80 17.47 -4.35
C LEU D 106 43.50 18.65 -3.41
N ASP D 107 42.51 19.47 -3.75
CA ASP D 107 42.20 20.64 -2.93
C ASP D 107 41.79 20.27 -1.51
N LEU D 108 41.25 19.06 -1.31
CA LEU D 108 40.86 18.66 0.04
C LEU D 108 42.07 18.57 0.97
N SER D 109 43.21 18.12 0.46
CA SER D 109 44.40 18.01 1.28
C SER D 109 45.50 18.99 0.93
N THR D 110 45.54 19.48 -0.31
CA THR D 110 46.61 20.38 -0.76
C THR D 110 45.98 21.49 -1.58
N PRO D 111 45.50 22.55 -0.93
CA PRO D 111 44.80 23.61 -1.66
C PRO D 111 45.71 24.27 -2.70
N SER D 112 45.16 24.48 -3.89
CA SER D 112 45.90 25.05 -5.00
C SER D 112 45.35 26.39 -5.48
N GLY D 113 44.05 26.64 -5.30
CA GLY D 113 43.41 27.85 -5.77
C GLY D 113 43.03 28.78 -4.63
N GLU D 114 42.43 29.90 -5.01
CA GLU D 114 41.99 30.88 -4.03
C GLU D 114 40.83 30.39 -3.19
N ARG D 115 40.05 29.44 -3.68
CA ARG D 115 38.86 28.97 -3.00
C ARG D 115 38.71 27.46 -3.20
N LEU D 116 37.89 26.85 -2.35
CA LEU D 116 37.47 25.47 -2.51
C LEU D 116 36.11 25.48 -3.22
N ASP D 117 36.08 24.94 -4.43
CA ASP D 117 34.84 24.90 -5.21
C ASP D 117 33.98 23.72 -4.77
N ALA D 118 33.72 23.62 -3.47
CA ALA D 118 32.93 22.53 -2.92
C ALA D 118 32.33 22.99 -1.61
N PHE D 119 31.11 22.55 -1.32
CA PHE D 119 30.40 22.90 -0.10
C PHE D 119 30.18 24.40 0.00
N ASP D 120 30.27 25.09 -1.14
CA ASP D 120 30.14 26.53 -1.22
C ASP D 120 28.72 26.99 -1.52
N ILE D 121 27.87 26.10 -2.03
CA ILE D 121 26.48 26.43 -2.31
C ILE D 121 25.59 25.45 -1.55
N TRP D 122 24.64 25.97 -0.80
CA TRP D 122 23.69 25.18 -0.04
C TRP D 122 22.27 25.57 -0.41
N GLY D 123 21.36 24.61 -0.37
CA GLY D 123 19.96 24.92 -0.54
C GLY D 123 19.38 25.57 0.71
N GLN D 124 18.22 26.20 0.54
CA GLN D 124 17.57 26.84 1.68
C GLN D 124 17.06 25.82 2.69
N GLY D 125 16.81 24.60 2.24
CA GLY D 125 16.35 23.56 3.15
C GLY D 125 14.87 23.28 2.99
N THR D 126 14.50 22.04 3.28
CA THR D 126 13.12 21.59 3.17
C THR D 126 12.78 20.71 4.37
N MET D 127 11.63 20.98 4.99
CA MET D 127 11.22 20.24 6.18
C MET D 127 10.52 18.95 5.79
N VAL D 128 10.90 17.86 6.45
CA VAL D 128 10.28 16.55 6.27
C VAL D 128 9.82 16.06 7.65
N THR D 129 8.51 15.85 7.80
CA THR D 129 7.92 15.35 9.03
C THR D 129 7.16 14.07 8.73
N VAL D 130 7.55 12.98 9.39
CA VAL D 130 6.93 11.68 9.22
C VAL D 130 6.28 11.30 10.54
N SER D 131 4.95 11.25 10.57
CA SER D 131 4.22 10.96 11.79
C SER D 131 2.88 10.30 11.46
N SER D 132 2.46 9.37 12.32
CA SER D 132 1.14 8.76 12.21
C SER D 132 0.01 9.71 12.58
N ALA D 133 0.31 10.79 13.30
CA ALA D 133 -0.72 11.72 13.74
C ALA D 133 -1.39 12.41 12.55
N SER D 134 -2.58 12.93 12.79
CA SER D 134 -3.33 13.68 11.79
C SER D 134 -3.48 15.13 12.24
N THR D 135 -3.83 15.99 11.27
CA THR D 135 -3.97 17.41 11.53
C THR D 135 -5.01 17.68 12.60
N LYS D 136 -4.57 18.16 13.76
CA LYS D 136 -5.47 18.47 14.88
C LYS D 136 -5.21 19.89 15.35
N GLY D 137 -6.29 20.63 15.58
CA GLY D 137 -6.20 21.97 16.12
C GLY D 137 -5.73 21.97 17.56
N PRO D 138 -5.10 23.07 17.97
CA PRO D 138 -4.60 23.17 19.34
C PRO D 138 -5.70 23.50 20.34
N SER D 139 -5.51 23.00 21.57
CA SER D 139 -6.32 23.41 22.70
C SER D 139 -5.51 24.42 23.51
N VAL D 140 -6.08 25.59 23.75
CA VAL D 140 -5.38 26.70 24.41
C VAL D 140 -5.90 26.83 25.84
N PHE D 141 -5.02 26.59 26.81
CA PHE D 141 -5.37 26.67 28.22
C PHE D 141 -4.61 27.80 28.89
N PRO D 142 -5.27 28.55 29.77
CA PRO D 142 -4.59 29.69 30.40
C PRO D 142 -3.63 29.26 31.49
N LEU D 143 -2.54 30.02 31.61
CA LEU D 143 -1.64 29.92 32.74
C LEU D 143 -1.87 31.20 33.55
N ALA D 144 -2.77 31.10 34.53
CA ALA D 144 -3.24 32.28 35.24
C ALA D 144 -2.17 32.79 36.19
N PRO D 145 -2.05 34.11 36.38
CA PRO D 145 -1.08 34.63 37.34
C PRO D 145 -1.49 34.42 38.80
N SER D 146 -0.76 33.57 39.51
CA SER D 146 -0.94 33.34 40.93
C SER D 146 0.15 34.06 41.71
N SER D 147 -0.24 34.95 42.60
CA SER D 147 0.72 35.62 43.48
C SER D 147 0.24 35.71 44.92
N GLY D 152 8.74 39.81 42.85
CA GLY D 152 8.92 41.16 43.37
C GLY D 152 8.30 42.22 42.48
N GLY D 153 7.00 42.43 42.65
CA GLY D 153 6.27 43.37 41.82
C GLY D 153 6.01 42.91 40.41
N THR D 154 6.44 41.70 40.03
CA THR D 154 6.25 41.18 38.69
C THR D 154 5.46 39.89 38.77
N ALA D 155 4.48 39.75 37.88
CA ALA D 155 3.65 38.55 37.81
C ALA D 155 3.83 37.86 36.47
N ALA D 156 3.76 36.54 36.50
CA ALA D 156 3.91 35.72 35.31
C ALA D 156 2.57 35.13 34.92
N LEU D 157 2.25 35.19 33.63
CA LEU D 157 1.04 34.57 33.10
C LEU D 157 1.38 34.06 31.71
N GLY D 158 0.58 33.13 31.21
CA GLY D 158 0.87 32.60 29.90
C GLY D 158 -0.27 31.75 29.37
N CYS D 159 0.03 31.07 28.27
CA CYS D 159 -0.90 30.17 27.60
C CYS D 159 -0.20 28.87 27.27
N LEU D 160 -0.91 27.77 27.40
CA LEU D 160 -0.41 26.44 27.08
C LEU D 160 -1.12 25.97 25.83
N VAL D 161 -0.40 25.94 24.71
CA VAL D 161 -0.93 25.48 23.44
C VAL D 161 -0.61 23.99 23.33
N LYS D 162 -1.63 23.15 23.46
CA LYS D 162 -1.42 21.72 23.67
C LYS D 162 -2.16 20.90 22.61
N ASP D 163 -1.56 19.76 22.27
CA ASP D 163 -2.17 18.74 21.41
C ASP D 163 -2.53 19.29 20.02
N TYR D 164 -1.54 19.86 19.33
CA TYR D 164 -1.72 20.31 17.96
C TYR D 164 -0.76 19.58 17.03
N PHE D 165 -1.24 19.24 15.83
CA PHE D 165 -0.40 18.67 14.79
C PHE D 165 -0.79 19.22 13.43
N PRO D 166 0.19 19.52 12.56
CA PRO D 166 1.63 19.57 12.86
C PRO D 166 2.11 20.99 13.19
N GLU D 167 3.43 21.16 13.23
CA GLU D 167 3.99 22.48 13.40
C GLU D 167 3.70 23.34 12.17
N PRO D 168 3.63 24.67 12.32
CA PRO D 168 3.86 25.43 13.55
C PRO D 168 2.62 26.10 14.12
N VAL D 169 2.80 26.85 15.20
CA VAL D 169 1.78 27.72 15.76
C VAL D 169 2.38 29.10 15.95
N THR D 170 1.53 30.13 15.84
CA THR D 170 1.91 31.52 16.06
C THR D 170 1.19 32.03 17.29
N VAL D 171 1.94 32.65 18.21
CA VAL D 171 1.38 33.16 19.45
C VAL D 171 1.65 34.65 19.54
N SER D 172 0.58 35.43 19.71
CA SER D 172 0.66 36.86 19.92
C SER D 172 -0.12 37.23 21.17
N TRP D 173 0.25 38.35 21.78
CA TRP D 173 -0.39 38.83 22.99
C TRP D 173 -1.04 40.18 22.75
N ASN D 174 -2.33 40.28 23.06
CA ASN D 174 -3.11 41.50 22.87
C ASN D 174 -3.00 42.00 21.44
N SER D 175 -3.04 41.07 20.48
CA SER D 175 -2.95 41.37 19.05
C SER D 175 -1.71 42.17 18.72
N GLY D 176 -0.57 41.79 19.30
CA GLY D 176 0.69 42.45 19.03
C GLY D 176 0.96 43.68 19.87
N ALA D 177 0.04 44.10 20.72
CA ALA D 177 0.28 45.27 21.55
C ALA D 177 1.27 44.97 22.67
N LEU D 178 1.30 43.73 23.15
CA LEU D 178 2.22 43.31 24.20
C LEU D 178 3.31 42.45 23.58
N THR D 179 4.55 42.95 23.62
CA THR D 179 5.71 42.22 23.11
C THR D 179 6.86 42.14 24.10
N SER D 180 6.96 43.04 25.08
CA SER D 180 8.05 43.02 26.04
C SER D 180 7.78 41.99 27.12
N GLY D 181 8.82 41.25 27.50
CA GLY D 181 8.69 40.21 28.48
C GLY D 181 8.05 38.93 27.97
N VAL D 182 7.67 38.90 26.70
CA VAL D 182 7.05 37.70 26.12
C VAL D 182 8.12 36.68 25.80
N HIS D 183 7.90 35.44 26.24
CA HIS D 183 8.76 34.32 25.90
C HIS D 183 7.87 33.21 25.35
N THR D 184 7.96 32.95 24.04
CA THR D 184 7.26 31.84 23.41
C THR D 184 8.27 30.71 23.18
N PHE D 185 8.12 29.61 23.91
CA PHE D 185 9.11 28.56 23.94
C PHE D 185 8.97 27.62 22.75
N PRO D 186 10.04 26.92 22.40
CA PRO D 186 9.93 25.89 21.36
C PRO D 186 8.98 24.78 21.80
N ALA D 187 8.18 24.31 20.85
CA ALA D 187 7.25 23.23 21.13
C ALA D 187 7.99 21.93 21.40
N VAL D 188 7.31 21.02 22.09
CA VAL D 188 7.84 19.69 22.34
C VAL D 188 6.87 18.69 21.73
N LEU D 189 7.42 17.55 21.29
CA LEU D 189 6.62 16.48 20.71
C LEU D 189 6.26 15.48 21.82
N GLN D 190 4.97 15.39 22.14
CA GLN D 190 4.57 14.51 23.21
C GLN D 190 4.56 13.06 22.73
N SER D 191 4.50 12.13 23.69
CA SER D 191 4.44 10.71 23.35
C SER D 191 3.20 10.39 22.53
N SER D 192 2.17 11.23 22.61
CA SER D 192 0.99 11.05 21.76
C SER D 192 1.29 11.31 20.29
N GLY D 193 2.39 11.98 19.99
CA GLY D 193 2.65 12.43 18.63
C GLY D 193 2.15 13.81 18.32
N LEU D 194 1.62 14.53 19.30
CA LEU D 194 1.14 15.89 19.11
C LEU D 194 2.09 16.85 19.79
N TYR D 195 2.21 18.05 19.23
CA TYR D 195 3.11 19.06 19.77
C TYR D 195 2.44 19.85 20.89
N SER D 196 3.26 20.39 21.79
CA SER D 196 2.77 21.21 22.89
C SER D 196 3.70 22.41 23.07
N LEU D 197 3.12 23.60 23.14
CA LEU D 197 3.88 24.84 23.23
C LEU D 197 3.32 25.71 24.36
N SER D 198 4.22 26.44 25.01
CA SER D 198 3.85 27.42 26.04
C SER D 198 4.42 28.79 25.67
N SER D 199 3.64 29.83 25.97
CA SER D 199 4.07 31.21 25.77
C SER D 199 3.73 32.00 27.02
N VAL D 200 4.74 32.60 27.64
CA VAL D 200 4.59 33.30 28.90
C VAL D 200 5.00 34.76 28.73
N VAL D 201 4.50 35.61 29.62
CA VAL D 201 4.88 37.02 29.66
C VAL D 201 4.93 37.47 31.11
N THR D 202 5.94 38.27 31.45
CA THR D 202 6.05 38.87 32.77
C THR D 202 5.54 40.30 32.70
N VAL D 203 4.63 40.64 33.60
CA VAL D 203 4.02 41.96 33.64
C VAL D 203 4.05 42.46 35.07
N PRO D 204 3.96 43.77 35.28
CA PRO D 204 3.85 44.29 36.65
C PRO D 204 2.61 43.78 37.34
N SER D 205 2.76 43.43 38.62
CA SER D 205 1.64 42.91 39.41
C SER D 205 0.49 43.91 39.47
N SER D 206 0.81 45.21 39.52
CA SER D 206 -0.22 46.23 39.55
C SER D 206 -1.09 46.20 38.31
N SER D 207 -0.53 45.75 37.17
CA SER D 207 -1.26 45.76 35.91
C SER D 207 -2.35 44.69 35.84
N LEU D 208 -2.33 43.71 36.74
CA LEU D 208 -3.28 42.59 36.64
C LEU D 208 -4.72 43.06 36.73
N GLY D 209 -5.00 44.00 37.63
CA GLY D 209 -6.36 44.53 37.75
C GLY D 209 -6.78 45.41 36.59
N THR D 210 -5.86 46.22 36.07
CA THR D 210 -6.22 47.20 35.05
C THR D 210 -6.27 46.59 33.65
N GLN D 211 -5.19 45.92 33.23
CA GLN D 211 -5.02 45.52 31.84
C GLN D 211 -5.49 44.09 31.63
N THR D 212 -6.25 43.87 30.57
CA THR D 212 -6.67 42.53 30.19
C THR D 212 -5.66 41.93 29.22
N TYR D 213 -5.32 40.65 29.44
CA TYR D 213 -4.32 39.96 28.65
C TYR D 213 -4.95 38.80 27.89
N ILE D 214 -4.83 38.83 26.57
CA ILE D 214 -5.36 37.80 25.69
C ILE D 214 -4.23 37.30 24.80
N CYS D 215 -4.06 35.99 24.72
CA CYS D 215 -3.08 35.38 23.84
C CYS D 215 -3.78 34.92 22.56
N ASN D 216 -3.19 35.26 21.41
CA ASN D 216 -3.77 34.92 20.11
C ASN D 216 -2.94 33.79 19.53
N VAL D 217 -3.56 32.61 19.40
CA VAL D 217 -2.90 31.41 18.92
C VAL D 217 -3.50 31.05 17.57
N ASN D 218 -2.66 31.04 16.54
CA ASN D 218 -3.08 30.66 15.19
C ASN D 218 -2.33 29.41 14.76
N HIS D 219 -3.07 28.39 14.38
CA HIS D 219 -2.51 27.14 13.85
C HIS D 219 -2.79 27.12 12.36
N LYS D 220 -1.79 27.47 11.56
CA LYS D 220 -2.00 27.56 10.12
C LYS D 220 -2.39 26.23 9.48
N PRO D 221 -1.83 25.06 9.86
CA PRO D 221 -2.24 23.83 9.18
C PRO D 221 -3.73 23.55 9.28
N SER D 222 -4.35 23.82 10.41
CA SER D 222 -5.79 23.71 10.55
C SER D 222 -6.39 25.11 10.35
N ASN D 223 -7.71 25.19 10.47
CA ASN D 223 -8.40 26.48 10.38
C ASN D 223 -8.73 27.03 11.76
N THR D 224 -7.93 26.66 12.77
CA THR D 224 -8.20 27.02 14.15
C THR D 224 -7.44 28.28 14.52
N LYS D 225 -8.18 29.31 14.94
CA LYS D 225 -7.63 30.54 15.49
C LYS D 225 -8.32 30.77 16.82
N VAL D 226 -7.56 30.73 17.91
CA VAL D 226 -8.11 30.79 19.26
C VAL D 226 -7.56 32.01 19.98
N ASP D 227 -8.45 32.82 20.54
CA ASP D 227 -8.11 33.94 21.41
C ASP D 227 -8.55 33.61 22.83
N LYS D 228 -7.61 33.52 23.75
CA LYS D 228 -7.87 33.09 25.12
C LYS D 228 -7.51 34.23 26.06
N ARG D 229 -8.49 34.69 26.84
CA ARG D 229 -8.23 35.68 27.87
C ARG D 229 -7.68 35.00 29.11
N VAL D 230 -6.58 35.52 29.66
CA VAL D 230 -5.97 34.98 30.86
C VAL D 230 -6.40 35.87 32.02
N GLU D 231 -7.24 35.33 32.90
CA GLU D 231 -7.85 36.02 34.03
C GLU D 231 -7.18 35.64 35.34
N PRO D 232 -7.01 36.60 36.26
CA PRO D 232 -6.43 36.38 37.58
C PRO D 232 -7.26 35.44 38.45
N ASP E 1 31.53 4.23 10.31
CA ASP E 1 32.41 5.17 9.62
C ASP E 1 33.36 5.84 10.61
N ILE E 2 33.94 6.96 10.20
CA ILE E 2 34.80 7.75 11.08
C ILE E 2 33.93 8.61 11.98
N VAL E 3 34.21 8.59 13.28
CA VAL E 3 33.45 9.35 14.26
C VAL E 3 34.22 10.62 14.59
N MET E 4 33.55 11.76 14.48
CA MET E 4 34.11 13.05 14.83
C MET E 4 33.47 13.51 16.14
N THR E 5 34.31 13.92 17.09
CA THR E 5 33.86 14.45 18.37
C THR E 5 34.37 15.88 18.53
N GLN E 6 33.55 16.72 19.16
CA GLN E 6 33.92 18.11 19.42
C GLN E 6 33.75 18.42 20.89
N SER E 7 34.78 18.98 21.51
CA SER E 7 34.71 19.43 22.89
C SER E 7 35.17 20.88 23.00
N PRO E 8 34.48 21.71 23.80
CA PRO E 8 33.25 21.37 24.52
C PRO E 8 32.01 21.56 23.65
N SER E 9 30.85 21.14 24.16
CA SER E 9 29.61 21.35 23.42
C SER E 9 29.11 22.78 23.51
N PHE E 10 29.32 23.44 24.65
CA PHE E 10 28.87 24.80 24.85
C PHE E 10 30.03 25.63 25.36
N LEU E 11 30.11 26.87 24.90
CA LEU E 11 31.19 27.77 25.27
C LEU E 11 30.64 29.19 25.40
N SER E 12 31.08 29.89 26.43
CA SER E 12 30.70 31.27 26.65
C SER E 12 31.94 32.14 26.50
N ALA E 13 31.84 33.18 25.68
CA ALA E 13 32.95 34.09 25.48
C ALA E 13 32.40 35.49 25.25
N SER E 14 33.23 36.48 25.56
CA SER E 14 32.92 37.87 25.29
C SER E 14 33.48 38.29 23.93
N VAL E 15 32.93 39.39 23.40
CA VAL E 15 33.49 39.97 22.19
C VAL E 15 34.93 40.40 22.46
N GLY E 16 35.83 40.01 21.56
CA GLY E 16 37.24 40.30 21.75
C GLY E 16 38.04 39.21 22.41
N ASP E 17 37.42 38.09 22.76
CA ASP E 17 38.11 36.96 23.39
C ASP E 17 38.76 36.07 22.34
N ARG E 18 39.73 35.27 22.80
CA ARG E 18 40.33 34.23 21.99
C ARG E 18 39.65 32.91 22.30
N VAL E 19 39.02 32.30 21.29
CA VAL E 19 38.26 31.07 21.46
C VAL E 19 38.91 29.99 20.62
N THR E 20 39.19 28.84 21.23
CA THR E 20 39.68 27.68 20.50
C THR E 20 38.75 26.51 20.78
N ILE E 21 38.17 25.96 19.71
CA ILE E 21 37.31 24.79 19.80
C ILE E 21 38.03 23.63 19.14
N THR E 22 37.89 22.45 19.72
CA THR E 22 38.64 21.28 19.29
C THR E 22 37.73 20.23 18.65
N CYS E 23 38.25 19.57 17.63
CA CYS E 23 37.60 18.47 16.93
C CYS E 23 38.53 17.28 16.92
N ARG E 24 37.99 16.11 17.21
CA ARG E 24 38.77 14.87 17.27
C ARG E 24 38.16 13.83 16.33
N ALA E 25 39.03 13.10 15.64
CA ALA E 25 38.62 12.05 14.73
C ALA E 25 38.94 10.69 15.34
N SER E 26 38.03 9.73 15.17
CA SER E 26 38.23 8.40 15.74
C SER E 26 39.42 7.69 15.12
N GLN E 27 39.74 8.00 13.86
CA GLN E 27 40.94 7.50 13.20
C GLN E 27 41.65 8.64 12.49
N GLY E 28 42.90 8.39 12.09
CA GLY E 28 43.69 9.38 11.39
C GLY E 28 43.09 9.78 10.06
N ILE E 29 42.81 11.07 9.89
CA ILE E 29 42.27 11.60 8.65
C ILE E 29 43.21 12.60 7.99
N SER E 30 44.47 12.63 8.42
CA SER E 30 45.47 13.56 7.89
C SER E 30 44.94 14.98 8.08
N ASN E 31 44.89 15.81 7.04
CA ASN E 31 44.32 17.15 7.13
C ASN E 31 43.01 17.26 6.36
N TYR E 32 42.36 16.13 6.07
CA TYR E 32 41.09 16.11 5.36
C TYR E 32 39.95 16.54 6.30
N LEU E 33 40.04 17.78 6.76
CA LEU E 33 39.08 18.31 7.71
C LEU E 33 38.66 19.72 7.36
N ALA E 34 37.38 20.01 7.51
CA ALA E 34 36.84 21.32 7.25
C ALA E 34 36.06 21.81 8.46
N TRP E 35 35.93 23.13 8.55
CA TRP E 35 35.19 23.79 9.62
C TRP E 35 34.05 24.59 9.02
N TYR E 36 32.90 24.57 9.70
CA TYR E 36 31.70 25.24 9.23
C TYR E 36 31.08 26.05 10.36
N GLN E 37 30.29 27.05 9.98
CA GLN E 37 29.52 27.86 10.92
C GLN E 37 28.05 27.76 10.55
N GLN E 38 27.20 27.47 11.54
CA GLN E 38 25.76 27.48 11.34
C GLN E 38 25.09 28.37 12.37
N LYS E 39 24.20 29.25 11.91
CA LYS E 39 23.34 30.12 12.69
C LYS E 39 21.89 29.66 12.55
N PRO E 40 21.08 29.84 13.60
CA PRO E 40 19.71 29.29 13.58
C PRO E 40 18.91 29.75 12.37
N GLY E 41 18.25 28.79 11.72
CA GLY E 41 17.47 29.08 10.54
C GLY E 41 18.26 29.20 9.25
N LYS E 42 19.56 28.91 9.26
CA LYS E 42 20.40 29.06 8.09
C LYS E 42 21.22 27.81 7.87
N ALA E 43 21.66 27.62 6.63
CA ALA E 43 22.52 26.49 6.32
C ALA E 43 23.97 26.80 6.72
N PRO E 44 24.77 25.77 6.97
CA PRO E 44 26.19 25.99 7.24
C PRO E 44 26.92 26.63 6.06
N HIS E 45 27.90 27.47 6.36
CA HIS E 45 28.75 28.05 5.32
C HIS E 45 30.19 27.76 5.71
N LEU E 46 30.99 27.37 4.71
CA LEU E 46 32.34 26.89 4.95
C LEU E 46 33.27 28.00 5.41
N LEU E 47 34.06 27.71 6.45
CA LEU E 47 35.07 28.64 6.96
C LEU E 47 36.48 28.20 6.61
N ILE E 48 36.82 26.95 6.90
CA ILE E 48 38.18 26.44 6.72
C ILE E 48 38.09 25.03 6.16
N TYR E 49 38.96 24.73 5.19
CA TYR E 49 39.11 23.39 4.64
C TYR E 49 40.59 23.02 4.65
N ALA E 50 40.85 21.72 4.50
CA ALA E 50 42.21 21.18 4.56
C ALA E 50 42.90 21.53 5.88
N ALA E 51 42.10 21.56 6.96
CA ALA E 51 42.56 21.79 8.33
C ALA E 51 43.01 23.22 8.58
N SER E 52 43.83 23.79 7.70
CA SER E 52 44.46 25.08 7.97
C SER E 52 44.14 26.18 6.96
N THR E 53 43.40 25.89 5.89
CA THR E 53 43.25 26.83 4.79
C THR E 53 41.88 27.52 4.88
N LEU E 54 41.90 28.85 4.88
CA LEU E 54 40.68 29.64 4.94
C LEU E 54 40.00 29.69 3.57
N GLN E 55 38.69 29.48 3.56
CA GLN E 55 37.91 29.67 2.36
C GLN E 55 37.85 31.15 2.01
N SER E 56 37.77 31.45 0.71
CA SER E 56 37.76 32.84 0.28
C SER E 56 36.57 33.57 0.87
N GLY E 57 36.79 34.83 1.28
CA GLY E 57 35.77 35.63 1.89
C GLY E 57 35.55 35.42 3.38
N VAL E 58 36.29 34.51 4.01
CA VAL E 58 36.15 34.27 5.44
C VAL E 58 37.15 35.16 6.16
N PRO E 59 36.74 35.89 7.21
CA PRO E 59 37.65 36.82 7.87
C PRO E 59 38.88 36.12 8.43
N SER E 60 39.99 36.86 8.45
CA SER E 60 41.29 36.33 8.87
C SER E 60 41.35 35.98 10.35
N ARG E 61 40.39 36.44 11.16
CA ARG E 61 40.41 36.09 12.59
C ARG E 61 40.24 34.59 12.79
N PHE E 62 39.57 33.92 11.85
CA PHE E 62 39.43 32.47 11.89
C PHE E 62 40.73 31.80 11.45
N SER E 63 41.15 30.79 12.19
CA SER E 63 42.32 30.00 11.82
C SER E 63 42.09 28.55 12.24
N GLY E 64 42.72 27.64 11.52
CA GLY E 64 42.58 26.22 11.79
C GLY E 64 43.94 25.56 11.89
N SER E 65 43.98 24.47 12.64
CA SER E 65 45.23 23.77 12.86
C SER E 65 44.96 22.28 13.03
N GLY E 66 46.03 21.51 12.95
CA GLY E 66 45.98 20.10 13.27
C GLY E 66 46.17 19.19 12.06
N SER E 67 46.67 17.99 12.33
CA SER E 67 46.77 16.91 11.35
C SER E 67 46.61 15.60 12.10
N GLY E 68 45.99 14.62 11.44
CA GLY E 68 45.68 13.37 12.11
C GLY E 68 44.36 13.36 12.88
N THR E 69 44.43 13.15 14.20
CA THR E 69 43.26 13.02 15.07
C THR E 69 42.76 14.35 15.63
N GLU E 70 43.66 15.25 16.00
CA GLU E 70 43.31 16.46 16.74
C GLU E 70 43.31 17.69 15.84
N PHE E 71 42.25 18.49 15.93
CA PHE E 71 42.11 19.70 15.12
C PHE E 71 41.57 20.80 16.01
N THR E 72 41.90 22.04 15.65
CA THR E 72 41.47 23.20 16.41
C THR E 72 41.03 24.31 15.47
N LEU E 73 39.94 24.98 15.83
CA LEU E 73 39.50 26.20 15.16
C LEU E 73 39.63 27.35 16.15
N THR E 74 40.32 28.41 15.73
CA THR E 74 40.62 29.54 16.60
C THR E 74 40.06 30.81 16.00
N ILE E 75 39.33 31.57 16.82
CA ILE E 75 38.92 32.92 16.48
C ILE E 75 39.73 33.88 17.34
N SER E 76 40.63 34.62 16.70
CA SER E 76 41.60 35.44 17.45
C SER E 76 40.89 36.47 18.30
N SER E 77 39.91 37.17 17.74
CA SER E 77 39.09 38.13 18.48
C SER E 77 37.63 37.93 18.10
N LEU E 78 36.82 37.48 19.06
CA LEU E 78 35.43 37.18 18.78
C LEU E 78 34.65 38.45 18.44
N GLN E 79 33.80 38.36 17.43
CA GLN E 79 32.99 39.47 16.95
C GLN E 79 31.51 39.15 17.18
N PRO E 80 30.64 40.17 17.27
CA PRO E 80 29.23 39.88 17.57
C PRO E 80 28.57 38.95 16.57
N GLU E 81 28.99 38.98 15.31
CA GLU E 81 28.45 38.07 14.31
C GLU E 81 28.99 36.65 14.43
N ASP E 82 30.03 36.45 15.25
CA ASP E 82 30.65 35.13 15.40
C ASP E 82 29.86 34.17 16.28
N PHE E 83 28.97 34.67 17.13
CA PHE E 83 28.23 33.80 18.03
C PHE E 83 27.32 32.86 17.24
N ALA E 84 27.61 31.56 17.32
CA ALA E 84 26.97 30.56 16.48
C ALA E 84 27.44 29.16 16.85
N THR E 85 27.05 28.17 16.07
CA THR E 85 27.49 26.80 16.24
C THR E 85 28.50 26.46 15.16
N TYR E 86 29.60 25.82 15.56
CA TYR E 86 30.68 25.49 14.64
C TYR E 86 30.85 23.99 14.55
N TYR E 87 30.85 23.47 13.32
CA TYR E 87 30.97 22.04 13.07
C TYR E 87 32.25 21.75 12.31
N CYS E 88 32.88 20.64 12.66
CA CYS E 88 33.99 20.12 11.87
C CYS E 88 33.49 18.97 11.02
N GLN E 89 34.14 18.78 9.87
CA GLN E 89 33.71 17.81 8.88
C GLN E 89 34.92 17.03 8.38
N GLN E 90 34.90 15.72 8.56
CA GLN E 90 35.96 14.89 8.00
C GLN E 90 35.63 14.59 6.54
N LEU E 91 36.62 14.80 5.66
CA LEU E 91 36.47 14.54 4.24
C LEU E 91 37.36 13.40 3.77
N ASN E 92 37.97 12.66 4.71
CA ASN E 92 38.92 11.62 4.34
C ASN E 92 38.26 10.54 3.49
N SER E 93 36.99 10.25 3.76
CA SER E 93 36.24 9.22 3.05
C SER E 93 35.43 9.78 1.90
N TYR E 94 35.74 10.98 1.41
CA TYR E 94 34.94 11.59 0.36
C TYR E 94 34.86 10.64 -0.84
N PRO E 95 33.68 10.48 -1.46
CA PRO E 95 32.44 11.27 -1.38
C PRO E 95 31.59 11.11 -0.12
N LEU E 96 32.07 10.36 0.87
CA LEU E 96 31.39 10.23 2.16
C LEU E 96 32.02 11.17 3.17
N PHE E 97 31.19 11.97 3.85
CA PHE E 97 31.67 12.84 4.91
C PHE E 97 30.74 12.77 6.10
N THR E 98 31.32 12.91 7.29
CA THR E 98 30.57 12.97 8.53
C THR E 98 30.95 14.25 9.27
N PHE E 99 29.98 14.79 10.00
CA PHE E 99 30.16 16.03 10.75
C PHE E 99 30.36 15.74 12.23
N GLY E 100 30.96 16.71 12.92
CA GLY E 100 31.07 16.66 14.35
C GLY E 100 29.78 17.11 15.01
N PRO E 101 29.62 16.81 16.30
CA PRO E 101 28.39 17.21 17.00
C PRO E 101 28.21 18.71 17.13
N GLY E 102 29.28 19.49 17.06
CA GLY E 102 29.15 20.93 17.06
C GLY E 102 29.53 21.53 18.39
N THR E 103 30.04 22.77 18.34
CA THR E 103 30.28 23.57 19.53
C THR E 103 29.50 24.88 19.38
N LYS E 104 28.66 25.18 20.34
CA LYS E 104 27.85 26.39 20.30
C LYS E 104 28.47 27.44 21.21
N VAL E 105 28.70 28.62 20.66
CA VAL E 105 29.31 29.74 21.37
C VAL E 105 28.24 30.78 21.63
N ASP E 106 28.07 31.14 22.89
CA ASP E 106 27.05 32.11 23.28
C ASP E 106 27.73 33.29 24.00
N ILE E 107 26.95 34.36 24.15
CA ILE E 107 27.49 35.61 24.69
C ILE E 107 27.67 35.49 26.20
N GLU E 108 28.82 35.94 26.69
CA GLU E 108 29.07 35.91 28.12
C GLU E 108 28.34 37.05 28.82
N ARG E 109 27.94 36.79 30.07
CA ARG E 109 27.08 37.69 30.83
C ARG E 109 27.31 37.43 32.30
N THR E 110 26.94 38.41 33.13
CA THR E 110 26.94 38.19 34.57
C THR E 110 25.86 37.17 34.93
N VAL E 111 26.16 36.36 35.96
CA VAL E 111 25.23 35.32 36.38
C VAL E 111 23.93 35.95 36.85
N ALA E 112 22.83 35.43 36.33
CA ALA E 112 21.50 35.89 36.70
C ALA E 112 20.67 34.69 37.14
N ALA E 113 20.16 34.75 38.37
CA ALA E 113 19.35 33.66 38.88
C ALA E 113 17.98 33.67 38.21
N PRO E 114 17.39 32.49 38.02
CA PRO E 114 16.06 32.45 37.41
C PRO E 114 14.99 32.85 38.39
N SER E 115 13.98 33.55 37.87
CA SER E 115 12.72 33.73 38.58
C SER E 115 11.81 32.56 38.23
N VAL E 116 11.38 31.82 39.25
CA VAL E 116 10.68 30.56 39.06
C VAL E 116 9.20 30.79 39.36
N PHE E 117 8.34 30.34 38.45
CA PHE E 117 6.90 30.41 38.62
C PHE E 117 6.29 29.06 38.28
N ILE E 118 5.36 28.60 39.12
CA ILE E 118 4.64 27.34 38.89
C ILE E 118 3.18 27.67 38.58
N PHE E 119 2.63 27.01 37.57
CA PHE E 119 1.26 27.24 37.15
C PHE E 119 0.48 25.93 37.28
N PRO E 120 -0.57 25.90 38.09
CA PRO E 120 -1.37 24.67 38.22
C PRO E 120 -2.18 24.43 36.96
N PRO E 121 -2.67 23.21 36.75
CA PRO E 121 -3.55 22.95 35.61
C PRO E 121 -4.80 23.81 35.65
N SER E 122 -5.23 24.27 34.48
CA SER E 122 -6.45 25.06 34.41
C SER E 122 -7.68 24.17 34.56
N ASP E 123 -8.80 24.78 34.98
CA ASP E 123 -10.05 24.03 35.07
C ASP E 123 -10.51 23.56 33.71
N GLU E 124 -10.20 24.31 32.65
CA GLU E 124 -10.58 23.90 31.30
C GLU E 124 -9.92 22.57 30.92
N GLN E 125 -8.61 22.46 31.16
CA GLN E 125 -7.91 21.23 30.81
C GLN E 125 -8.38 20.05 31.65
N LEU E 126 -8.68 20.30 32.92
CA LEU E 126 -9.10 19.23 33.82
C LEU E 126 -10.41 18.61 33.36
N LYS E 127 -11.30 19.42 32.78
CA LYS E 127 -12.51 18.85 32.19
C LYS E 127 -12.16 17.91 31.04
N SER E 128 -11.06 18.18 30.34
CA SER E 128 -10.63 17.34 29.21
C SER E 128 -10.04 16.02 29.65
N GLY E 129 -9.72 15.84 30.93
CA GLY E 129 -9.23 14.58 31.44
C GLY E 129 -7.72 14.46 31.58
N THR E 130 -6.98 15.53 31.34
CA THR E 130 -5.54 15.55 31.53
C THR E 130 -5.17 16.77 32.35
N ALA E 131 -4.10 16.64 33.14
CA ALA E 131 -3.61 17.72 33.98
C ALA E 131 -2.17 18.03 33.59
N SER E 132 -1.90 19.29 33.26
CA SER E 132 -0.57 19.74 32.90
C SER E 132 -0.14 20.81 33.88
N VAL E 133 1.00 20.59 34.54
CA VAL E 133 1.59 21.55 35.45
C VAL E 133 2.81 22.15 34.77
N VAL E 134 2.85 23.49 34.71
CA VAL E 134 3.89 24.21 33.98
C VAL E 134 4.76 24.94 34.99
N CYS E 135 6.08 24.78 34.83
CA CYS E 135 7.06 25.49 35.64
C CYS E 135 7.90 26.38 34.73
N LEU E 136 7.98 27.66 35.06
CA LEU E 136 8.66 28.67 34.27
C LEU E 136 9.93 29.11 34.96
N LEU E 137 11.05 29.05 34.23
CA LEU E 137 12.32 29.62 34.65
C LEU E 137 12.60 30.81 33.75
N ASN E 138 12.62 32.02 34.31
CA ASN E 138 12.62 33.23 33.51
C ASN E 138 13.94 33.97 33.66
N ASN E 139 14.58 34.27 32.52
CA ASN E 139 15.72 35.19 32.42
C ASN E 139 16.86 34.81 33.35
N PHE E 140 17.42 33.62 33.13
CA PHE E 140 18.59 33.17 33.87
C PHE E 140 19.80 33.03 32.96
N TYR E 141 20.98 33.11 33.56
CA TYR E 141 22.25 32.86 32.89
C TYR E 141 23.20 32.26 33.91
N PRO E 142 23.96 31.21 33.55
CA PRO E 142 24.09 30.56 32.24
C PRO E 142 22.99 29.54 31.90
N ARG E 143 23.13 28.85 30.77
CA ARG E 143 22.04 28.00 30.27
C ARG E 143 21.84 26.76 31.12
N GLU E 144 22.88 26.28 31.80
CA GLU E 144 22.77 25.07 32.61
C GLU E 144 21.77 25.26 33.75
N ALA E 145 20.74 24.42 33.78
CA ALA E 145 19.71 24.49 34.81
C ALA E 145 19.04 23.13 34.92
N LYS E 146 18.64 22.78 36.14
CA LYS E 146 17.97 21.51 36.42
C LYS E 146 16.60 21.75 37.03
N VAL E 147 15.56 21.18 36.41
CA VAL E 147 14.20 21.19 36.94
C VAL E 147 13.88 19.79 37.42
N GLN E 148 13.47 19.67 38.69
CA GLN E 148 13.05 18.41 39.28
C GLN E 148 11.61 18.57 39.75
N TRP E 149 10.73 17.73 39.21
CA TRP E 149 9.33 17.74 39.62
C TRP E 149 9.14 16.80 40.81
N LYS E 150 8.39 17.26 41.80
CA LYS E 150 8.05 16.47 42.98
C LYS E 150 6.56 16.49 43.19
N VAL E 151 5.95 15.32 43.30
CA VAL E 151 4.53 15.17 43.57
C VAL E 151 4.42 14.40 44.89
N ASP E 152 3.94 15.09 45.93
CA ASP E 152 3.94 14.55 47.29
C ASP E 152 5.34 14.05 47.67
N ASN E 153 6.35 14.86 47.35
CA ASN E 153 7.77 14.65 47.62
C ASN E 153 8.40 13.58 46.76
N ALA E 154 7.64 12.88 45.91
CA ALA E 154 8.18 11.80 45.09
C ALA E 154 8.76 12.37 43.81
N LEU E 155 10.04 12.08 43.56
CA LEU E 155 10.71 12.60 42.37
C LEU E 155 10.09 11.99 41.12
N GLN E 156 9.79 12.85 40.14
CA GLN E 156 9.13 12.43 38.92
C GLN E 156 10.17 12.17 37.83
N SER E 157 9.93 11.13 37.04
CA SER E 157 10.77 10.82 35.88
C SER E 157 9.89 10.35 34.74
N GLY E 158 10.19 10.83 33.53
CA GLY E 158 9.52 10.37 32.32
C GLY E 158 8.20 11.01 32.01
N ASN E 159 7.66 11.85 32.88
CA ASN E 159 6.38 12.52 32.64
C ASN E 159 6.55 14.03 32.51
N SER E 160 7.76 14.51 32.26
CA SER E 160 8.01 15.92 32.08
C SER E 160 8.78 16.14 30.78
N GLN E 161 8.57 17.32 30.19
CA GLN E 161 9.29 17.76 29.00
C GLN E 161 9.59 19.25 29.15
N GLU E 162 10.75 19.67 28.65
CA GLU E 162 11.18 21.06 28.79
C GLU E 162 11.74 21.56 27.48
N SER E 163 11.71 22.88 27.30
CA SER E 163 12.38 23.53 26.18
C SER E 163 12.92 24.88 26.61
N VAL E 164 13.98 25.32 25.93
CA VAL E 164 14.72 26.54 26.27
C VAL E 164 14.66 27.51 25.10
N THR E 165 14.51 28.79 25.42
CA THR E 165 14.56 29.83 24.39
C THR E 165 16.00 30.07 23.93
N GLU E 166 16.12 30.70 22.77
CA GLU E 166 17.43 31.20 22.35
C GLU E 166 17.80 32.41 23.20
N GLN E 167 19.10 32.68 23.29
CA GLN E 167 19.58 33.79 24.09
C GLN E 167 18.91 35.08 23.66
N ASP E 168 18.37 35.81 24.63
CA ASP E 168 17.66 37.05 24.33
C ASP E 168 18.63 38.09 23.81
N SER E 169 18.19 38.85 22.80
CA SER E 169 19.05 39.86 22.20
C SER E 169 19.32 41.02 23.16
N LYS E 170 18.41 41.27 24.11
CA LYS E 170 18.54 42.42 25.00
C LYS E 170 19.38 42.11 26.22
N ASP E 171 18.94 41.17 27.06
CA ASP E 171 19.61 40.86 28.32
C ASP E 171 20.51 39.63 28.25
N SER E 172 20.55 38.95 27.11
CA SER E 172 21.42 37.79 26.90
C SER E 172 21.15 36.68 27.92
N THR E 173 19.87 36.48 28.25
CA THR E 173 19.47 35.45 29.20
C THR E 173 18.69 34.35 28.49
N TYR E 174 18.50 33.26 29.22
CA TYR E 174 17.75 32.10 28.76
C TYR E 174 16.48 31.95 29.60
N SER E 175 15.47 31.31 29.03
CA SER E 175 14.26 30.97 29.75
C SER E 175 13.89 29.52 29.48
N LEU E 176 13.39 28.84 30.52
CA LEU E 176 13.03 27.43 30.43
C LEU E 176 11.57 27.24 30.82
N SER E 177 10.89 26.35 30.09
CA SER E 177 9.51 25.97 30.36
C SER E 177 9.47 24.46 30.54
N SER E 178 8.97 24.01 31.68
CA SER E 178 8.83 22.59 31.98
C SER E 178 7.36 22.26 32.18
N THR E 179 6.93 21.14 31.61
CA THR E 179 5.54 20.71 31.71
C THR E 179 5.50 19.31 32.30
N LEU E 180 4.77 19.16 33.41
CA LEU E 180 4.47 17.87 34.00
C LEU E 180 3.06 17.48 33.56
N THR E 181 2.95 16.37 32.84
CA THR E 181 1.66 15.91 32.32
C THR E 181 1.23 14.68 33.12
N LEU E 182 0.04 14.76 33.71
CA LEU E 182 -0.53 13.66 34.46
C LEU E 182 -1.97 13.43 34.03
N SER E 183 -2.45 12.21 34.28
CA SER E 183 -3.87 11.95 34.11
C SER E 183 -4.66 12.70 35.17
N LYS E 184 -5.92 12.99 34.87
CA LYS E 184 -6.76 13.69 35.83
C LYS E 184 -6.90 12.89 37.11
N ALA E 185 -7.03 11.56 36.99
CA ALA E 185 -7.13 10.71 38.17
C ALA E 185 -5.87 10.76 39.01
N ASP E 186 -4.70 10.64 38.36
CA ASP E 186 -3.44 10.72 39.09
C ASP E 186 -3.24 12.09 39.69
N TYR E 187 -3.69 13.15 38.99
CA TYR E 187 -3.58 14.49 39.54
C TYR E 187 -4.43 14.64 40.79
N GLU E 188 -5.66 14.11 40.77
CA GLU E 188 -6.56 14.20 41.89
C GLU E 188 -6.18 13.27 43.04
N LYS E 189 -5.25 12.34 42.82
CA LYS E 189 -4.80 11.45 43.87
C LYS E 189 -3.76 12.07 44.80
N HIS E 190 -3.12 13.17 44.38
CA HIS E 190 -2.07 13.80 45.18
C HIS E 190 -2.40 15.26 45.44
N LYS E 191 -1.74 15.83 46.45
CA LYS E 191 -2.03 17.19 46.89
C LYS E 191 -0.94 18.19 46.55
N VAL E 192 0.34 17.88 46.80
CA VAL E 192 1.41 18.86 46.71
C VAL E 192 2.20 18.65 45.43
N TYR E 193 2.28 19.69 44.60
CA TYR E 193 3.00 19.65 43.33
C TYR E 193 4.09 20.71 43.37
N ALA E 194 5.34 20.28 43.21
CA ALA E 194 6.49 21.14 43.42
C ALA E 194 7.44 21.12 42.23
N CYS E 195 8.09 22.25 42.01
CA CYS E 195 9.09 22.43 40.96
C CYS E 195 10.37 22.91 41.63
N GLU E 196 11.39 22.06 41.65
CA GLU E 196 12.67 22.39 42.27
C GLU E 196 13.68 22.78 41.18
N VAL E 197 14.24 23.97 41.31
CA VAL E 197 15.12 24.54 40.30
C VAL E 197 16.52 24.63 40.88
N THR E 198 17.49 24.04 40.19
CA THR E 198 18.89 24.12 40.57
C THR E 198 19.62 24.94 39.50
N HIS E 199 20.28 26.00 39.93
CA HIS E 199 20.99 26.89 39.02
C HIS E 199 22.19 27.48 39.76
N GLN E 200 23.19 27.92 38.99
CA GLN E 200 24.39 28.47 39.59
C GLN E 200 24.09 29.75 40.36
N GLY E 201 23.15 30.55 39.87
CA GLY E 201 22.76 31.78 40.54
C GLY E 201 22.11 31.58 41.89
N LEU E 202 21.55 30.40 42.14
CA LEU E 202 20.91 30.09 43.42
C LEU E 202 21.89 29.37 44.34
N SER E 203 22.07 29.89 45.56
CA SER E 203 22.96 29.26 46.53
C SER E 203 22.45 27.88 46.93
N SER E 204 21.14 27.73 47.05
CA SER E 204 20.50 26.44 47.24
C SER E 204 19.33 26.35 46.27
N PRO E 205 18.94 25.13 45.88
CA PRO E 205 17.83 25.00 44.94
C PRO E 205 16.56 25.65 45.46
N VAL E 206 15.79 26.23 44.54
CA VAL E 206 14.56 26.95 44.84
C VAL E 206 13.37 26.08 44.45
N THR E 207 12.39 25.96 45.35
CA THR E 207 11.20 25.17 45.10
C THR E 207 9.96 26.07 45.10
N LYS E 208 9.14 25.92 44.07
CA LYS E 208 7.84 26.56 43.99
C LYS E 208 6.79 25.46 43.95
N SER E 209 5.79 25.56 44.83
CA SER E 209 4.83 24.48 44.98
C SER E 209 3.44 25.04 45.27
N PHE E 210 2.44 24.21 45.00
CA PHE E 210 1.06 24.55 45.32
C PHE E 210 0.35 23.29 45.79
N ASN E 211 -0.67 23.49 46.62
CA ASN E 211 -1.59 22.42 46.96
C ASN E 211 -2.73 22.42 45.96
N ARG E 212 -3.08 21.23 45.48
CA ARG E 212 -4.17 21.13 44.52
C ARG E 212 -5.46 21.69 45.11
N GLY E 213 -6.01 22.71 44.44
CA GLY E 213 -7.25 23.30 44.88
C GLY E 213 -7.15 24.54 45.73
N GLU E 214 -6.01 25.24 45.74
CA GLU E 214 -5.87 26.41 46.60
C GLU E 214 -5.55 27.69 45.85
N CYS E 215 -6.35 28.01 44.83
CA CYS E 215 -6.30 29.31 44.15
C CYS E 215 -4.91 29.80 43.81
N PRO F 2 33.37 7.92 -21.54
CA PRO F 2 34.34 7.41 -20.56
C PRO F 2 35.32 8.49 -20.11
N SER F 3 34.80 9.60 -19.59
CA SER F 3 35.65 10.72 -19.23
C SER F 3 36.49 10.40 -18.00
N LYS F 4 37.55 11.19 -17.81
CA LYS F 4 38.40 11.03 -16.64
C LYS F 4 37.62 11.28 -15.36
N ARG F 5 36.72 12.27 -15.37
CA ARG F 5 35.87 12.54 -14.22
C ARG F 5 35.04 11.31 -13.86
N SER F 6 34.55 10.59 -14.88
CA SER F 6 33.69 9.44 -14.63
C SER F 6 34.43 8.32 -13.89
N PHE F 7 35.64 7.99 -14.36
CA PHE F 7 36.38 6.91 -13.71
C PHE F 7 36.85 7.29 -12.32
N ILE F 8 37.30 8.52 -12.13
CA ILE F 8 37.73 8.94 -10.79
C ILE F 8 36.57 8.85 -9.81
N GLU F 9 35.35 9.19 -10.26
CA GLU F 9 34.19 8.98 -9.42
C GLU F 9 33.96 7.49 -9.16
N ASP F 10 34.21 6.65 -10.16
CA ASP F 10 34.15 5.20 -9.93
C ASP F 10 35.16 4.77 -8.89
N LEU F 11 36.38 5.31 -8.95
CA LEU F 11 37.42 4.95 -7.99
C LEU F 11 37.09 5.45 -6.59
N LEU F 12 36.60 6.68 -6.48
CA LEU F 12 36.33 7.25 -5.16
C LEU F 12 35.12 6.61 -4.50
N PHE F 13 34.06 6.35 -5.28
CA PHE F 13 32.83 5.79 -4.70
C PHE F 13 33.00 4.33 -4.31
N ASN F 14 33.90 3.61 -4.96
CA ASN F 14 34.12 2.19 -4.67
C ASN F 14 35.49 1.93 -4.06
N LYS F 15 36.17 2.96 -3.57
CA LYS F 15 37.53 2.83 -3.03
C LYS F 15 37.60 1.77 -1.93
N GLN G 1 -0.31 18.26 3.75
CA GLN G 1 -0.25 17.37 2.59
C GLN G 1 -1.58 17.29 1.87
N VAL G 2 -2.26 18.43 1.75
CA VAL G 2 -3.51 18.48 1.00
C VAL G 2 -3.19 18.29 -0.48
N GLN G 3 -3.79 17.27 -1.09
CA GLN G 3 -3.41 16.92 -2.45
C GLN G 3 -4.54 16.19 -3.14
N LEU G 4 -4.52 16.25 -4.47
CA LEU G 4 -5.33 15.39 -5.33
C LEU G 4 -4.36 14.57 -6.16
N VAL G 5 -4.45 13.24 -6.02
CA VAL G 5 -3.55 12.31 -6.71
C VAL G 5 -4.37 11.54 -7.74
N GLN G 6 -3.95 11.62 -8.99
CA GLN G 6 -4.68 11.02 -10.10
C GLN G 6 -4.06 9.68 -10.51
N SER G 7 -4.92 8.77 -10.96
CA SER G 7 -4.52 7.48 -11.52
C SER G 7 -5.33 7.20 -12.78
N GLY G 8 -4.82 6.29 -13.59
CA GLY G 8 -5.48 5.89 -14.82
C GLY G 8 -4.96 6.64 -16.03
N GLY G 9 -5.72 6.54 -17.12
CA GLY G 9 -5.32 7.15 -18.36
C GLY G 9 -4.48 6.24 -19.22
N GLY G 10 -4.10 6.75 -20.38
CA GLY G 10 -3.26 6.03 -21.30
C GLY G 10 -3.71 6.24 -22.73
N VAL G 11 -3.28 5.34 -23.61
CA VAL G 11 -3.53 5.44 -25.04
C VAL G 11 -4.53 4.38 -25.45
N VAL G 12 -5.62 4.79 -26.11
CA VAL G 12 -6.69 3.91 -26.54
C VAL G 12 -7.11 4.28 -27.96
N GLN G 13 -7.72 3.31 -28.64
CA GLN G 13 -8.31 3.51 -29.95
C GLN G 13 -9.71 4.12 -29.83
N PRO G 14 -10.20 4.76 -30.90
CA PRO G 14 -11.54 5.35 -30.86
C PRO G 14 -12.63 4.32 -30.60
N GLY G 15 -13.59 4.72 -29.78
CA GLY G 15 -14.70 3.85 -29.41
C GLY G 15 -14.48 3.03 -28.16
N GLU G 16 -13.28 3.02 -27.60
CA GLU G 16 -13.00 2.28 -26.39
C GLU G 16 -13.29 3.14 -25.17
N SER G 17 -13.15 2.55 -23.99
CA SER G 17 -13.47 3.18 -22.72
C SER G 17 -12.23 3.30 -21.86
N LEU G 18 -12.13 4.41 -21.13
CA LEU G 18 -11.02 4.65 -20.22
C LEU G 18 -11.58 5.21 -18.93
N ARG G 19 -10.97 4.85 -17.80
CA ARG G 19 -11.44 5.29 -16.49
C ARG G 19 -10.34 6.07 -15.78
N LEU G 20 -10.69 7.25 -15.27
CA LEU G 20 -9.77 8.08 -14.50
C LEU G 20 -10.22 8.14 -13.05
N SER G 21 -9.25 8.10 -12.14
CA SER G 21 -9.50 8.20 -10.71
C SER G 21 -8.70 9.36 -10.14
N CYS G 22 -9.30 10.06 -9.18
CA CYS G 22 -8.67 11.20 -8.48
C CYS G 22 -8.93 11.06 -6.99
N SER G 23 -7.89 10.80 -6.21
CA SER G 23 -8.01 10.56 -4.77
C SER G 23 -7.54 11.79 -4.00
N GLY G 24 -8.37 12.24 -3.07
CA GLY G 24 -8.08 13.41 -2.28
C GLY G 24 -7.64 13.07 -0.87
N SER G 25 -6.83 13.94 -0.28
CA SER G 25 -6.41 13.79 1.11
C SER G 25 -6.15 15.17 1.70
N GLY G 26 -6.40 15.30 3.00
CA GLY G 26 -6.12 16.53 3.71
C GLY G 26 -7.22 17.56 3.73
N PHE G 27 -8.38 17.26 3.15
CA PHE G 27 -9.53 18.16 3.22
C PHE G 27 -10.80 17.31 3.30
N THR G 28 -11.89 17.95 3.73
CA THR G 28 -13.16 17.25 3.93
C THR G 28 -13.81 17.02 2.57
N PHE G 29 -13.57 15.85 1.98
CA PHE G 29 -13.95 15.57 0.60
C PHE G 29 -15.45 15.74 0.37
N ASN G 30 -16.28 15.25 1.31
CA ASN G 30 -17.73 15.22 1.15
CA ASN G 30 -17.73 15.22 1.07
C ASN G 30 -18.38 16.60 1.14
N ASN G 31 -17.62 17.67 1.45
CA ASN G 31 -18.21 19.00 1.46
C ASN G 31 -18.19 19.69 0.11
N TYR G 32 -17.29 19.29 -0.79
CA TYR G 32 -16.99 20.08 -1.97
C TYR G 32 -17.53 19.45 -3.25
N ILE G 33 -18.01 20.32 -4.13
CA ILE G 33 -18.24 19.93 -5.52
C ILE G 33 -16.89 19.65 -6.17
N MET G 34 -16.84 18.62 -7.01
CA MET G 34 -15.60 18.21 -7.67
C MET G 34 -15.78 18.31 -9.18
N HIS G 35 -14.69 18.65 -9.88
CA HIS G 35 -14.73 18.88 -11.31
C HIS G 35 -13.62 18.13 -12.03
N TRP G 36 -13.86 17.86 -13.32
CA TRP G 36 -12.86 17.38 -14.25
C TRP G 36 -12.71 18.42 -15.34
N VAL G 37 -11.48 18.85 -15.62
CA VAL G 37 -11.18 19.76 -16.73
C VAL G 37 -10.05 19.16 -17.55
N ARG G 38 -10.09 19.38 -18.87
CA ARG G 38 -9.10 18.83 -19.77
C ARG G 38 -8.42 19.93 -20.58
N GLN G 39 -7.14 19.72 -20.88
CA GLN G 39 -6.34 20.65 -21.66
C GLN G 39 -5.68 19.89 -22.80
N ALA G 40 -6.16 20.12 -24.02
CA ALA G 40 -5.52 19.51 -25.18
C ALA G 40 -4.13 20.12 -25.40
N PRO G 41 -3.20 19.36 -26.01
CA PRO G 41 -1.83 19.88 -26.18
C PRO G 41 -1.79 21.23 -26.89
N GLY G 42 -1.18 22.22 -26.24
CA GLY G 42 -1.11 23.57 -26.77
C GLY G 42 -2.40 24.34 -26.75
N GLN G 43 -3.41 23.87 -26.03
CA GLN G 43 -4.75 24.46 -26.03
C GLN G 43 -5.07 25.00 -24.64
N GLY G 44 -6.27 25.59 -24.53
CA GLY G 44 -6.76 26.09 -23.27
C GLY G 44 -7.41 25.03 -22.40
N LEU G 45 -7.94 25.49 -21.26
CA LEU G 45 -8.64 24.61 -20.34
C LEU G 45 -10.10 24.47 -20.72
N ASP G 46 -10.59 23.24 -20.75
CA ASP G 46 -11.94 22.92 -21.20
C ASP G 46 -12.69 22.19 -20.10
N TYR G 47 -13.94 22.60 -19.87
CA TYR G 47 -14.74 22.00 -18.81
C TYR G 47 -15.25 20.63 -19.25
N VAL G 48 -15.07 19.62 -18.40
CA VAL G 48 -15.54 18.28 -18.72
C VAL G 48 -16.78 17.95 -17.89
N SER G 49 -16.63 17.85 -16.58
CA SER G 49 -17.74 17.39 -15.77
C SER G 49 -17.60 17.89 -14.34
N GLY G 50 -18.73 17.94 -13.64
CA GLY G 50 -18.74 18.34 -12.24
C GLY G 50 -19.76 17.52 -11.49
N ILE G 51 -19.48 17.29 -10.20
CA ILE G 51 -20.32 16.43 -9.35
C ILE G 51 -20.62 17.12 -8.02
N GLY G 52 -21.86 17.00 -7.57
CA GLY G 52 -22.25 17.50 -6.26
C GLY G 52 -21.60 16.75 -5.13
N SER G 53 -21.71 17.33 -3.92
CA SER G 53 -21.03 16.77 -2.75
C SER G 53 -21.47 15.33 -2.48
N ASP G 54 -22.78 15.05 -2.50
CA ASP G 54 -23.22 13.67 -2.29
C ASP G 54 -23.08 12.82 -3.55
N GLY G 55 -23.00 13.44 -4.73
CA GLY G 55 -22.97 12.71 -5.98
C GLY G 55 -24.30 12.64 -6.70
N ARG G 56 -25.37 13.17 -6.10
CA ARG G 56 -26.69 13.10 -6.72
C ARG G 56 -26.84 14.06 -7.89
N ASN G 57 -26.07 15.16 -7.90
CA ASN G 57 -26.14 16.15 -8.95
C ASN G 57 -24.88 16.14 -9.80
N THR G 58 -25.04 16.14 -11.11
CA THR G 58 -23.93 16.13 -12.06
C THR G 58 -24.20 17.06 -13.22
N ASN G 59 -23.14 17.66 -13.76
CA ASN G 59 -23.21 18.41 -15.00
C ASN G 59 -22.05 17.98 -15.90
N TYR G 60 -22.19 18.23 -17.20
CA TYR G 60 -21.18 17.81 -18.17
C TYR G 60 -20.97 18.90 -19.22
N GLY G 61 -19.76 18.93 -19.78
CA GLY G 61 -19.55 19.72 -20.97
C GLY G 61 -20.28 19.11 -22.16
N ASP G 62 -20.72 19.97 -23.08
CA ASP G 62 -21.52 19.50 -24.21
C ASP G 62 -20.77 18.46 -25.03
N SER G 63 -19.44 18.61 -25.15
CA SER G 63 -18.67 17.70 -25.98
C SER G 63 -18.67 16.27 -25.43
N VAL G 64 -18.85 16.11 -24.11
CA VAL G 64 -18.77 14.81 -23.48
C VAL G 64 -20.11 14.29 -23.00
N LYS G 65 -21.20 15.02 -23.24
CA LYS G 65 -22.50 14.60 -22.75
C LYS G 65 -22.92 13.29 -23.39
N GLY G 66 -23.47 12.39 -22.57
CA GLY G 66 -23.93 11.10 -23.04
C GLY G 66 -22.85 10.05 -23.18
N ARG G 67 -21.57 10.45 -23.14
CA ARG G 67 -20.46 9.51 -23.27
C ARG G 67 -19.64 9.39 -22.00
N PHE G 68 -19.61 10.43 -21.18
CA PHE G 68 -18.82 10.49 -19.97
C PHE G 68 -19.75 10.45 -18.76
N THR G 69 -19.28 9.81 -17.70
CA THR G 69 -20.03 9.75 -16.46
C THR G 69 -19.09 10.06 -15.31
N ILE G 70 -19.44 11.07 -14.52
CA ILE G 70 -18.66 11.45 -13.34
C ILE G 70 -19.31 10.80 -12.13
N SER G 71 -18.49 10.31 -11.21
CA SER G 71 -18.97 9.69 -9.99
C SER G 71 -17.92 9.88 -8.91
N ARG G 72 -18.37 9.79 -7.66
CA ARG G 72 -17.48 9.88 -6.51
C ARG G 72 -17.81 8.78 -5.51
N ASP G 73 -16.78 8.32 -4.80
CA ASP G 73 -16.90 7.42 -3.66
C ASP G 73 -16.34 8.15 -2.45
N ASN G 74 -17.23 8.68 -1.61
CA ASN G 74 -16.78 9.48 -0.47
C ASN G 74 -16.08 8.64 0.59
N SER G 75 -16.44 7.35 0.72
CA SER G 75 -15.77 6.50 1.68
C SER G 75 -14.28 6.36 1.36
N LYS G 76 -13.91 6.52 0.09
CA LYS G 76 -12.52 6.46 -0.34
C LYS G 76 -11.92 7.81 -0.70
N ASP G 77 -12.70 8.89 -0.56
CA ASP G 77 -12.27 10.23 -0.97
C ASP G 77 -11.75 10.24 -2.40
N THR G 78 -12.46 9.54 -3.29
CA THR G 78 -11.99 9.34 -4.64
C THR G 78 -13.03 9.83 -5.64
N LEU G 79 -12.56 10.57 -6.63
CA LEU G 79 -13.37 11.07 -7.73
C LEU G 79 -13.05 10.24 -8.98
N TYR G 80 -14.08 9.93 -9.76
CA TYR G 80 -13.95 9.07 -10.93
C TYR G 80 -14.50 9.75 -12.18
N LEU G 81 -13.86 9.49 -13.31
CA LEU G 81 -14.40 9.87 -14.61
C LEU G 81 -14.44 8.61 -15.49
N GLN G 82 -15.63 8.26 -15.95
CA GLN G 82 -15.82 7.10 -16.81
C GLN G 82 -16.04 7.61 -18.23
N MET G 83 -15.13 7.25 -19.13
CA MET G 83 -15.16 7.73 -20.50
C MET G 83 -15.51 6.57 -21.42
N THR G 84 -16.57 6.74 -22.21
CA THR G 84 -16.99 5.76 -23.20
C THR G 84 -17.16 6.44 -24.55
N SER G 85 -17.14 5.63 -25.61
CA SER G 85 -17.23 6.11 -26.99
C SER G 85 -16.19 7.20 -27.25
N LEU G 86 -14.96 6.96 -26.80
CA LEU G 86 -13.91 7.97 -26.90
C LEU G 86 -13.63 8.31 -28.36
N ARG G 87 -13.34 9.57 -28.61
CA ARG G 87 -13.00 10.09 -29.93
C ARG G 87 -11.61 10.70 -29.89
N ALA G 88 -11.05 10.92 -31.07
CA ALA G 88 -9.75 11.57 -31.15
C ALA G 88 -9.76 12.94 -30.48
N GLU G 89 -10.86 13.69 -30.61
CA GLU G 89 -10.97 15.00 -29.99
C GLU G 89 -10.88 14.94 -28.47
N ASP G 90 -11.16 13.78 -27.87
CA ASP G 90 -11.03 13.64 -26.42
C ASP G 90 -9.57 13.56 -25.96
N THR G 91 -8.62 13.52 -26.88
CA THR G 91 -7.21 13.53 -26.54
C THR G 91 -6.85 14.81 -25.81
N ALA G 92 -6.39 14.69 -24.57
CA ALA G 92 -6.06 15.86 -23.75
C ALA G 92 -5.33 15.40 -22.50
N PHE G 93 -4.82 16.37 -21.76
CA PHE G 93 -4.29 16.17 -20.42
C PHE G 93 -5.43 16.49 -19.44
N TYR G 94 -5.88 15.49 -18.69
CA TYR G 94 -7.08 15.62 -17.87
C TYR G 94 -6.72 15.93 -16.42
N TYR G 95 -7.36 16.98 -15.88
CA TYR G 95 -7.16 17.44 -14.51
C TYR G 95 -8.43 17.25 -13.68
N CYS G 96 -8.25 16.85 -12.43
CA CYS G 96 -9.31 16.95 -11.42
C CYS G 96 -9.02 18.14 -10.52
N VAL G 97 -10.05 18.91 -10.22
CA VAL G 97 -9.90 20.11 -9.41
C VAL G 97 -10.94 20.10 -8.30
N LYS G 98 -10.52 20.42 -7.07
CA LYS G 98 -11.44 20.63 -5.97
C LYS G 98 -12.26 21.89 -6.23
N GLY G 99 -13.57 21.78 -6.09
CA GLY G 99 -14.48 22.88 -6.35
C GLY G 99 -14.93 23.56 -5.07
N LEU G 100 -16.11 24.19 -5.16
CA LEU G 100 -16.64 25.00 -4.08
C LEU G 100 -17.56 24.18 -3.18
N ASP G 101 -17.46 24.42 -1.88
CA ASP G 101 -18.52 24.01 -0.96
C ASP G 101 -19.71 24.95 -1.19
N VAL G 102 -20.86 24.39 -1.55
CA VAL G 102 -21.99 25.21 -1.99
C VAL G 102 -22.44 26.19 -0.91
N LEU G 103 -22.12 25.93 0.36
CA LEU G 103 -22.46 26.89 1.41
C LEU G 103 -21.64 28.17 1.32
N ARG G 104 -20.56 28.20 0.54
CA ARG G 104 -19.72 29.38 0.41
C ARG G 104 -19.92 30.09 -0.92
N PHE G 105 -21.12 29.95 -1.52
CA PHE G 105 -21.38 30.55 -2.82
C PHE G 105 -21.18 32.06 -2.81
N LEU G 106 -21.44 32.72 -1.69
CA LEU G 106 -21.26 34.16 -1.61
C LEU G 106 -19.80 34.56 -1.81
N ASP G 107 -18.87 33.67 -1.46
CA ASP G 107 -17.45 34.01 -1.61
C ASP G 107 -17.08 34.31 -3.07
N LEU G 108 -17.81 33.74 -4.03
CA LEU G 108 -17.51 34.01 -5.44
C LEU G 108 -17.72 35.47 -5.80
N SER G 109 -18.77 36.09 -5.26
CA SER G 109 -19.05 37.48 -5.60
C SER G 109 -18.83 38.45 -4.45
N THR G 110 -18.93 38.00 -3.20
CA THR G 110 -18.78 38.86 -2.03
C THR G 110 -17.90 38.12 -1.04
N PRO G 111 -16.58 38.22 -1.22
CA PRO G 111 -15.65 37.46 -0.36
C PRO G 111 -15.78 37.88 1.10
N SER G 112 -15.79 36.89 1.98
CA SER G 112 -15.90 37.12 3.40
C SER G 112 -14.69 36.65 4.20
N GLY G 113 -13.95 35.65 3.71
CA GLY G 113 -12.82 35.10 4.42
C GLY G 113 -11.49 35.46 3.79
N GLU G 114 -10.43 34.99 4.43
CA GLU G 114 -9.08 35.26 3.96
C GLU G 114 -8.76 34.55 2.65
N ARG G 115 -9.43 33.44 2.35
CA ARG G 115 -9.12 32.65 1.17
C ARG G 115 -10.40 32.10 0.55
N LEU G 116 -10.29 31.70 -0.70
CA LEU G 116 -11.37 31.00 -1.39
C LEU G 116 -11.12 29.50 -1.27
N ASP G 117 -12.03 28.81 -0.60
CA ASP G 117 -11.90 27.37 -0.38
C ASP G 117 -12.37 26.59 -1.61
N ALA G 118 -11.88 26.96 -2.79
CA ALA G 118 -12.27 26.33 -4.04
C ALA G 118 -11.19 26.56 -5.08
N PHE G 119 -11.00 25.57 -5.96
CA PHE G 119 -10.00 25.62 -7.03
C PHE G 119 -8.59 25.76 -6.48
N ASP G 120 -8.41 25.40 -5.21
CA ASP G 120 -7.16 25.50 -4.49
C ASP G 120 -6.33 24.22 -4.54
N ILE G 121 -6.94 23.08 -4.86
CA ILE G 121 -6.24 21.81 -4.98
C ILE G 121 -6.51 21.25 -6.36
N TRP G 122 -5.44 20.89 -7.07
CA TRP G 122 -5.53 20.32 -8.40
C TRP G 122 -4.77 19.00 -8.41
N GLY G 123 -5.23 18.07 -9.24
CA GLY G 123 -4.48 16.85 -9.45
C GLY G 123 -3.24 17.10 -10.31
N GLN G 124 -2.32 16.14 -10.28
CA GLN G 124 -1.10 16.27 -11.07
C GLN G 124 -1.37 16.22 -12.57
N GLY G 125 -2.48 15.65 -12.98
CA GLY G 125 -2.85 15.59 -14.38
C GLY G 125 -2.64 14.19 -14.95
N THR G 126 -3.43 13.86 -15.96
CA THR G 126 -3.37 12.55 -16.58
C THR G 126 -3.51 12.68 -18.08
N MET G 127 -2.61 12.03 -18.82
CA MET G 127 -2.65 12.10 -20.28
C MET G 127 -3.62 11.06 -20.82
N VAL G 128 -4.48 11.47 -21.74
CA VAL G 128 -5.41 10.58 -22.42
C VAL G 128 -5.21 10.79 -23.93
N THR G 129 -4.85 9.72 -24.64
CA THR G 129 -4.66 9.78 -26.08
C THR G 129 -5.60 8.78 -26.77
N VAL G 130 -6.44 9.30 -27.66
CA VAL G 130 -7.40 8.49 -28.42
C VAL G 130 -7.01 8.58 -29.89
N SER G 131 -6.61 7.45 -30.47
CA SER G 131 -6.14 7.43 -31.86
C SER G 131 -6.38 6.07 -32.49
N SER G 132 -6.66 6.09 -33.79
CA SER G 132 -6.73 4.84 -34.56
C SER G 132 -5.37 4.18 -34.70
N ALA G 133 -4.29 4.93 -34.48
CA ALA G 133 -2.95 4.41 -34.64
C ALA G 133 -2.66 3.31 -33.62
N SER G 134 -1.69 2.48 -33.94
CA SER G 134 -1.18 1.45 -33.06
C SER G 134 0.29 1.71 -32.77
N THR G 135 0.82 1.05 -31.75
CA THR G 135 2.21 1.23 -31.35
C THR G 135 3.16 0.95 -32.52
N LYS G 136 4.07 1.90 -32.78
CA LYS G 136 5.02 1.78 -33.88
C LYS G 136 6.30 2.51 -33.51
N GLY G 137 7.43 1.82 -33.70
CA GLY G 137 8.73 2.39 -33.42
C GLY G 137 9.16 3.40 -34.46
N PRO G 138 10.01 4.34 -34.05
CA PRO G 138 10.45 5.38 -34.97
C PRO G 138 11.53 4.91 -35.93
N SER G 139 11.53 5.52 -37.11
CA SER G 139 12.62 5.41 -38.06
C SER G 139 13.48 6.66 -37.88
N VAL G 140 14.76 6.47 -37.64
CA VAL G 140 15.67 7.57 -37.32
C VAL G 140 16.48 7.87 -38.57
N PHE G 141 16.28 9.06 -39.13
CA PHE G 141 16.97 9.51 -40.32
C PHE G 141 17.90 10.67 -39.99
N PRO G 142 19.10 10.69 -40.55
CA PRO G 142 20.05 11.76 -40.22
C PRO G 142 19.69 13.06 -40.92
N LEU G 143 20.03 14.15 -40.26
CA LEU G 143 20.01 15.49 -40.86
C LEU G 143 21.48 15.87 -41.00
N ALA G 144 22.08 15.54 -42.14
CA ALA G 144 23.54 15.72 -42.33
C ALA G 144 23.99 17.17 -42.32
N PRO G 145 25.16 17.48 -41.75
CA PRO G 145 25.67 18.83 -41.81
C PRO G 145 26.47 18.95 -43.11
N SER G 146 25.98 19.81 -43.99
CA SER G 146 26.70 20.00 -45.24
C SER G 146 27.35 21.36 -45.22
N SER G 147 26.68 22.38 -44.66
CA SER G 147 27.02 23.80 -44.87
C SER G 147 25.75 24.57 -45.26
N GLY G 153 31.31 29.75 -38.90
CA GLY G 153 32.11 28.86 -38.11
C GLY G 153 31.33 27.81 -37.33
N THR G 154 30.01 27.81 -37.47
CA THR G 154 29.15 26.87 -36.78
C THR G 154 28.32 26.09 -37.79
N ALA G 155 28.19 24.78 -37.54
CA ALA G 155 27.41 23.90 -38.41
C ALA G 155 26.26 23.30 -37.63
N ALA G 156 25.14 23.09 -38.33
CA ALA G 156 23.94 22.51 -37.75
C ALA G 156 23.76 21.09 -38.27
N LEU G 157 23.44 20.17 -37.37
CA LEU G 157 23.18 18.78 -37.72
C LEU G 157 22.10 18.25 -36.79
N GLY G 158 21.46 17.17 -37.21
CA GLY G 158 20.41 16.62 -36.37
C GLY G 158 19.96 15.26 -36.82
N CYS G 159 18.84 14.82 -36.21
CA CYS G 159 18.21 13.55 -36.51
C CYS G 159 16.70 13.77 -36.67
N LEU G 160 16.11 13.04 -37.61
CA LEU G 160 14.69 13.12 -37.87
C LEU G 160 14.07 11.83 -37.34
N VAL G 161 13.34 11.94 -36.24
CA VAL G 161 12.65 10.81 -35.62
C VAL G 161 11.23 10.77 -36.17
N LYS G 162 10.94 9.81 -37.04
CA LYS G 162 9.72 9.88 -37.84
C LYS G 162 8.85 8.63 -37.70
N ASP G 163 7.54 8.84 -37.78
CA ASP G 163 6.52 7.78 -37.86
C ASP G 163 6.55 6.83 -36.66
N TYR G 164 6.42 7.39 -35.47
CA TYR G 164 6.31 6.63 -34.24
C TYR G 164 4.99 6.92 -33.52
N PHE G 165 4.43 5.90 -32.90
CA PHE G 165 3.26 6.03 -32.04
C PHE G 165 3.40 5.13 -30.81
N PRO G 166 2.98 5.60 -29.63
CA PRO G 166 2.59 6.98 -29.34
C PRO G 166 3.74 7.76 -28.72
N GLU G 167 3.46 8.96 -28.22
CA GLU G 167 4.46 9.71 -27.47
C GLU G 167 4.78 9.00 -26.16
N PRO G 168 5.98 9.19 -25.60
CA PRO G 168 7.02 10.09 -26.11
C PRO G 168 8.24 9.36 -26.64
N VAL G 169 9.22 10.14 -27.11
CA VAL G 169 10.54 9.65 -27.45
C VAL G 169 11.55 10.54 -26.74
N THR G 170 12.67 9.95 -26.34
CA THR G 170 13.75 10.68 -25.70
C THR G 170 14.96 10.67 -26.63
N VAL G 171 15.53 11.84 -26.87
CA VAL G 171 16.65 12.01 -27.77
C VAL G 171 17.82 12.59 -27.00
N SER G 172 18.97 11.92 -27.08
CA SER G 172 20.22 12.40 -26.51
C SER G 172 21.30 12.37 -27.58
N TRP G 173 22.34 13.18 -27.38
CA TRP G 173 23.44 13.28 -28.34
C TRP G 173 24.73 12.80 -27.69
N ASN G 174 25.40 11.83 -28.34
CA ASN G 174 26.65 11.26 -27.85
C ASN G 174 26.51 10.76 -26.41
N SER G 175 25.38 10.10 -26.13
CA SER G 175 25.09 9.55 -24.81
C SER G 175 25.18 10.62 -23.73
N GLY G 176 24.65 11.81 -24.02
CA GLY G 176 24.63 12.88 -23.06
C GLY G 176 25.91 13.69 -22.96
N ALA G 177 26.97 13.31 -23.69
CA ALA G 177 28.21 14.08 -23.63
C ALA G 177 28.06 15.41 -24.36
N LEU G 178 27.22 15.46 -25.39
CA LEU G 178 26.94 16.68 -26.14
C LEU G 178 25.58 17.18 -25.71
N THR G 179 25.54 18.32 -25.04
CA THR G 179 24.29 18.92 -24.60
C THR G 179 24.13 20.37 -24.98
N SER G 180 25.21 21.10 -25.25
CA SER G 180 25.12 22.51 -25.62
C SER G 180 24.75 22.64 -27.08
N GLY G 181 23.89 23.61 -27.38
CA GLY G 181 23.42 23.84 -28.74
C GLY G 181 22.36 22.87 -29.21
N VAL G 182 21.98 21.89 -28.40
CA VAL G 182 20.96 20.92 -28.77
C VAL G 182 19.58 21.55 -28.64
N HIS G 183 18.75 21.39 -29.67
CA HIS G 183 17.35 21.80 -29.64
C HIS G 183 16.52 20.58 -30.05
N THR G 184 15.80 20.00 -29.09
CA THR G 184 14.88 18.89 -29.37
C THR G 184 13.46 19.46 -29.44
N PHE G 185 12.89 19.47 -30.64
CA PHE G 185 11.64 20.16 -30.89
C PHE G 185 10.44 19.34 -30.47
N PRO G 186 9.30 19.99 -30.22
CA PRO G 186 8.07 19.24 -29.95
C PRO G 186 7.67 18.43 -31.17
N ALA G 187 7.21 17.21 -30.92
CA ALA G 187 6.74 16.38 -32.01
C ALA G 187 5.48 16.97 -32.63
N VAL G 188 5.21 16.60 -33.87
CA VAL G 188 3.98 16.99 -34.54
C VAL G 188 3.25 15.71 -34.91
N LEU G 189 1.91 15.78 -34.93
CA LEU G 189 1.07 14.65 -35.30
C LEU G 189 0.74 14.75 -36.79
N GLN G 190 1.24 13.81 -37.57
CA GLN G 190 1.00 13.85 -39.01
C GLN G 190 -0.42 13.39 -39.31
N SER G 191 -0.86 13.65 -40.55
CA SER G 191 -2.18 13.20 -40.96
C SER G 191 -2.29 11.68 -40.94
N SER G 192 -1.15 10.98 -40.99
CA SER G 192 -1.14 9.53 -40.89
C SER G 192 -1.55 9.04 -39.51
N GLY G 193 -1.52 9.90 -38.49
CA GLY G 193 -1.72 9.49 -37.13
C GLY G 193 -0.46 9.14 -36.38
N LEU G 194 0.70 9.30 -37.00
CA LEU G 194 1.98 9.04 -36.38
C LEU G 194 2.70 10.34 -36.09
N TYR G 195 3.50 10.35 -35.03
CA TYR G 195 4.21 11.54 -34.61
C TYR G 195 5.55 11.64 -35.33
N SER G 196 6.04 12.86 -35.48
CA SER G 196 7.35 13.11 -36.07
C SER G 196 8.07 14.19 -35.29
N LEU G 197 9.32 13.91 -34.93
CA LEU G 197 10.12 14.79 -34.09
C LEU G 197 11.48 15.01 -34.74
N SER G 198 12.02 16.21 -34.56
CA SER G 198 13.36 16.55 -35.01
C SER G 198 14.18 17.03 -33.83
N SER G 199 15.46 16.66 -33.81
CA SER G 199 16.41 17.10 -32.80
C SER G 199 17.68 17.54 -33.52
N VAL G 200 18.06 18.80 -33.34
CA VAL G 200 19.21 19.37 -34.01
C VAL G 200 20.20 19.89 -32.98
N VAL G 201 21.45 20.01 -33.41
CA VAL G 201 22.51 20.59 -32.58
C VAL G 201 23.44 21.40 -33.48
N THR G 202 23.88 22.55 -32.98
CA THR G 202 24.86 23.37 -33.68
C THR G 202 26.23 23.11 -33.05
N VAL G 203 27.22 22.83 -33.90
CA VAL G 203 28.56 22.49 -33.45
C VAL G 203 29.57 23.32 -34.23
N PRO G 204 30.79 23.45 -33.71
CA PRO G 204 31.83 24.14 -34.49
C PRO G 204 32.11 23.42 -35.80
N SER G 205 32.27 24.21 -36.87
CA SER G 205 32.55 23.63 -38.18
C SER G 205 33.86 22.84 -38.16
N SER G 206 34.84 23.29 -37.38
CA SER G 206 36.11 22.59 -37.32
C SER G 206 35.95 21.16 -36.80
N SER G 207 34.97 20.92 -35.95
CA SER G 207 34.81 19.60 -35.33
C SER G 207 34.26 18.53 -36.29
N LEU G 208 33.70 18.93 -37.45
CA LEU G 208 33.03 17.94 -38.31
C LEU G 208 33.98 16.84 -38.75
N GLY G 209 35.21 17.20 -39.11
CA GLY G 209 36.19 16.20 -39.47
C GLY G 209 36.66 15.38 -38.28
N THR G 210 36.77 16.03 -37.12
CA THR G 210 37.30 15.37 -35.92
C THR G 210 36.24 14.58 -35.16
N GLN G 211 35.12 15.21 -34.84
CA GLN G 211 34.17 14.71 -33.85
C GLN G 211 33.03 13.93 -34.49
N THR G 212 32.74 12.76 -33.92
CA THR G 212 31.59 11.96 -34.34
C THR G 212 30.37 12.33 -33.50
N TYR G 213 29.23 12.50 -34.19
CA TYR G 213 27.99 12.89 -33.54
C TYR G 213 26.96 11.80 -33.73
N ILE G 214 26.44 11.27 -32.62
CA ILE G 214 25.43 10.23 -32.65
C ILE G 214 24.26 10.68 -31.80
N CYS G 215 23.06 10.57 -32.35
CA CYS G 215 21.84 10.85 -31.61
C CYS G 215 21.28 9.52 -31.12
N ASN G 216 20.93 9.47 -29.84
CA ASN G 216 20.39 8.26 -29.22
C ASN G 216 18.91 8.47 -29.01
N VAL G 217 18.11 7.68 -29.72
CA VAL G 217 16.66 7.80 -29.70
C VAL G 217 16.09 6.58 -28.99
N ASN G 218 15.27 6.82 -27.97
CA ASN G 218 14.61 5.75 -27.26
C ASN G 218 13.10 5.96 -27.34
N HIS G 219 12.40 4.88 -27.66
CA HIS G 219 10.94 4.89 -27.69
C HIS G 219 10.49 3.71 -26.84
N LYS G 220 10.14 4.00 -25.58
CA LYS G 220 9.80 2.95 -24.63
C LYS G 220 8.54 2.16 -25.00
N PRO G 221 7.47 2.75 -25.53
CA PRO G 221 6.28 1.92 -25.85
C PRO G 221 6.57 0.79 -26.81
N SER G 222 7.44 1.01 -27.79
CA SER G 222 7.82 -0.04 -28.74
C SER G 222 9.12 -0.75 -28.37
N ASN G 223 9.79 -0.33 -27.28
CA ASN G 223 11.06 -0.91 -26.85
C ASN G 223 12.16 -0.67 -27.89
N THR G 224 12.05 0.43 -28.64
CA THR G 224 12.97 0.74 -29.72
C THR G 224 14.09 1.64 -29.21
N LYS G 225 15.33 1.19 -29.40
CA LYS G 225 16.52 1.99 -29.09
C LYS G 225 17.39 2.07 -30.34
N VAL G 226 17.53 3.27 -30.88
CA VAL G 226 18.30 3.50 -32.11
C VAL G 226 19.37 4.54 -31.84
N ASP G 227 20.62 4.22 -32.15
CA ASP G 227 21.72 5.17 -32.13
C ASP G 227 22.14 5.41 -33.58
N LYS G 228 22.00 6.65 -34.04
CA LYS G 228 22.24 6.98 -35.45
C LYS G 228 23.39 7.97 -35.52
N ARG G 229 24.44 7.58 -36.25
CA ARG G 229 25.56 8.48 -36.50
C ARG G 229 25.20 9.43 -37.62
N VAL G 230 25.43 10.71 -37.41
CA VAL G 230 25.17 11.73 -38.42
C VAL G 230 26.50 12.06 -39.07
N GLU G 231 26.66 11.61 -40.32
CA GLU G 231 27.97 11.76 -41.02
C GLU G 231 27.95 13.00 -41.91
N PRO G 232 29.04 13.85 -41.94
CA PRO G 232 29.11 15.00 -42.82
C PRO G 232 28.95 14.70 -44.32
N LYS G 233 27.91 15.28 -44.93
N LYS G 233 27.89 15.24 -44.92
CA LYS G 233 27.64 15.01 -46.37
CA LYS G 233 27.64 15.02 -46.37
C LYS G 233 28.70 15.64 -47.27
C LYS G 233 28.72 15.63 -47.26
N SER G 234 29.20 16.83 -46.90
CA SER G 234 30.19 17.57 -47.76
C SER G 234 29.38 18.36 -48.79
N ASP H 1 -22.44 28.27 -23.83
CA ASP H 1 -22.19 28.92 -22.56
C ASP H 1 -21.62 30.33 -22.78
N ILE H 2 -21.00 30.86 -21.73
CA ILE H 2 -20.32 32.15 -21.82
C ILE H 2 -18.93 31.94 -22.42
N VAL H 3 -18.59 32.75 -23.42
CA VAL H 3 -17.30 32.66 -24.08
C VAL H 3 -16.39 33.74 -23.52
N MET H 4 -15.19 33.35 -23.10
CA MET H 4 -14.18 34.27 -22.60
C MET H 4 -13.10 34.44 -23.66
N THR H 5 -12.73 35.68 -23.95
CA THR H 5 -11.67 36.00 -24.88
C THR H 5 -10.58 36.76 -24.13
N GLN H 6 -9.33 36.51 -24.50
CA GLN H 6 -8.20 37.21 -23.91
C GLN H 6 -7.31 37.80 -24.99
N SER H 7 -6.95 39.08 -24.83
CA SER H 7 -6.01 39.76 -25.70
C SER H 7 -4.90 40.39 -24.86
N PRO H 8 -3.65 40.34 -25.32
CA PRO H 8 -3.26 39.63 -26.55
C PRO H 8 -3.00 38.15 -26.24
N SER H 9 -2.75 37.35 -27.27
CA SER H 9 -2.46 35.94 -27.02
C SER H 9 -1.07 35.74 -26.46
N PHE H 10 -0.12 36.57 -26.89
CA PHE H 10 1.27 36.48 -26.47
C PHE H 10 1.72 37.86 -26.01
N LEU H 11 2.58 37.89 -25.01
CA LEU H 11 3.06 39.15 -24.47
C LEU H 11 4.53 38.99 -24.10
N SER H 12 5.33 39.99 -24.43
CA SER H 12 6.74 40.03 -24.11
C SER H 12 6.98 41.18 -23.16
N ALA H 13 7.67 40.91 -22.06
CA ALA H 13 7.98 41.93 -21.08
C ALA H 13 9.32 41.61 -20.45
N SER H 14 9.96 42.64 -19.90
CA SER H 14 11.17 42.46 -19.12
C SER H 14 10.82 42.31 -17.65
N VAL H 15 11.78 41.77 -16.89
CA VAL H 15 11.65 41.77 -15.43
C VAL H 15 11.60 43.21 -14.94
N GLY H 16 10.63 43.50 -14.09
CA GLY H 16 10.44 44.85 -13.60
C GLY H 16 9.42 45.69 -14.35
N ASP H 17 8.81 45.13 -15.39
CA ASP H 17 7.77 45.84 -16.13
C ASP H 17 6.41 45.68 -15.44
N ARG H 18 5.51 46.58 -15.79
CA ARG H 18 4.12 46.51 -15.40
C ARG H 18 3.35 45.85 -16.53
N VAL H 19 2.68 44.75 -16.23
CA VAL H 19 1.98 43.94 -17.23
C VAL H 19 0.49 43.98 -16.92
N THR H 20 -0.32 44.27 -17.94
CA THR H 20 -1.77 44.27 -17.82
C THR H 20 -2.35 43.29 -18.83
N ILE H 21 -3.11 42.30 -18.33
CA ILE H 21 -3.76 41.29 -19.16
C ILE H 21 -5.27 41.52 -19.11
N THR H 22 -5.93 41.38 -20.25
CA THR H 22 -7.36 41.67 -20.38
C THR H 22 -8.15 40.41 -20.70
N CYS H 23 -9.34 40.33 -20.13
CA CYS H 23 -10.29 39.25 -20.35
C CYS H 23 -11.65 39.85 -20.67
N ARG H 24 -12.34 39.30 -21.67
CA ARG H 24 -13.67 39.76 -22.05
C ARG H 24 -14.65 38.61 -22.02
N ALA H 25 -15.85 38.86 -21.50
CA ALA H 25 -16.90 37.86 -21.44
C ALA H 25 -17.97 38.18 -22.47
N SER H 26 -18.48 37.15 -23.14
CA SER H 26 -19.47 37.36 -24.19
C SER H 26 -20.76 37.94 -23.63
N GLN H 27 -21.07 37.69 -22.37
CA GLN H 27 -22.19 38.34 -21.69
C GLN H 27 -21.75 38.79 -20.30
N GLY H 28 -22.58 39.64 -19.69
CA GLY H 28 -22.32 40.17 -18.36
C GLY H 28 -22.25 39.12 -17.28
N ILE H 29 -21.12 39.04 -16.57
CA ILE H 29 -20.94 38.09 -15.49
C ILE H 29 -20.73 38.76 -14.14
N SER H 30 -21.03 40.04 -14.02
CA SER H 30 -20.83 40.78 -12.76
C SER H 30 -19.35 40.67 -12.38
N ASN H 31 -19.02 40.25 -11.16
CA ASN H 31 -17.65 40.03 -10.74
C ASN H 31 -17.33 38.55 -10.54
N TYR H 32 -18.12 37.65 -11.13
CA TYR H 32 -17.90 36.21 -11.00
C TYR H 32 -16.75 35.77 -11.92
N LEU H 33 -15.57 36.31 -11.64
CA LEU H 33 -14.42 36.02 -12.48
C LEU H 33 -13.18 35.82 -11.62
N ALA H 34 -12.38 34.84 -12.01
CA ALA H 34 -11.12 34.51 -11.34
C ALA H 34 -9.98 34.49 -12.36
N TRP H 35 -8.76 34.65 -11.86
CA TRP H 35 -7.56 34.64 -12.67
C TRP H 35 -6.64 33.54 -12.18
N TYR H 36 -5.96 32.87 -13.13
CA TYR H 36 -5.09 31.75 -12.83
C TYR H 36 -3.76 31.92 -13.54
N GLN H 37 -2.74 31.26 -13.00
CA GLN H 37 -1.41 31.20 -13.59
C GLN H 37 -1.08 29.75 -13.90
N GLN H 38 -0.59 29.47 -15.10
CA GLN H 38 -0.15 28.13 -15.44
C GLN H 38 1.28 28.16 -15.98
N LYS H 39 2.12 27.29 -15.44
CA LYS H 39 3.46 27.10 -15.95
C LYS H 39 3.57 25.73 -16.60
N PRO H 40 4.41 25.57 -17.63
CA PRO H 40 4.49 24.28 -18.33
C PRO H 40 4.77 23.13 -17.38
N GLY H 41 4.02 22.03 -17.54
CA GLY H 41 4.17 20.89 -16.67
C GLY H 41 3.45 20.99 -15.34
N LYS H 42 2.65 22.03 -15.14
CA LYS H 42 2.00 22.27 -13.86
C LYS H 42 0.53 22.57 -14.07
N ALA H 43 -0.25 22.36 -13.02
CA ALA H 43 -1.67 22.66 -13.05
C ALA H 43 -1.91 24.16 -12.87
N PRO H 44 -3.05 24.67 -13.34
CA PRO H 44 -3.37 26.07 -13.09
C PRO H 44 -3.40 26.37 -11.60
N HIS H 45 -2.97 27.57 -11.26
CA HIS H 45 -2.89 28.01 -9.87
C HIS H 45 -3.68 29.30 -9.70
N LEU H 46 -4.54 29.34 -8.69
CA LEU H 46 -5.45 30.46 -8.52
C LEU H 46 -4.70 31.68 -7.99
N LEU H 47 -4.92 32.83 -8.62
CA LEU H 47 -4.34 34.10 -8.18
C LEU H 47 -5.36 35.03 -7.56
N ILE H 48 -6.46 35.27 -8.24
CA ILE H 48 -7.46 36.24 -7.84
C ILE H 48 -8.85 35.67 -8.08
N TYR H 49 -9.77 35.90 -7.14
CA TYR H 49 -11.16 35.53 -7.31
C TYR H 49 -12.04 36.75 -7.06
N ALA H 50 -13.29 36.65 -7.50
CA ALA H 50 -14.24 37.76 -7.38
C ALA H 50 -13.70 39.01 -8.08
N ALA H 51 -12.98 38.79 -9.18
CA ALA H 51 -12.42 39.83 -10.05
C ALA H 51 -11.27 40.58 -9.39
N SER H 52 -11.44 41.01 -8.15
CA SER H 52 -10.46 41.90 -7.52
C SER H 52 -9.83 41.38 -6.23
N THR H 53 -10.21 40.21 -5.74
CA THR H 53 -9.79 39.77 -4.41
C THR H 53 -8.64 38.78 -4.52
N LEU H 54 -7.55 39.09 -3.83
CA LEU H 54 -6.35 38.29 -3.89
C LEU H 54 -6.54 37.01 -3.09
N GLN H 55 -6.20 35.88 -3.71
CA GLN H 55 -6.21 34.61 -2.99
C GLN H 55 -5.06 34.57 -1.99
N SER H 56 -5.30 33.89 -0.88
CA SER H 56 -4.29 33.83 0.17
C SER H 56 -3.00 33.21 -0.35
N GLY H 57 -1.88 33.76 0.09
CA GLY H 57 -0.57 33.30 -0.32
C GLY H 57 -0.09 33.80 -1.67
N VAL H 58 -0.90 34.59 -2.37
CA VAL H 58 -0.53 35.09 -3.69
C VAL H 58 0.16 36.44 -3.49
N PRO H 59 1.29 36.71 -4.14
CA PRO H 59 1.99 37.97 -3.89
C PRO H 59 1.11 39.17 -4.19
N SER H 60 1.35 40.25 -3.43
CA SER H 60 0.53 41.45 -3.55
C SER H 60 0.72 42.18 -4.87
N ARG H 61 1.77 41.85 -5.65
CA ARG H 61 1.96 42.52 -6.93
C ARG H 61 0.83 42.19 -7.91
N PHE H 62 0.18 41.04 -7.74
CA PHE H 62 -0.98 40.69 -8.56
C PHE H 62 -2.21 41.44 -8.07
N SER H 63 -2.98 42.00 -9.00
CA SER H 63 -4.23 42.68 -8.69
C SER H 63 -5.21 42.50 -9.85
N GLY H 64 -6.49 42.55 -9.53
CA GLY H 64 -7.52 42.41 -10.54
C GLY H 64 -8.59 43.48 -10.42
N SER H 65 -9.22 43.79 -11.55
CA SER H 65 -10.27 44.80 -11.60
C SER H 65 -11.27 44.44 -12.69
N GLY H 66 -12.40 45.10 -12.65
CA GLY H 66 -13.44 45.01 -13.66
C GLY H 66 -14.70 44.35 -13.13
N SER H 67 -15.84 44.70 -13.74
CA SER H 67 -17.12 44.07 -13.48
C SER H 67 -17.95 44.11 -14.76
N GLY H 68 -18.82 43.11 -14.93
CA GLY H 68 -19.57 42.97 -16.16
C GLY H 68 -18.84 42.18 -17.24
N THR H 69 -18.58 42.80 -18.39
CA THR H 69 -17.95 42.14 -19.54
C THR H 69 -16.43 42.22 -19.54
N GLU H 70 -15.86 43.35 -19.13
CA GLU H 70 -14.44 43.64 -19.34
C GLU H 70 -13.70 43.48 -18.01
N PHE H 71 -12.59 42.74 -18.03
CA PHE H 71 -11.81 42.50 -16.82
C PHE H 71 -10.33 42.65 -17.10
N THR H 72 -9.57 42.99 -16.06
CA THR H 72 -8.14 43.22 -16.19
C THR H 72 -7.39 42.58 -15.03
N LEU H 73 -6.28 41.95 -15.36
CA LEU H 73 -5.32 41.42 -14.39
C LEU H 73 -4.03 42.20 -14.55
N THR H 74 -3.52 42.74 -13.45
CA THR H 74 -2.33 43.58 -13.46
C THR H 74 -1.27 42.99 -12.54
N ILE H 75 -0.05 42.86 -13.06
CA ILE H 75 1.12 42.53 -12.26
C ILE H 75 1.92 43.82 -12.14
N SER H 76 1.99 44.38 -10.93
CA SER H 76 2.55 45.72 -10.76
C SER H 76 4.01 45.77 -11.22
N SER H 77 4.81 44.79 -10.82
CA SER H 77 6.19 44.68 -11.27
C SER H 77 6.49 43.21 -11.54
N LEU H 78 6.72 42.87 -12.81
CA LEU H 78 6.96 41.48 -13.17
C LEU H 78 8.25 40.95 -12.54
N GLN H 79 8.19 39.76 -11.99
CA GLN H 79 9.31 39.12 -11.32
C GLN H 79 9.69 37.86 -12.11
N PRO H 80 10.92 37.35 -11.95
CA PRO H 80 11.36 36.23 -12.81
C PRO H 80 10.46 35.01 -12.78
N GLU H 81 9.83 34.72 -11.65
CA GLU H 81 8.92 33.59 -11.56
C GLU H 81 7.56 33.88 -12.21
N ASP H 82 7.29 35.12 -12.59
CA ASP H 82 6.00 35.51 -13.15
C ASP H 82 5.82 35.13 -14.62
N PHE H 83 6.89 34.84 -15.35
CA PHE H 83 6.74 34.47 -16.76
C PHE H 83 5.96 33.17 -16.90
N ALA H 84 4.78 33.25 -17.52
CA ALA H 84 3.86 32.13 -17.54
C ALA H 84 2.62 32.45 -18.38
N THR H 85 1.64 31.55 -18.39
CA THR H 85 0.39 31.77 -19.10
C THR H 85 -0.71 32.09 -18.09
N TYR H 86 -1.51 33.11 -18.38
CA TYR H 86 -2.54 33.57 -17.47
C TYR H 86 -3.92 33.40 -18.09
N TYR H 87 -4.81 32.74 -17.36
CA TYR H 87 -6.16 32.44 -17.82
C TYR H 87 -7.16 33.14 -16.92
N CYS H 88 -8.25 33.61 -17.52
CA CYS H 88 -9.39 34.05 -16.75
C CYS H 88 -10.45 32.96 -16.78
N GLN H 89 -11.27 32.93 -15.72
CA GLN H 89 -12.27 31.88 -15.53
C GLN H 89 -13.58 32.55 -15.11
N GLN H 90 -14.63 32.37 -15.91
CA GLN H 90 -15.93 32.86 -15.51
C GLN H 90 -16.60 31.85 -14.59
N LEU H 91 -17.12 32.33 -13.47
CA LEU H 91 -17.79 31.49 -12.49
C LEU H 91 -19.26 31.81 -12.39
N ASN H 92 -19.78 32.62 -13.32
CA ASN H 92 -21.17 33.04 -13.26
C ASN H 92 -22.12 31.85 -13.38
N SER H 93 -21.76 30.86 -14.20
CA SER H 93 -22.63 29.71 -14.43
C SER H 93 -22.29 28.54 -13.52
N TYR H 94 -21.60 28.77 -12.42
CA TYR H 94 -21.18 27.68 -11.55
C TYR H 94 -22.40 26.88 -11.13
N PRO H 95 -22.32 25.53 -11.10
CA PRO H 95 -21.15 24.66 -11.14
C PRO H 95 -20.49 24.47 -12.51
N LEU H 96 -20.96 25.18 -13.52
CA LEU H 96 -20.35 25.16 -14.85
C LEU H 96 -19.44 26.38 -14.96
N PHE H 97 -18.19 26.17 -15.36
CA PHE H 97 -17.28 27.28 -15.59
C PHE H 97 -16.50 27.07 -16.88
N THR H 98 -16.17 28.18 -17.55
CA THR H 98 -15.36 28.18 -18.75
C THR H 98 -14.18 29.12 -18.60
N PHE H 99 -13.08 28.79 -19.28
CA PHE H 99 -11.83 29.53 -19.23
C PHE H 99 -11.63 30.36 -20.49
N GLY H 100 -10.79 31.39 -20.36
CA GLY H 100 -10.33 32.13 -21.51
C GLY H 100 -9.18 31.40 -22.20
N PRO H 101 -8.88 31.79 -23.44
CA PRO H 101 -7.79 31.10 -24.16
C PRO H 101 -6.41 31.31 -23.55
N GLY H 102 -6.21 32.37 -22.78
CA GLY H 102 -4.94 32.52 -22.11
C GLY H 102 -4.06 33.57 -22.77
N THR H 103 -3.20 34.19 -21.96
CA THR H 103 -2.17 35.08 -22.45
C THR H 103 -0.83 34.57 -21.92
N LYS H 104 0.12 34.37 -22.82
CA LYS H 104 1.44 33.85 -22.44
C LYS H 104 2.43 35.01 -22.41
N VAL H 105 3.14 35.16 -21.30
CA VAL H 105 4.10 36.23 -21.11
C VAL H 105 5.51 35.65 -21.14
N ASP H 106 6.34 36.16 -22.06
N ASP H 106 6.34 36.19 -22.03
CA ASP H 106 7.72 35.70 -22.19
CA ASP H 106 7.71 35.74 -22.19
C ASP H 106 8.68 36.88 -22.00
C ASP H 106 8.68 36.89 -21.96
N ILE H 107 9.96 36.54 -21.82
CA ILE H 107 10.98 37.54 -21.51
C ILE H 107 11.31 38.37 -22.75
N GLU H 108 11.42 39.69 -22.55
CA GLU H 108 11.82 40.59 -23.62
C GLU H 108 13.31 40.48 -23.87
N ARG H 109 13.70 40.72 -25.11
CA ARG H 109 15.07 40.47 -25.55
C ARG H 109 15.38 41.36 -26.75
N THR H 110 16.67 41.54 -27.02
CA THR H 110 17.06 42.18 -28.27
C THR H 110 16.65 41.30 -29.44
N VAL H 111 16.23 41.94 -30.53
CA VAL H 111 15.83 41.20 -31.71
C VAL H 111 17.01 40.41 -32.23
N ALA H 112 16.79 39.11 -32.46
CA ALA H 112 17.83 38.21 -32.97
C ALA H 112 17.29 37.51 -34.21
N ALA H 113 17.99 37.67 -35.32
CA ALA H 113 17.57 37.01 -36.55
C ALA H 113 17.85 35.50 -36.47
N PRO H 114 17.03 34.69 -37.11
CA PRO H 114 17.28 33.25 -37.13
C PRO H 114 18.42 32.87 -38.05
N SER H 115 19.15 31.85 -37.65
CA SER H 115 20.08 31.14 -38.52
C SER H 115 19.29 30.05 -39.24
N VAL H 116 19.28 30.10 -40.57
CA VAL H 116 18.43 29.24 -41.38
C VAL H 116 19.28 28.13 -41.99
N PHE H 117 18.81 26.89 -41.84
CA PHE H 117 19.46 25.72 -42.42
C PHE H 117 18.42 24.85 -43.09
N ILE H 118 18.72 24.37 -44.29
CA ILE H 118 17.85 23.45 -45.01
C ILE H 118 18.56 22.10 -45.09
N PHE H 119 17.81 21.03 -44.84
CA PHE H 119 18.35 19.67 -44.88
C PHE H 119 17.62 18.85 -45.93
N PRO H 120 18.28 18.30 -46.93
CA PRO H 120 17.60 17.44 -47.90
C PRO H 120 17.25 16.11 -47.27
N PRO H 121 16.34 15.34 -47.85
CA PRO H 121 16.07 13.99 -47.33
C PRO H 121 17.32 13.13 -47.38
N SER H 122 17.49 12.32 -46.34
CA SER H 122 18.63 11.40 -46.32
C SER H 122 18.40 10.26 -47.30
N ASP H 123 19.49 9.62 -47.70
CA ASP H 123 19.38 8.48 -48.60
C ASP H 123 18.59 7.34 -47.98
N GLU H 124 18.68 7.18 -46.65
CA GLU H 124 17.94 6.12 -45.98
C GLU H 124 16.43 6.27 -46.16
N GLN H 125 15.92 7.48 -45.92
CA GLN H 125 14.47 7.71 -46.04
C GLN H 125 14.02 7.56 -47.48
N LEU H 126 14.84 8.00 -48.43
CA LEU H 126 14.46 7.93 -49.84
C LEU H 126 14.30 6.48 -50.28
N LYS H 127 15.09 5.57 -49.71
CA LYS H 127 14.89 4.15 -49.99
C LYS H 127 13.52 3.68 -49.47
N SER H 128 13.04 4.27 -48.38
CA SER H 128 11.76 3.91 -47.78
C SER H 128 10.55 4.40 -48.57
N GLY H 129 10.74 5.30 -49.53
CA GLY H 129 9.65 5.77 -50.36
C GLY H 129 9.04 7.11 -49.98
N THR H 130 9.59 7.80 -48.99
CA THR H 130 9.13 9.12 -48.63
C THR H 130 10.32 10.06 -48.55
N ALA H 131 10.06 11.34 -48.82
CA ALA H 131 11.08 12.38 -48.75
C ALA H 131 10.63 13.47 -47.78
N SER H 132 11.46 13.76 -46.78
CA SER H 132 11.19 14.81 -45.82
C SER H 132 12.32 15.85 -45.87
N VAL H 133 11.96 17.10 -46.13
CA VAL H 133 12.90 18.20 -46.15
C VAL H 133 12.68 19.02 -44.89
N VAL H 134 13.76 19.28 -44.16
CA VAL H 134 13.70 19.95 -42.86
C VAL H 134 14.35 21.32 -42.98
N CYS H 135 13.66 22.34 -42.46
CA CYS H 135 14.18 23.70 -42.39
C CYS H 135 14.29 24.13 -40.93
N LEU H 136 15.49 24.57 -40.53
CA LEU H 136 15.78 24.92 -39.15
C LEU H 136 15.97 26.43 -39.05
N LEU H 137 15.21 27.06 -38.16
CA LEU H 137 15.39 28.47 -37.81
C LEU H 137 15.92 28.49 -36.37
N ASN H 138 17.14 28.95 -36.19
CA ASN H 138 17.83 28.76 -34.92
C ASN H 138 18.03 30.07 -34.19
N ASN H 139 17.62 30.09 -32.92
CA ASN H 139 17.95 31.14 -31.97
C ASN H 139 17.55 32.53 -32.47
N PHE H 140 16.25 32.69 -32.68
CA PHE H 140 15.69 33.97 -33.11
C PHE H 140 14.79 34.56 -32.03
N TYR H 141 14.66 35.89 -32.07
CA TYR H 141 13.72 36.63 -31.24
C TYR H 141 13.25 37.84 -32.03
N PRO H 142 11.94 38.16 -32.02
CA PRO H 142 10.85 37.57 -31.25
C PRO H 142 10.32 36.26 -31.83
N ARG H 143 9.24 35.75 -31.24
CA ARG H 143 8.74 34.43 -31.58
C ARG H 143 8.10 34.39 -32.96
N GLU H 144 7.57 35.51 -33.43
CA GLU H 144 6.86 35.55 -34.72
C GLU H 144 7.79 35.22 -35.88
N ALA H 145 7.45 34.18 -36.64
CA ALA H 145 8.25 33.75 -37.77
C ALA H 145 7.35 33.03 -38.76
N LYS H 146 7.64 33.21 -40.05
CA LYS H 146 6.91 32.55 -41.12
C LYS H 146 7.88 31.72 -41.95
N VAL H 147 7.58 30.43 -42.08
CA VAL H 147 8.30 29.53 -42.98
C VAL H 147 7.41 29.26 -44.18
N GLN H 148 7.94 29.50 -45.37
CA GLN H 148 7.25 29.28 -46.62
C GLN H 148 8.06 28.28 -47.44
N TRP H 149 7.48 27.13 -47.75
CA TRP H 149 8.14 26.14 -48.59
C TRP H 149 7.84 26.40 -50.06
N LYS H 150 8.87 26.33 -50.89
CA LYS H 150 8.73 26.47 -52.33
C LYS H 150 9.42 25.31 -53.04
N VAL H 151 8.71 24.66 -53.94
CA VAL H 151 9.23 23.57 -54.74
C VAL H 151 9.11 23.98 -56.20
N ASP H 152 10.25 24.20 -56.86
CA ASP H 152 10.29 24.76 -58.21
C ASP H 152 9.45 26.03 -58.30
N ASN H 153 9.65 26.90 -57.31
CA ASN H 153 8.99 28.19 -57.13
C ASN H 153 7.53 28.08 -56.70
N ALA H 154 6.97 26.87 -56.61
CA ALA H 154 5.55 26.70 -56.28
C ALA H 154 5.37 26.70 -54.76
N LEU H 155 4.53 27.61 -54.27
CA LEU H 155 4.27 27.69 -52.83
C LEU H 155 3.52 26.44 -52.36
N GLN H 156 4.04 25.83 -51.29
CA GLN H 156 3.46 24.60 -50.78
C GLN H 156 2.47 24.91 -49.68
N SER H 157 1.37 24.16 -49.63
CA SER H 157 0.40 24.28 -48.57
C SER H 157 -0.10 22.90 -48.21
N GLY H 158 -0.22 22.63 -46.92
CA GLY H 158 -0.81 21.40 -46.45
C GLY H 158 0.11 20.21 -46.39
N ASN H 159 1.35 20.34 -46.87
CA ASN H 159 2.30 19.23 -46.81
C ASN H 159 3.47 19.52 -45.89
N SER H 160 3.37 20.54 -45.04
CA SER H 160 4.43 20.89 -44.11
C SER H 160 3.87 21.02 -42.70
N GLN H 161 4.74 20.76 -41.72
CA GLN H 161 4.41 20.93 -40.32
C GLN H 161 5.60 21.50 -39.57
N GLU H 162 5.32 22.35 -38.58
CA GLU H 162 6.37 23.01 -37.83
C GLU H 162 6.06 22.97 -36.34
N SER H 163 7.10 23.09 -35.52
CA SER H 163 6.97 23.26 -34.08
C SER H 163 8.06 24.19 -33.58
N VAL H 164 7.77 24.87 -32.47
CA VAL H 164 8.66 25.87 -31.88
C VAL H 164 9.05 25.44 -30.48
N THR H 165 10.32 25.67 -30.13
CA THR H 165 10.77 25.38 -28.79
C THR H 165 10.27 26.45 -27.81
N GLU H 166 10.31 26.10 -26.53
CA GLU H 166 10.09 27.09 -25.49
C GLU H 166 11.30 28.01 -25.40
N GLN H 167 11.09 29.22 -24.90
CA GLN H 167 12.16 30.21 -24.79
C GLN H 167 13.35 29.64 -24.04
N ASP H 168 14.54 29.81 -24.61
CA ASP H 168 15.75 29.30 -23.99
C ASP H 168 16.02 30.02 -22.68
N SER H 169 16.46 29.25 -21.67
CA SER H 169 16.72 29.85 -20.36
C SER H 169 17.92 30.77 -20.38
N LYS H 170 18.86 30.56 -21.31
CA LYS H 170 20.11 31.32 -21.34
C LYS H 170 20.00 32.60 -22.17
N ASP H 171 19.71 32.48 -23.46
CA ASP H 171 19.70 33.63 -24.37
C ASP H 171 18.29 34.12 -24.68
N SER H 172 17.26 33.47 -24.15
CA SER H 172 15.86 33.88 -24.33
C SER H 172 15.46 33.89 -25.82
N THR H 173 15.95 32.93 -26.57
CA THR H 173 15.62 32.87 -27.99
C THR H 173 14.71 31.67 -28.25
N TYR H 174 14.14 31.66 -29.45
CA TYR H 174 13.29 30.58 -29.90
C TYR H 174 13.94 29.86 -31.07
N SER H 175 13.58 28.59 -31.27
CA SER H 175 13.99 27.83 -32.43
C SER H 175 12.79 27.15 -33.05
N LEU H 176 12.75 27.11 -34.37
CA LEU H 176 11.65 26.52 -35.12
C LEU H 176 12.19 25.46 -36.08
N SER H 177 11.48 24.35 -36.18
CA SER H 177 11.79 23.27 -37.10
C SER H 177 10.56 23.01 -37.97
N SER H 178 10.75 23.09 -39.29
CA SER H 178 9.68 22.85 -40.23
C SER H 178 10.04 21.64 -41.10
N THR H 179 9.06 20.77 -41.34
CA THR H 179 9.26 19.57 -42.13
C THR H 179 8.31 19.57 -43.31
N LEU H 180 8.86 19.50 -44.52
CA LEU H 180 8.10 19.31 -45.74
C LEU H 180 8.15 17.83 -46.11
N THR H 181 7.00 17.17 -46.13
CA THR H 181 6.93 15.75 -46.43
C THR H 181 6.32 15.53 -47.80
N LEU H 182 7.02 14.80 -48.66
CA LEU H 182 6.54 14.48 -49.98
C LEU H 182 6.75 12.99 -50.24
N SER H 183 5.97 12.46 -51.19
CA SER H 183 6.25 11.11 -51.66
C SER H 183 7.55 11.11 -52.45
N LYS H 184 8.20 9.95 -52.51
CA LYS H 184 9.46 9.85 -53.26
C LYS H 184 9.24 10.20 -54.73
N ALA H 185 8.09 9.82 -55.29
CA ALA H 185 7.80 10.15 -56.68
C ALA H 185 7.70 11.66 -56.87
N ASP H 186 6.95 12.35 -56.00
CA ASP H 186 6.84 13.79 -56.10
C ASP H 186 8.17 14.48 -55.86
N TYR H 187 9.00 13.92 -54.97
CA TYR H 187 10.30 14.53 -54.70
C TYR H 187 11.21 14.47 -55.91
N GLU H 188 11.26 13.32 -56.58
CA GLU H 188 12.14 13.14 -57.74
C GLU H 188 11.63 13.83 -58.99
N LYS H 189 10.38 14.33 -58.98
CA LYS H 189 9.83 15.04 -60.14
C LYS H 189 10.29 16.49 -60.22
N HIS H 190 10.80 17.07 -59.12
CA HIS H 190 11.18 18.47 -59.08
C HIS H 190 12.65 18.62 -58.70
N LYS H 191 13.20 19.80 -58.97
CA LYS H 191 14.62 20.08 -58.79
C LYS H 191 14.94 20.99 -57.61
N VAL H 192 14.24 22.12 -57.46
CA VAL H 192 14.62 23.15 -56.50
C VAL H 192 13.68 23.09 -55.30
N TYR H 193 14.25 22.92 -54.12
CA TYR H 193 13.50 22.87 -52.87
C TYR H 193 13.99 23.98 -51.97
N ALA H 194 13.09 24.89 -51.61
CA ALA H 194 13.48 26.14 -50.96
C ALA H 194 12.70 26.36 -49.68
N CYS H 195 13.34 27.01 -48.73
CA CYS H 195 12.75 27.41 -47.45
C CYS H 195 12.91 28.92 -47.34
N GLU H 196 11.79 29.64 -47.42
CA GLU H 196 11.81 31.10 -47.34
C GLU H 196 11.36 31.51 -45.94
N VAL H 197 12.20 32.28 -45.26
CA VAL H 197 12.00 32.64 -43.86
C VAL H 197 11.75 34.14 -43.75
N THR H 198 10.63 34.50 -43.11
CA THR H 198 10.28 35.89 -42.84
C THR H 198 10.36 36.13 -41.33
N HIS H 199 11.19 37.09 -40.92
CA HIS H 199 11.37 37.41 -39.52
C HIS H 199 11.75 38.88 -39.40
N GLN H 200 11.46 39.46 -38.22
CA GLN H 200 11.73 40.88 -38.01
C GLN H 200 13.22 41.20 -38.12
N GLY H 201 14.07 40.29 -37.66
CA GLY H 201 15.51 40.48 -37.74
C GLY H 201 16.05 40.56 -39.16
N LEU H 202 15.32 40.02 -40.13
CA LEU H 202 15.72 40.06 -41.53
C LEU H 202 15.04 41.22 -42.25
N SER H 203 15.84 42.09 -42.88
CA SER H 203 15.27 43.20 -43.63
C SER H 203 14.44 42.71 -44.81
N SER H 204 14.87 41.62 -45.44
CA SER H 204 14.10 40.93 -46.45
C SER H 204 14.09 39.46 -46.14
N PRO H 205 13.06 38.72 -46.58
CA PRO H 205 13.03 37.27 -46.30
C PRO H 205 14.25 36.56 -46.86
N VAL H 206 14.71 35.55 -46.12
CA VAL H 206 15.90 34.77 -46.46
C VAL H 206 15.46 33.41 -46.97
N THR H 207 16.04 32.98 -48.09
CA THR H 207 15.73 31.68 -48.68
C THR H 207 16.98 30.81 -48.66
N LYS H 208 16.81 29.59 -48.17
CA LYS H 208 17.84 28.56 -48.26
C LYS H 208 17.30 27.44 -49.12
N SER H 209 18.07 27.05 -50.14
CA SER H 209 17.55 26.11 -51.13
C SER H 209 18.66 25.17 -51.57
N PHE H 210 18.25 24.05 -52.15
CA PHE H 210 19.17 23.09 -52.72
C PHE H 210 18.55 22.50 -53.98
N ASN H 211 19.41 22.07 -54.89
CA ASN H 211 18.98 21.28 -56.03
C ASN H 211 19.02 19.82 -55.64
N ARG H 212 17.97 19.09 -56.00
CA ARG H 212 17.90 17.67 -55.66
C ARG H 212 19.07 16.92 -56.26
N GLY H 213 19.86 16.25 -55.41
CA GLY H 213 20.98 15.43 -55.90
C GLY H 213 22.13 16.28 -56.38
N GLU H 214 22.50 17.29 -55.61
CA GLU H 214 23.57 18.19 -56.11
C GLU H 214 24.77 17.99 -55.21
N CYS H 215 25.91 17.53 -55.74
CA CYS H 215 27.17 17.39 -54.96
C CYS H 215 26.90 17.13 -53.48
N PRO I 2 -31.98 13.16 2.79
CA PRO I 2 -30.75 13.68 2.16
C PRO I 2 -29.97 14.63 3.07
N SER I 3 -29.30 15.60 2.46
CA SER I 3 -28.44 16.53 3.19
C SER I 3 -28.83 17.96 2.84
N LYS I 4 -28.43 18.89 3.71
CA LYS I 4 -28.71 20.30 3.45
C LYS I 4 -27.94 20.80 2.24
N ARG I 5 -26.66 20.43 2.11
CA ARG I 5 -25.89 20.82 0.93
C ARG I 5 -26.50 20.26 -0.34
N SER I 6 -26.98 19.01 -0.28
CA SER I 6 -27.50 18.35 -1.48
C SER I 6 -28.73 19.06 -2.02
N PHE I 7 -29.65 19.46 -1.14
CA PHE I 7 -30.87 20.12 -1.59
C PHE I 7 -30.55 21.46 -2.23
N ILE I 8 -29.63 22.23 -1.65
CA ILE I 8 -29.18 23.46 -2.26
C ILE I 8 -28.44 23.17 -3.57
N GLU I 9 -27.68 22.08 -3.61
CA GLU I 9 -27.00 21.67 -4.83
C GLU I 9 -27.99 21.29 -5.92
N ASP I 10 -29.13 20.68 -5.55
CA ASP I 10 -30.16 20.40 -6.52
C ASP I 10 -30.68 21.69 -7.16
N LEU I 11 -30.84 22.74 -6.35
CA LEU I 11 -31.28 24.02 -6.88
C LEU I 11 -30.22 24.63 -7.79
N LEU I 12 -28.94 24.54 -7.40
CA LEU I 12 -27.88 25.15 -8.18
C LEU I 12 -27.69 24.43 -9.52
N PHE I 13 -27.72 23.11 -9.52
CA PHE I 13 -27.48 22.35 -10.75
C PHE I 13 -28.65 22.46 -11.71
N ASN I 14 -29.86 22.67 -11.21
CA ASN I 14 -31.05 22.76 -12.05
C ASN I 14 -31.68 24.16 -12.02
N VAL J 2 -6.60 -16.10 50.18
CA VAL J 2 -7.41 -17.20 49.65
C VAL J 2 -6.87 -17.61 48.28
N GLN J 3 -6.50 -18.87 48.15
CA GLN J 3 -5.85 -19.34 46.93
C GLN J 3 -6.07 -20.84 46.77
N LEU J 4 -6.00 -21.28 45.52
CA LEU J 4 -5.99 -22.69 45.16
C LEU J 4 -4.67 -23.00 44.46
N VAL J 5 -3.90 -23.92 45.03
CA VAL J 5 -2.58 -24.28 44.50
C VAL J 5 -2.66 -25.69 43.95
N GLN J 6 -2.32 -25.84 42.67
CA GLN J 6 -2.42 -27.12 41.98
C GLN J 6 -1.04 -27.78 41.94
N SER J 7 -1.03 -29.10 42.05
CA SER J 7 0.20 -29.87 41.96
C SER J 7 -0.04 -31.08 41.07
N GLY J 8 1.07 -31.61 40.55
CA GLY J 8 0.99 -32.77 39.69
C GLY J 8 0.95 -32.40 38.22
N GLY J 9 0.58 -33.39 37.42
CA GLY J 9 0.52 -33.20 35.99
C GLY J 9 1.82 -33.53 35.30
N GLY J 10 1.76 -33.45 33.98
CA GLY J 10 2.91 -33.75 33.15
C GLY J 10 2.46 -34.51 31.93
N VAL J 11 3.38 -35.26 31.35
CA VAL J 11 3.16 -35.99 30.11
C VAL J 11 2.98 -37.47 30.46
N VAL J 12 1.90 -38.06 29.96
CA VAL J 12 1.59 -39.47 30.21
C VAL J 12 1.22 -40.10 28.87
N GLN J 13 1.45 -41.41 28.77
CA GLN J 13 1.07 -42.16 27.59
C GLN J 13 -0.42 -42.50 27.66
N PRO J 14 -1.04 -42.79 26.51
CA PRO J 14 -2.45 -43.19 26.53
C PRO J 14 -2.63 -44.45 27.34
N GLY J 15 -3.67 -44.46 28.19
CA GLY J 15 -3.93 -45.61 29.04
C GLY J 15 -3.22 -45.51 30.37
N SER J 17 -2.51 -43.49 33.49
CA SER J 17 -3.22 -42.90 34.61
C SER J 17 -2.42 -41.74 35.21
N LEU J 18 -3.10 -40.64 35.54
CA LEU J 18 -2.45 -39.49 36.15
C LEU J 18 -3.36 -38.93 37.24
N ARG J 19 -2.75 -38.39 38.30
CA ARG J 19 -3.48 -37.85 39.44
C ARG J 19 -3.14 -36.38 39.63
N LEU J 20 -4.17 -35.54 39.78
CA LEU J 20 -4.02 -34.11 40.00
C LEU J 20 -4.43 -33.74 41.42
N SER J 21 -3.69 -32.81 42.01
CA SER J 21 -3.97 -32.32 43.36
C SER J 21 -4.19 -30.82 43.34
N CYS J 22 -5.15 -30.36 44.15
CA CYS J 22 -5.49 -28.95 44.27
C CYS J 22 -5.66 -28.62 45.74
N SER J 23 -4.76 -27.81 46.29
CA SER J 23 -4.75 -27.47 47.71
C SER J 23 -5.26 -26.05 47.91
N GLY J 24 -6.23 -25.89 48.82
CA GLY J 24 -6.86 -24.62 49.09
C GLY J 24 -6.38 -24.02 50.40
N SER J 25 -6.42 -22.69 50.48
CA SER J 25 -6.12 -22.00 51.72
C SER J 25 -6.93 -20.71 51.77
N GLY J 26 -7.30 -20.31 52.97
CA GLY J 26 -8.02 -19.06 53.19
C GLY J 26 -9.53 -19.15 53.12
N PHE J 27 -10.10 -20.33 52.88
CA PHE J 27 -11.54 -20.52 52.89
C PHE J 27 -11.86 -21.89 53.45
N THR J 28 -13.11 -22.04 53.90
CA THR J 28 -13.56 -23.27 54.55
C THR J 28 -13.84 -24.31 53.48
N PHE J 29 -12.86 -25.19 53.25
CA PHE J 29 -12.92 -26.13 52.12
C PHE J 29 -14.17 -26.99 52.18
N ASN J 30 -14.55 -27.45 53.37
CA ASN J 30 -15.66 -28.38 53.52
C ASN J 30 -17.02 -27.74 53.28
N ASN J 31 -17.10 -26.42 53.10
CA ASN J 31 -18.38 -25.75 52.86
C ASN J 31 -18.73 -25.61 51.39
N TYR J 32 -17.74 -25.63 50.50
CA TYR J 32 -17.95 -25.27 49.11
C TYR J 32 -17.84 -26.51 48.23
N ILE J 33 -18.70 -26.60 47.21
CA ILE J 33 -18.50 -27.55 46.13
C ILE J 33 -17.27 -27.14 45.34
N MET J 34 -16.51 -28.14 44.87
CA MET J 34 -15.29 -27.90 44.12
C MET J 34 -15.41 -28.50 42.72
N HIS J 35 -14.78 -27.85 41.74
CA HIS J 35 -14.91 -28.26 40.35
C HIS J 35 -13.55 -28.42 39.69
N TRP J 36 -13.53 -29.24 38.64
CA TRP J 36 -12.42 -29.36 37.71
C TRP J 36 -12.89 -28.94 36.33
N VAL J 37 -12.16 -28.02 35.71
CA VAL J 37 -12.41 -27.54 34.36
C VAL J 37 -11.11 -27.68 33.57
N ARG J 38 -11.22 -28.08 32.31
CA ARG J 38 -10.05 -28.25 31.46
C ARG J 38 -10.18 -27.38 30.22
N GLN J 39 -9.05 -26.87 29.74
CA GLN J 39 -9.00 -26.00 28.57
C GLN J 39 -7.97 -26.58 27.59
N ALA J 40 -8.46 -27.14 26.47
CA ALA J 40 -7.55 -27.62 25.44
C ALA J 40 -6.88 -26.42 24.76
N PRO J 41 -5.67 -26.63 24.20
CA PRO J 41 -4.95 -25.51 23.59
C PRO J 41 -5.76 -24.75 22.55
N GLY J 42 -5.91 -23.45 22.76
CA GLY J 42 -6.69 -22.61 21.85
C GLY J 42 -8.18 -22.83 21.90
N GLN J 43 -8.70 -23.52 22.91
CA GLN J 43 -10.11 -23.86 22.99
C GLN J 43 -10.74 -23.19 24.20
N GLY J 44 -12.04 -23.42 24.36
CA GLY J 44 -12.78 -22.91 25.50
C GLY J 44 -12.66 -23.80 26.71
N LEU J 45 -13.39 -23.41 27.76
CA LEU J 45 -13.42 -24.19 29.00
C LEU J 45 -14.44 -25.31 28.92
N ASP J 46 -14.03 -26.51 29.31
CA ASP J 46 -14.87 -27.70 29.24
C ASP J 46 -15.00 -28.30 30.63
N TYR J 47 -16.22 -28.68 30.99
CA TYR J 47 -16.49 -29.20 32.32
C TYR J 47 -15.97 -30.62 32.47
N VAL J 48 -15.24 -30.87 33.55
CA VAL J 48 -14.71 -32.20 33.81
C VAL J 48 -15.51 -32.85 34.94
N SER J 49 -15.42 -32.29 36.14
CA SER J 49 -16.07 -32.92 37.28
C SER J 49 -16.32 -31.89 38.37
N GLY J 50 -17.27 -32.22 39.24
CA GLY J 50 -17.55 -31.42 40.41
C GLY J 50 -17.85 -32.34 41.57
N ILE J 51 -17.54 -31.87 42.77
CA ILE J 51 -17.68 -32.67 43.98
C ILE J 51 -18.48 -31.88 45.01
N GLY J 52 -19.37 -32.57 45.70
CA GLY J 52 -20.11 -31.98 46.78
C GLY J 52 -19.23 -31.73 48.00
N SER J 53 -19.77 -30.94 48.93
CA SER J 53 -19.05 -30.59 50.15
C SER J 53 -18.66 -31.83 50.94
N ASP J 54 -19.59 -32.79 51.08
CA ASP J 54 -19.27 -34.02 51.80
C ASP J 54 -18.41 -34.96 50.98
N GLY J 55 -18.48 -34.87 49.65
CA GLY J 55 -17.79 -35.79 48.77
C GLY J 55 -18.64 -36.96 48.32
N ARG J 56 -19.85 -37.11 48.89
CA ARG J 56 -20.73 -38.22 48.55
C ARG J 56 -21.38 -38.04 47.19
N ASN J 57 -21.55 -36.80 46.74
CA ASN J 57 -22.22 -36.50 45.49
C ASN J 57 -21.19 -36.09 44.46
N THR J 58 -21.27 -36.66 43.27
CA THR J 58 -20.35 -36.36 42.18
C THR J 58 -21.12 -36.24 40.88
N ASN J 59 -20.63 -35.35 40.01
CA ASN J 59 -21.10 -35.29 38.64
C ASN J 59 -19.88 -35.20 37.72
N TYR J 60 -20.06 -35.62 36.48
CA TYR J 60 -18.96 -35.67 35.53
C TYR J 60 -19.43 -35.21 34.16
N GLY J 61 -18.51 -34.66 33.38
CA GLY J 61 -18.76 -34.44 31.98
C GLY J 61 -18.82 -35.76 31.21
N ASP J 62 -19.63 -35.76 30.15
CA ASP J 62 -19.85 -37.00 29.40
C ASP J 62 -18.55 -37.55 28.82
N SER J 63 -17.64 -36.67 28.40
CA SER J 63 -16.38 -37.11 27.79
C SER J 63 -15.52 -37.88 28.79
N VAL J 64 -15.69 -37.61 30.08
CA VAL J 64 -14.86 -38.23 31.11
C VAL J 64 -15.68 -39.26 31.87
N ARG J 67 -14.17 -42.95 33.55
CA ARG J 67 -12.72 -42.92 33.44
C ARG J 67 -12.10 -41.97 34.46
N PHE J 68 -12.85 -40.94 34.85
CA PHE J 68 -12.36 -39.93 35.78
C PHE J 68 -13.11 -40.06 37.10
N THR J 69 -12.39 -39.84 38.20
CA THR J 69 -12.98 -39.88 39.53
C THR J 69 -12.49 -38.68 40.33
N ILE J 70 -13.43 -37.91 40.88
CA ILE J 70 -13.13 -36.75 41.71
C ILE J 70 -13.22 -37.14 43.18
N SER J 71 -12.29 -36.62 43.98
CA SER J 71 -12.25 -36.91 45.41
C SER J 71 -11.70 -35.69 46.14
N ARG J 72 -12.06 -35.56 47.41
CA ARG J 72 -11.61 -34.46 48.24
C ARG J 72 -11.21 -34.97 49.62
N ASP J 73 -10.21 -34.32 50.21
CA ASP J 73 -9.78 -34.58 51.59
C ASP J 73 -9.96 -33.28 52.37
N ASN J 74 -11.02 -33.22 53.19
CA ASN J 74 -11.32 -31.99 53.92
C ASN J 74 -10.30 -31.70 55.01
N SER J 75 -9.68 -32.72 55.58
CA SER J 75 -8.67 -32.52 56.62
C SER J 75 -7.49 -31.69 56.12
N ASP J 77 -7.66 -30.01 53.17
CA ASP J 77 -8.15 -28.95 52.29
C ASP J 77 -7.64 -29.17 50.86
N THR J 78 -7.67 -30.42 50.42
CA THR J 78 -7.09 -30.80 49.13
C THR J 78 -8.14 -31.49 48.28
N LEU J 79 -8.23 -31.08 47.02
CA LEU J 79 -9.09 -31.70 46.02
C LEU J 79 -8.26 -32.54 45.07
N TYR J 80 -8.77 -33.71 44.70
CA TYR J 80 -8.05 -34.64 43.85
C TYR J 80 -8.87 -34.98 42.61
N LEU J 81 -8.18 -35.13 41.48
CA LEU J 81 -8.78 -35.67 40.27
C LEU J 81 -7.93 -36.84 39.80
N GLN J 82 -8.55 -38.01 39.69
CA GLN J 82 -7.89 -39.23 39.23
C GLN J 82 -8.33 -39.53 37.80
N MET J 83 -7.38 -39.53 36.87
CA MET J 83 -7.65 -39.75 35.46
C MET J 83 -7.09 -41.10 35.05
N THR J 84 -7.94 -41.97 34.51
CA THR J 84 -7.54 -43.29 34.04
C THR J 84 -8.04 -43.48 32.61
N SER J 85 -7.44 -44.45 31.93
CA SER J 85 -7.75 -44.72 30.52
C SER J 85 -7.61 -43.45 29.68
N LEU J 86 -6.52 -42.72 29.92
CA LEU J 86 -6.33 -41.42 29.28
C LEU J 86 -6.27 -41.56 27.75
N ARG J 87 -6.83 -40.56 27.08
CA ARG J 87 -6.88 -40.57 25.63
C ARG J 87 -6.19 -39.36 25.01
N GLU J 89 -6.93 -36.45 23.49
CA GLU J 89 -8.21 -35.78 23.65
C GLU J 89 -8.41 -35.23 25.06
N ASP J 90 -7.82 -35.89 26.05
CA ASP J 90 -7.78 -35.36 27.40
C ASP J 90 -6.68 -34.33 27.56
N THR J 91 -5.87 -34.11 26.53
CA THR J 91 -4.81 -33.13 26.57
C THR J 91 -5.36 -31.72 26.75
N ALA J 92 -5.01 -31.09 27.86
CA ALA J 92 -5.52 -29.76 28.18
C ALA J 92 -4.76 -29.21 29.38
N PHE J 93 -5.00 -27.92 29.64
CA PHE J 93 -4.54 -27.27 30.86
C PHE J 93 -5.68 -27.34 31.86
N TYR J 94 -5.46 -28.04 32.97
CA TYR J 94 -6.53 -28.37 33.91
C TYR J 94 -6.58 -27.38 35.06
N TYR J 95 -7.77 -26.84 35.32
CA TYR J 95 -8.00 -25.89 36.39
C TYR J 95 -8.90 -26.51 37.44
N CYS J 96 -8.61 -26.24 38.70
CA CYS J 96 -9.54 -26.50 39.80
C CYS J 96 -10.18 -25.18 40.20
N VAL J 97 -11.49 -25.20 40.40
CA VAL J 97 -12.26 -23.99 40.67
C VAL J 97 -13.05 -24.19 41.95
N LYS J 98 -13.01 -23.18 42.82
CA LYS J 98 -13.93 -23.14 43.96
C LYS J 98 -15.34 -22.86 43.47
N GLY J 99 -16.29 -23.69 43.90
CA GLY J 99 -17.66 -23.55 43.50
C GLY J 99 -18.51 -22.91 44.58
N LEU J 100 -19.81 -23.16 44.50
CA LEU J 100 -20.79 -22.51 45.37
C LEU J 100 -21.10 -23.38 46.58
N ASP J 101 -21.27 -22.73 47.74
CA ASP J 101 -21.92 -23.36 48.88
C ASP J 101 -23.41 -23.50 48.59
N VAL J 102 -23.91 -24.74 48.64
CA VAL J 102 -25.27 -25.03 48.21
C VAL J 102 -26.29 -24.20 48.99
N LEU J 103 -25.93 -23.75 50.19
CA LEU J 103 -26.81 -22.88 50.97
C LEU J 103 -26.97 -21.49 50.35
N ARG J 104 -26.13 -21.13 49.37
CA ARG J 104 -26.19 -19.84 48.71
C ARG J 104 -26.73 -19.95 47.29
N PHE J 105 -27.58 -20.96 47.03
CA PHE J 105 -28.12 -21.15 45.69
C PHE J 105 -28.92 -19.95 45.22
N LEU J 106 -29.56 -19.22 46.13
CA LEU J 106 -30.35 -18.06 45.76
C LEU J 106 -29.49 -16.97 45.14
N ASP J 107 -28.21 -16.91 45.52
CA ASP J 107 -27.32 -15.88 44.99
C ASP J 107 -27.14 -15.99 43.47
N LEU J 108 -27.27 -17.20 42.92
CA LEU J 108 -27.09 -17.39 41.49
C LEU J 108 -28.13 -16.62 40.68
N SER J 109 -29.36 -16.57 41.16
CA SER J 109 -30.42 -15.86 40.47
C SER J 109 -30.91 -14.62 41.19
N THR J 110 -30.72 -14.52 42.51
CA THR J 110 -31.25 -13.42 43.31
C THR J 110 -30.15 -12.94 44.24
N PRO J 111 -29.24 -12.09 43.74
CA PRO J 111 -28.11 -11.65 44.56
C PRO J 111 -28.57 -10.87 45.78
N SER J 112 -27.98 -11.20 46.93
CA SER J 112 -28.29 -10.55 48.18
C SER J 112 -27.10 -9.85 48.82
N GLY J 113 -25.88 -10.31 48.55
CA GLY J 113 -24.68 -9.76 49.15
C GLY J 113 -23.81 -8.99 48.17
N GLU J 114 -22.72 -8.46 48.72
CA GLU J 114 -21.78 -7.68 47.92
C GLU J 114 -20.99 -8.52 46.92
N ARG J 115 -20.85 -9.82 47.17
CA ARG J 115 -20.04 -10.68 46.31
C ARG J 115 -20.70 -12.05 46.19
N LEU J 116 -20.31 -12.77 45.16
CA LEU J 116 -20.68 -14.17 44.97
C LEU J 116 -19.55 -15.04 45.51
N ASP J 117 -19.85 -15.84 46.54
CA ASP J 117 -18.83 -16.70 47.12
C ASP J 117 -18.67 -17.98 46.31
N ALA J 118 -18.43 -17.83 45.00
CA ALA J 118 -18.26 -18.97 44.11
C ALA J 118 -17.45 -18.53 42.90
N PHE J 119 -16.60 -19.43 42.40
CA PHE J 119 -15.77 -19.18 41.22
C PHE J 119 -14.85 -18.00 41.42
N ASP J 120 -14.59 -17.65 42.68
CA ASP J 120 -13.75 -16.53 43.07
C ASP J 120 -12.30 -16.93 43.29
N ILE J 121 -12.01 -18.21 43.48
CA ILE J 121 -10.65 -18.70 43.63
C ILE J 121 -10.42 -19.77 42.57
N TRP J 122 -9.34 -19.60 41.80
CA TRP J 122 -8.95 -20.54 40.75
C TRP J 122 -7.53 -21.04 40.98
N GLY J 123 -7.29 -22.29 40.58
CA GLY J 123 -5.95 -22.82 40.63
C GLY J 123 -5.04 -22.26 39.55
N GLN J 124 -3.74 -22.43 39.76
CA GLN J 124 -2.76 -21.97 38.79
C GLN J 124 -2.82 -22.77 37.49
N GLY J 125 -3.30 -24.00 37.55
CA GLY J 125 -3.43 -24.81 36.36
C GLY J 125 -2.35 -25.86 36.28
N THR J 126 -2.67 -26.97 35.61
CA THR J 126 -1.73 -28.06 35.43
C THR J 126 -1.86 -28.58 34.01
N MET J 127 -0.73 -28.71 33.32
CA MET J 127 -0.71 -29.15 31.94
C MET J 127 -0.72 -30.67 31.87
N VAL J 128 -1.59 -31.21 31.03
CA VAL J 128 -1.69 -32.65 30.79
C VAL J 128 -1.55 -32.90 29.30
N THR J 129 -0.53 -33.68 28.93
CA THR J 129 -0.28 -34.06 27.54
C THR J 129 -0.33 -35.58 27.43
N VAL J 130 -1.20 -36.09 26.57
CA VAL J 130 -1.36 -37.52 26.37
C VAL J 130 -0.91 -37.83 24.94
N SER J 131 0.22 -38.54 24.84
CA SER J 131 0.79 -38.86 23.54
C SER J 131 1.61 -40.15 23.65
N SER J 132 1.58 -40.95 22.60
CA SER J 132 2.44 -42.12 22.51
C SER J 132 3.90 -41.75 22.29
N ALA J 133 4.17 -40.53 21.86
CA ALA J 133 5.52 -40.10 21.52
C ALA J 133 6.45 -40.15 22.72
N SER J 134 7.74 -40.20 22.44
CA SER J 134 8.77 -40.21 23.47
C SER J 134 9.61 -38.94 23.38
N THR J 135 10.33 -38.66 24.46
CA THR J 135 11.15 -37.46 24.53
C THR J 135 12.20 -37.47 23.42
N LYS J 136 12.25 -36.38 22.66
N LYS J 136 12.25 -36.38 22.67
CA LYS J 136 13.18 -36.27 21.54
CA LYS J 136 13.16 -36.25 21.53
C LYS J 136 13.67 -34.84 21.44
C LYS J 136 13.67 -34.82 21.47
N GLY J 137 14.99 -34.67 21.30
CA GLY J 137 15.59 -33.37 21.15
C GLY J 137 15.22 -32.74 19.81
N PRO J 138 15.22 -31.41 19.76
CA PRO J 138 14.86 -30.73 18.52
C PRO J 138 16.00 -30.72 17.53
N SER J 139 15.63 -30.75 16.25
CA SER J 139 16.58 -30.52 15.16
C SER J 139 16.42 -29.07 14.71
N VAL J 140 17.52 -28.33 14.71
CA VAL J 140 17.51 -26.91 14.42
C VAL J 140 18.00 -26.70 13.00
N PHE J 141 17.12 -26.21 12.14
CA PHE J 141 17.50 -25.98 10.76
C PHE J 141 17.45 -24.49 10.45
N PRO J 142 18.43 -23.95 9.74
CA PRO J 142 18.46 -22.51 9.48
C PRO J 142 17.46 -22.08 8.41
N LEU J 143 16.95 -20.87 8.59
CA LEU J 143 16.17 -20.16 7.58
C LEU J 143 17.06 -19.01 7.09
N ALA J 144 17.77 -19.26 5.99
CA ALA J 144 18.83 -18.35 5.57
C ALA J 144 18.26 -17.08 4.95
N PRO J 145 18.86 -15.92 5.23
CA PRO J 145 18.45 -14.66 4.59
C PRO J 145 18.97 -14.56 3.15
N SER J 146 18.05 -14.60 2.20
CA SER J 146 18.41 -14.41 0.81
C SER J 146 18.02 -12.99 0.36
N SER J 147 17.87 -12.79 -0.94
CA SER J 147 17.40 -11.52 -1.48
C SER J 147 15.88 -11.45 -1.56
N LYS J 148 15.21 -12.61 -1.57
CA LYS J 148 13.76 -12.62 -1.44
C LYS J 148 13.32 -12.28 -0.03
N SER J 149 14.12 -12.63 0.97
CA SER J 149 13.84 -12.25 2.35
C SER J 149 14.15 -10.77 2.62
N THR J 150 14.78 -10.09 1.66
CA THR J 150 15.17 -8.70 1.83
C THR J 150 14.09 -7.80 1.24
N SER J 151 13.68 -6.79 2.01
CA SER J 151 12.68 -5.82 1.55
C SER J 151 12.95 -4.48 2.21
N GLY J 152 13.26 -3.47 1.39
CA GLY J 152 13.47 -2.12 1.89
C GLY J 152 14.62 -1.98 2.86
N GLY J 153 15.76 -2.62 2.57
CA GLY J 153 16.91 -2.54 3.44
C GLY J 153 16.89 -3.48 4.63
N THR J 154 15.84 -4.29 4.77
CA THR J 154 15.69 -5.21 5.88
C THR J 154 15.56 -6.63 5.34
N ALA J 155 16.26 -7.57 5.98
CA ALA J 155 16.23 -8.97 5.61
C ALA J 155 15.66 -9.81 6.75
N ALA J 156 14.97 -10.88 6.40
CA ALA J 156 14.36 -11.79 7.37
C ALA J 156 15.15 -13.09 7.40
N LEU J 157 15.45 -13.57 8.61
CA LEU J 157 16.14 -14.83 8.80
C LEU J 157 15.60 -15.49 10.07
N GLY J 158 15.80 -16.79 10.18
CA GLY J 158 15.29 -17.48 11.35
C GLY J 158 15.83 -18.89 11.47
N CYS J 159 15.24 -19.64 12.41
CA CYS J 159 15.61 -21.02 12.70
C CYS J 159 14.35 -21.86 12.81
N LEU J 160 14.43 -23.10 12.33
CA LEU J 160 13.33 -24.05 12.39
C LEU J 160 13.69 -25.16 13.38
N VAL J 161 13.04 -25.14 14.55
CA VAL J 161 13.23 -26.18 15.56
C VAL J 161 12.13 -27.22 15.37
N LYS J 162 12.50 -28.40 14.88
CA LYS J 162 11.54 -29.37 14.40
C LYS J 162 11.73 -30.71 15.09
N ASP J 163 10.61 -31.43 15.25
CA ASP J 163 10.59 -32.80 15.76
C ASP J 163 11.16 -32.88 17.19
N TYR J 164 10.57 -32.09 18.08
CA TYR J 164 10.92 -32.15 19.50
C TYR J 164 9.69 -32.56 20.30
N PHE J 165 9.90 -33.38 21.32
CA PHE J 165 8.86 -33.76 22.26
C PHE J 165 9.46 -33.82 23.66
N PRO J 166 8.73 -33.36 24.69
CA PRO J 166 7.48 -32.60 24.58
C PRO J 166 7.73 -31.10 24.65
N GLU J 167 6.67 -30.32 24.82
CA GLU J 167 6.84 -28.90 25.03
C GLU J 167 7.53 -28.65 26.36
N PRO J 168 8.24 -27.53 26.52
CA PRO J 168 8.44 -26.43 25.59
C PRO J 168 9.86 -26.33 25.07
N VAL J 169 10.13 -25.34 24.24
CA VAL J 169 11.48 -25.00 23.82
C VAL J 169 11.67 -23.50 24.03
N THR J 170 12.91 -23.12 24.32
CA THR J 170 13.29 -21.73 24.49
C THR J 170 14.21 -21.34 23.35
N VAL J 171 13.89 -20.22 22.70
CA VAL J 171 14.65 -19.74 21.55
C VAL J 171 15.16 -18.35 21.88
N SER J 172 16.49 -18.16 21.79
CA SER J 172 17.11 -16.86 21.98
C SER J 172 18.00 -16.55 20.78
N TRP J 173 18.22 -15.26 20.55
CA TRP J 173 19.04 -14.79 19.44
C TRP J 173 20.25 -14.05 19.99
N ASN J 174 21.45 -14.47 19.59
CA ASN J 174 22.70 -13.88 20.04
C ASN J 174 22.77 -13.85 21.57
N SER J 175 22.30 -14.93 22.20
CA SER J 175 22.30 -15.07 23.66
C SER J 175 21.56 -13.91 24.32
N GLY J 176 20.43 -13.52 23.71
CA GLY J 176 19.60 -12.46 24.24
C GLY J 176 20.01 -11.06 23.81
N ALA J 177 21.12 -10.90 23.08
CA ALA J 177 21.52 -9.58 22.64
C ALA J 177 20.62 -9.04 21.54
N LEU J 178 20.03 -9.92 20.73
CA LEU J 178 19.12 -9.53 19.65
C LEU J 178 17.70 -9.81 20.11
N THR J 179 16.91 -8.75 20.28
CA THR J 179 15.52 -8.88 20.70
C THR J 179 14.53 -8.16 19.79
N SER J 180 14.96 -7.12 19.07
CA SER J 180 14.05 -6.37 18.21
C SER J 180 13.80 -7.13 16.91
N GLY J 181 12.54 -7.14 16.49
CA GLY J 181 12.15 -7.86 15.29
C GLY J 181 12.03 -9.35 15.45
N VAL J 182 12.31 -9.90 16.62
CA VAL J 182 12.24 -11.34 16.84
C VAL J 182 10.79 -11.76 17.01
N HIS J 183 10.39 -12.79 16.26
CA HIS J 183 9.09 -13.42 16.39
C HIS J 183 9.30 -14.92 16.55
N THR J 184 9.05 -15.42 17.75
CA THR J 184 9.06 -16.87 18.02
C THR J 184 7.61 -17.32 18.06
N PHE J 185 7.23 -18.13 17.08
CA PHE J 185 5.84 -18.50 16.87
C PHE J 185 5.43 -19.63 17.81
N PRO J 186 4.14 -19.79 18.06
CA PRO J 186 3.69 -20.96 18.81
C PRO J 186 4.03 -22.23 18.06
N ALA J 187 4.43 -23.26 18.79
CA ALA J 187 4.73 -24.53 18.17
C ALA J 187 3.46 -25.18 17.64
N VAL J 188 3.63 -26.08 16.68
CA VAL J 188 2.53 -26.85 16.13
C VAL J 188 2.83 -28.33 16.38
N LEU J 189 1.77 -29.11 16.53
CA LEU J 189 1.87 -30.55 16.72
C LEU J 189 1.70 -31.24 15.37
N GLN J 190 2.74 -31.91 14.90
CA GLN J 190 2.66 -32.59 13.62
C GLN J 190 1.88 -33.89 13.74
N SER J 191 1.49 -34.45 12.59
CA SER J 191 0.78 -35.73 12.59
C SER J 191 1.62 -36.85 13.18
N SER J 192 2.95 -36.69 13.17
CA SER J 192 3.85 -37.67 13.78
C SER J 192 3.74 -37.69 15.30
N GLY J 193 3.14 -36.67 15.90
CA GLY J 193 3.11 -36.53 17.34
C GLY J 193 4.22 -35.70 17.94
N LEU J 194 5.10 -35.13 17.10
CA LEU J 194 6.20 -34.29 17.54
C LEU J 194 5.90 -32.83 17.19
N TYR J 195 6.44 -31.93 18.00
CA TYR J 195 6.22 -30.50 17.81
C TYR J 195 7.26 -29.90 16.87
N SER J 196 6.87 -28.81 16.19
CA SER J 196 7.76 -28.08 15.30
C SER J 196 7.52 -26.59 15.49
N LEU J 197 8.60 -25.83 15.67
CA LEU J 197 8.51 -24.40 15.95
C LEU J 197 9.46 -23.62 15.05
N SER J 198 9.05 -22.41 14.70
CA SER J 198 9.89 -21.49 13.94
C SER J 198 10.06 -20.19 14.71
N SER J 199 11.28 -19.64 14.67
CA SER J 199 11.57 -18.34 15.27
C SER J 199 12.38 -17.52 14.27
N VAL J 200 11.84 -16.36 13.89
CA VAL J 200 12.45 -15.51 12.87
C VAL J 200 12.76 -14.14 13.47
N VAL J 201 13.70 -13.45 12.84
CA VAL J 201 14.06 -12.09 13.21
C VAL J 201 14.40 -11.32 11.94
N THR J 202 13.97 -10.06 11.89
CA THR J 202 14.30 -9.17 10.78
C THR J 202 15.46 -8.26 11.19
N VAL J 203 16.49 -8.22 10.36
CA VAL J 203 17.71 -7.45 10.63
C VAL J 203 18.03 -6.64 9.38
N PRO J 204 18.82 -5.57 9.53
CA PRO J 204 19.23 -4.81 8.33
C PRO J 204 20.03 -5.68 7.37
N SER J 205 19.68 -5.58 6.08
CA SER J 205 20.36 -6.40 5.07
C SER J 205 21.84 -6.04 4.96
N SER J 206 22.18 -4.75 5.10
CA SER J 206 23.58 -4.35 5.00
C SER J 206 24.43 -5.01 6.07
N SER J 207 23.85 -5.27 7.25
CA SER J 207 24.58 -5.89 8.35
C SER J 207 24.83 -7.38 8.13
N LEU J 208 24.15 -8.00 7.16
CA LEU J 208 24.21 -9.45 7.01
C LEU J 208 25.63 -9.94 6.79
N GLY J 209 26.41 -9.22 5.97
CA GLY J 209 27.79 -9.62 5.75
C GLY J 209 28.66 -9.42 6.98
N THR J 210 28.40 -8.33 7.73
CA THR J 210 29.24 -7.99 8.87
C THR J 210 28.83 -8.76 10.14
N GLN J 211 27.54 -8.76 10.46
CA GLN J 211 27.08 -9.22 11.76
C GLN J 211 26.67 -10.69 11.70
N THR J 212 27.13 -11.46 12.70
CA THR J 212 26.76 -12.86 12.83
C THR J 212 25.53 -13.01 13.71
N TYR J 213 24.59 -13.85 13.27
CA TYR J 213 23.34 -14.08 13.96
C TYR J 213 23.28 -15.55 14.37
N ILE J 214 23.13 -15.80 15.67
CA ILE J 214 23.07 -17.17 16.19
C ILE J 214 21.80 -17.34 16.98
N CYS J 215 21.04 -18.39 16.68
CA CYS J 215 19.83 -18.73 17.41
C CYS J 215 20.17 -19.84 18.41
N ASN J 216 19.76 -19.65 19.65
CA ASN J 216 20.02 -20.60 20.74
C ASN J 216 18.73 -21.30 21.10
N VAL J 217 18.67 -22.61 20.86
CA VAL J 217 17.49 -23.42 21.12
C VAL J 217 17.81 -24.37 22.26
N ASN J 218 17.05 -24.27 23.35
CA ASN J 218 17.25 -25.11 24.52
C ASN J 218 15.97 -25.89 24.81
N HIS J 219 16.11 -27.21 24.94
CA HIS J 219 15.00 -28.12 25.20
C HIS J 219 15.28 -28.80 26.54
N LYS J 220 14.66 -28.32 27.60
CA LYS J 220 14.95 -28.86 28.93
C LYS J 220 14.61 -30.34 29.08
N PRO J 221 13.49 -30.86 28.54
CA PRO J 221 13.21 -32.29 28.77
C PRO J 221 14.28 -33.25 28.28
N SER J 222 14.88 -32.97 27.12
CA SER J 222 15.95 -33.82 26.59
C SER J 222 17.33 -33.26 26.89
N ASN J 223 17.43 -32.20 27.69
CA ASN J 223 18.70 -31.57 28.05
C ASN J 223 19.50 -31.16 26.81
N THR J 224 18.78 -30.87 25.72
CA THR J 224 19.40 -30.54 24.44
C THR J 224 19.52 -29.02 24.31
N LYS J 225 20.74 -28.54 24.09
CA LYS J 225 20.99 -27.13 23.80
C LYS J 225 21.78 -27.04 22.51
N VAL J 226 21.18 -26.45 21.48
CA VAL J 226 21.78 -26.35 20.16
C VAL J 226 21.89 -24.88 19.79
N ASP J 227 23.09 -24.45 19.41
CA ASP J 227 23.33 -23.11 18.90
C ASP J 227 23.69 -23.21 17.42
N LYS J 228 22.86 -22.62 16.56
CA LYS J 228 23.00 -22.74 15.12
C LYS J 228 23.25 -21.37 14.52
N ARG J 229 24.38 -21.23 13.82
CA ARG J 229 24.67 -19.99 13.10
C ARG J 229 23.91 -19.99 11.78
N VAL J 230 23.22 -18.90 11.49
CA VAL J 230 22.46 -18.74 10.26
C VAL J 230 23.30 -17.88 9.32
N GLU J 231 23.78 -18.48 8.23
CA GLU J 231 24.65 -17.71 7.36
C GLU J 231 23.89 -17.21 6.13
N PRO J 232 24.18 -16.00 5.68
CA PRO J 232 23.49 -15.46 4.50
C PRO J 232 23.76 -16.28 3.25
N LYS J 233 22.81 -16.24 2.33
CA LYS J 233 22.93 -16.93 1.05
C LYS J 233 23.18 -15.94 -0.09
N ASP K 1 -25.70 -31.30 27.34
CA ASP K 1 -26.12 -30.21 28.21
C ASP K 1 -26.63 -29.03 27.39
N ILE K 2 -26.68 -27.87 28.03
CA ILE K 2 -27.04 -26.63 27.35
C ILE K 2 -25.81 -26.11 26.62
N VAL K 3 -25.99 -25.76 25.36
CA VAL K 3 -24.90 -25.27 24.51
C VAL K 3 -24.98 -23.75 24.48
N MET K 4 -23.84 -23.11 24.76
CA MET K 4 -23.73 -21.66 24.74
C MET K 4 -22.95 -21.23 23.50
N THR K 5 -23.48 -20.25 22.79
CA THR K 5 -22.84 -19.67 21.62
C THR K 5 -22.55 -18.20 21.89
N GLN K 6 -21.41 -17.72 21.39
CA GLN K 6 -21.01 -16.33 21.54
C GLN K 6 -20.68 -15.75 20.16
N SER K 7 -21.25 -14.59 19.85
CA SER K 7 -20.92 -13.91 18.61
C SER K 7 -20.52 -12.46 18.92
N PRO K 8 -19.47 -11.96 18.25
CA PRO K 8 -18.63 -12.72 17.33
C PRO K 8 -17.52 -13.45 18.08
N SER K 9 -16.75 -14.27 17.35
CA SER K 9 -15.62 -14.97 17.96
C SER K 9 -14.44 -14.04 18.18
N PHE K 10 -14.22 -13.06 17.30
CA PHE K 10 -13.13 -12.11 17.39
C PHE K 10 -13.67 -10.70 17.21
N LEU K 11 -13.10 -9.74 17.94
CA LEU K 11 -13.54 -8.35 17.88
C LEU K 11 -12.34 -7.42 18.02
N SER K 12 -12.32 -6.37 17.21
CA SER K 12 -11.28 -5.35 17.29
C SER K 12 -11.94 -4.04 17.70
N ALA K 13 -11.39 -3.41 18.74
CA ALA K 13 -11.92 -2.13 19.21
C ALA K 13 -10.78 -1.27 19.72
N SER K 14 -11.00 0.04 19.69
CA SER K 14 -10.05 0.98 20.26
C SER K 14 -10.38 1.28 21.71
N VAL K 15 -9.39 1.78 22.44
CA VAL K 15 -9.61 2.25 23.81
C VAL K 15 -10.61 3.40 23.78
N GLY K 16 -11.60 3.33 24.66
CA GLY K 16 -12.66 4.32 24.71
C GLY K 16 -13.89 3.98 23.92
N ASP K 17 -13.93 2.83 23.26
CA ASP K 17 -15.10 2.42 22.52
C ASP K 17 -16.12 1.74 23.43
N ARG K 18 -17.34 1.65 22.94
CA ARG K 18 -18.39 0.87 23.58
C ARG K 18 -18.45 -0.49 22.89
N VAL K 19 -18.26 -1.56 23.66
CA VAL K 19 -18.20 -2.92 23.15
C VAL K 19 -19.35 -3.72 23.73
N THR K 20 -20.09 -4.42 22.88
CA THR K 20 -21.16 -5.32 23.31
C THR K 20 -20.86 -6.72 22.82
N ILE K 21 -20.77 -7.67 23.75
CA ILE K 21 -20.55 -9.07 23.44
C ILE K 21 -21.84 -9.81 23.76
N THR K 22 -22.22 -10.74 22.89
CA THR K 22 -23.47 -11.45 23.00
C THR K 22 -23.22 -12.93 23.30
N CYS K 23 -24.06 -13.49 24.16
CA CYS K 23 -24.05 -14.91 24.52
C CYS K 23 -25.46 -15.44 24.36
N ARG K 24 -25.59 -16.62 23.75
CA ARG K 24 -26.88 -17.24 23.54
C ARG K 24 -26.89 -18.64 24.13
N ALA K 25 -28.01 -19.00 24.75
CA ALA K 25 -28.21 -20.30 25.34
C ALA K 25 -29.18 -21.09 24.47
N SER K 26 -28.90 -22.38 24.29
CA SER K 26 -29.76 -23.21 23.45
C SER K 26 -31.15 -23.37 24.05
N GLN K 27 -31.28 -23.29 25.37
CA GLN K 27 -32.58 -23.29 26.04
C GLN K 27 -32.59 -22.19 27.09
N GLY K 28 -33.80 -21.90 27.59
CA GLY K 28 -33.99 -20.90 28.61
C GLY K 28 -33.27 -21.22 29.90
N ILE K 29 -32.41 -20.31 30.34
CA ILE K 29 -31.69 -20.46 31.59
C ILE K 29 -32.04 -19.37 32.59
N SER K 30 -33.13 -18.62 32.34
CA SER K 30 -33.55 -17.51 33.18
C SER K 30 -32.38 -16.53 33.24
N ASN K 31 -31.90 -16.12 34.42
CA ASN K 31 -30.73 -15.27 34.55
C ASN K 31 -29.54 -16.01 35.14
N TYR K 32 -29.57 -17.36 35.08
CA TYR K 32 -28.49 -18.18 35.61
C TYR K 32 -27.27 -18.16 34.69
N LEU K 33 -26.70 -16.96 34.52
CA LEU K 33 -25.58 -16.78 33.60
C LEU K 33 -24.54 -15.85 34.21
N ALA K 34 -23.26 -16.19 33.99
CA ALA K 34 -22.15 -15.40 34.46
C ALA K 34 -21.22 -15.05 33.30
N TRP K 35 -20.43 -13.99 33.50
CA TRP K 35 -19.46 -13.54 32.51
C TRP K 35 -18.07 -13.57 33.11
N TYR K 36 -17.09 -13.96 32.30
CA TYR K 36 -15.71 -14.10 32.74
C TYR K 36 -14.77 -13.41 31.76
N GLN K 37 -13.60 -13.06 32.28
CA GLN K 37 -12.49 -12.51 31.50
C GLN K 37 -11.28 -13.40 31.71
N GLN K 38 -10.64 -13.82 30.62
CA GLN K 38 -9.40 -14.58 30.68
C GLN K 38 -8.34 -13.90 29.84
N LYS K 39 -7.16 -13.72 30.42
CA LYS K 39 -5.97 -13.21 29.77
C LYS K 39 -4.95 -14.33 29.63
N PRO K 40 -4.14 -14.33 28.57
CA PRO K 40 -3.22 -15.44 28.31
C PRO K 40 -2.32 -15.72 29.51
N GLY K 41 -2.20 -17.00 29.85
CA GLY K 41 -1.40 -17.41 30.99
C GLY K 41 -2.08 -17.26 32.33
N LYS K 42 -3.35 -16.88 32.36
CA LYS K 42 -4.07 -16.63 33.60
C LYS K 42 -5.40 -17.37 33.57
N ALA K 43 -5.92 -17.64 34.76
CA ALA K 43 -7.20 -18.31 34.90
C ALA K 43 -8.34 -17.32 34.69
N PRO K 44 -9.53 -17.81 34.32
CA PRO K 44 -10.69 -16.90 34.22
C PRO K 44 -10.99 -16.25 35.57
N HIS K 45 -11.44 -15.00 35.52
CA HIS K 45 -11.85 -14.28 36.71
C HIS K 45 -13.25 -13.72 36.50
N LEU K 46 -14.08 -13.86 37.54
CA LEU K 46 -15.51 -13.56 37.41
C LEU K 46 -15.75 -12.05 37.32
N LEU K 47 -16.58 -11.65 36.37
CA LEU K 47 -16.99 -10.26 36.19
C LEU K 47 -18.43 -10.00 36.63
N ILE K 48 -19.36 -10.82 36.15
CA ILE K 48 -20.79 -10.60 36.37
C ILE K 48 -21.44 -11.95 36.63
N TYR K 49 -22.36 -11.99 37.59
CA TYR K 49 -23.20 -13.14 37.86
C TYR K 49 -24.66 -12.72 37.86
N ALA K 50 -25.54 -13.70 37.73
CA ALA K 50 -26.98 -13.46 37.63
C ALA K 50 -27.30 -12.51 36.48
N ALA K 51 -26.54 -12.64 35.39
CA ALA K 51 -26.71 -11.90 34.16
C ALA K 51 -26.33 -10.42 34.28
N SER K 52 -26.81 -9.74 35.32
CA SER K 52 -26.66 -8.29 35.40
C SER K 52 -25.92 -7.78 36.63
N THR K 53 -25.50 -8.64 37.55
CA THR K 53 -24.95 -8.18 38.83
C THR K 53 -23.43 -8.23 38.77
N LEU K 54 -22.80 -7.07 39.02
CA LEU K 54 -21.34 -6.97 38.97
C LEU K 54 -20.73 -7.56 40.23
N GLN K 55 -19.70 -8.38 40.06
CA GLN K 55 -18.97 -8.91 41.20
C GLN K 55 -18.17 -7.78 41.87
N SER K 56 -18.00 -7.90 43.18
CA SER K 56 -17.30 -6.86 43.93
C SER K 56 -15.87 -6.72 43.42
N GLY K 57 -15.40 -5.48 43.36
CA GLY K 57 -14.07 -5.18 42.85
C GLY K 57 -13.96 -5.12 41.35
N VAL K 58 -15.05 -5.34 40.63
CA VAL K 58 -15.05 -5.28 39.17
C VAL K 58 -15.42 -3.86 38.75
N PRO K 59 -14.69 -3.24 37.83
CA PRO K 59 -14.98 -1.86 37.46
C PRO K 59 -16.40 -1.69 36.94
N SER K 60 -16.95 -0.50 37.17
CA SER K 60 -18.33 -0.21 36.79
C SER K 60 -18.54 -0.16 35.29
N ARG K 61 -17.47 -0.08 34.49
CA ARG K 61 -17.64 -0.06 33.04
C ARG K 61 -18.25 -1.36 32.52
N PHE K 62 -18.02 -2.47 33.22
CA PHE K 62 -18.64 -3.73 32.85
C PHE K 62 -20.09 -3.76 33.32
N SER K 63 -20.99 -4.17 32.44
CA SER K 63 -22.40 -4.30 32.78
C SER K 63 -22.98 -5.49 32.00
N GLY K 64 -24.04 -6.07 32.54
CA GLY K 64 -24.66 -7.22 31.94
C GLY K 64 -26.16 -7.04 31.78
N SER K 65 -26.72 -7.76 30.81
CA SER K 65 -28.15 -7.70 30.55
C SER K 65 -28.62 -9.03 29.98
N GLY K 66 -29.93 -9.22 29.98
CA GLY K 66 -30.56 -10.34 29.32
C GLY K 66 -31.17 -11.33 30.30
N SER K 67 -32.21 -12.03 29.84
CA SER K 67 -32.79 -13.14 30.57
C SER K 67 -33.37 -14.11 29.54
N GLY K 68 -33.35 -15.40 29.88
CA GLY K 68 -33.78 -16.39 28.91
C GLY K 68 -32.67 -16.86 28.00
N THR K 69 -32.83 -16.61 26.70
CA THR K 69 -31.92 -17.09 25.66
C THR K 69 -30.76 -16.13 25.36
N GLU K 70 -31.02 -14.84 25.29
CA GLU K 70 -30.04 -13.88 24.78
C GLU K 70 -29.48 -13.03 25.90
N PHE K 71 -28.15 -12.90 25.93
CA PHE K 71 -27.45 -12.13 26.95
C PHE K 71 -26.39 -11.26 26.30
N THR K 72 -26.07 -10.15 26.95
CA THR K 72 -25.07 -9.23 26.42
C THR K 72 -24.19 -8.72 27.55
N LEU K 73 -22.90 -8.59 27.25
CA LEU K 73 -21.94 -7.94 28.13
C LEU K 73 -21.47 -6.67 27.43
N THR K 74 -21.59 -5.53 28.13
CA THR K 74 -21.28 -4.24 27.56
C THR K 74 -20.20 -3.56 28.39
N ILE K 75 -19.15 -3.09 27.71
CA ILE K 75 -18.12 -2.24 28.30
C ILE K 75 -18.32 -0.83 27.76
N SER K 76 -18.71 0.09 28.65
CA SER K 76 -19.07 1.44 28.22
C SER K 76 -17.90 2.14 27.53
N SER K 77 -16.72 2.09 28.15
CA SER K 77 -15.51 2.64 27.54
C SER K 77 -14.37 1.66 27.79
N LEU K 78 -13.87 1.05 26.72
CA LEU K 78 -12.81 0.06 26.83
C LEU K 78 -11.51 0.68 27.34
N GLN K 79 -10.84 -0.04 28.22
CA GLN K 79 -9.58 0.37 28.82
C GLN K 79 -8.46 -0.56 28.37
N PRO K 80 -7.20 -0.11 28.44
CA PRO K 80 -6.09 -0.95 27.95
C PRO K 80 -6.02 -2.32 28.59
N GLU K 81 -6.42 -2.45 29.87
CA GLU K 81 -6.45 -3.74 30.54
C GLU K 81 -7.63 -4.59 30.11
N ASP K 82 -8.60 -4.03 29.39
CA ASP K 82 -9.78 -4.77 28.99
C ASP K 82 -9.52 -5.71 27.82
N PHE K 83 -8.46 -5.49 27.04
CA PHE K 83 -8.19 -6.36 25.91
C PHE K 83 -7.84 -7.76 26.38
N ALA K 84 -8.71 -8.72 26.04
CA ALA K 84 -8.65 -10.07 26.57
C ALA K 84 -9.74 -10.91 25.93
N THR K 85 -9.90 -12.14 26.41
CA THR K 85 -10.97 -13.03 25.95
C THR K 85 -12.08 -13.09 26.98
N TYR K 86 -13.32 -13.02 26.53
CA TYR K 86 -14.48 -12.99 27.39
C TYR K 86 -15.35 -14.21 27.15
N TYR K 87 -15.68 -14.93 28.22
CA TYR K 87 -16.49 -16.14 28.18
C TYR K 87 -17.76 -15.92 28.99
N CYS K 88 -18.86 -16.48 28.51
CA CYS K 88 -20.08 -16.56 29.30
C CYS K 88 -20.23 -17.97 29.87
N GLN K 89 -20.92 -18.05 31.00
CA GLN K 89 -21.08 -19.30 31.73
C GLN K 89 -22.53 -19.46 32.13
N GLN K 90 -23.17 -20.52 31.65
CA GLN K 90 -24.51 -20.85 32.10
C GLN K 90 -24.42 -21.63 33.40
N LEU K 91 -25.19 -21.21 34.40
CA LEU K 91 -25.22 -21.87 35.69
C LEU K 91 -26.57 -22.53 35.97
N ASN K 92 -27.44 -22.60 34.95
CA ASN K 92 -28.78 -23.14 35.15
C ASN K 92 -28.74 -24.60 35.61
N SER K 93 -27.80 -25.37 35.10
CA SER K 93 -27.71 -26.79 35.43
C SER K 93 -26.75 -27.06 36.59
N TYR K 94 -26.46 -26.06 37.40
CA TYR K 94 -25.51 -26.24 38.49
C TYR K 94 -25.95 -27.41 39.37
N PRO K 95 -25.03 -28.28 39.81
CA PRO K 95 -23.56 -28.17 39.82
C PRO K 95 -22.85 -28.40 38.49
N LEU K 96 -23.61 -28.55 37.40
CA LEU K 96 -23.04 -28.67 36.06
C LEU K 96 -23.10 -27.32 35.36
N PHE K 97 -21.98 -26.88 34.81
CA PHE K 97 -21.95 -25.64 34.03
C PHE K 97 -21.16 -25.84 32.76
N THR K 98 -21.58 -25.15 31.71
CA THR K 98 -20.90 -25.12 30.43
C THR K 98 -20.59 -23.68 30.03
N PHE K 99 -19.49 -23.52 29.31
CA PHE K 99 -19.01 -22.21 28.89
C PHE K 99 -19.30 -21.96 27.41
N GLY K 100 -19.31 -20.67 27.04
CA GLY K 100 -19.37 -20.29 25.65
C GLY K 100 -17.99 -20.39 25.04
N PRO K 101 -17.91 -20.40 23.71
CA PRO K 101 -16.59 -20.50 23.05
C PRO K 101 -15.71 -19.29 23.26
N GLY K 102 -16.27 -18.14 23.58
CA GLY K 102 -15.47 -16.97 23.92
C GLY K 102 -15.43 -15.95 22.80
N THR K 103 -15.29 -14.68 23.19
CA THR K 103 -15.05 -13.58 22.26
C THR K 103 -13.74 -12.92 22.65
N LYS K 104 -12.82 -12.84 21.69
CA LYS K 104 -11.51 -12.26 21.91
C LYS K 104 -11.47 -10.85 21.36
N VAL K 105 -11.04 -9.90 22.18
CA VAL K 105 -11.02 -8.49 21.83
C VAL K 105 -9.57 -8.08 21.58
N ASP K 106 -9.31 -7.54 20.40
CA ASP K 106 -8.00 -7.04 20.00
C ASP K 106 -8.02 -5.52 19.90
N ILE K 107 -6.83 -4.94 19.85
CA ILE K 107 -6.70 -3.50 19.67
C ILE K 107 -6.97 -3.18 18.20
N GLU K 108 -7.78 -2.16 17.96
CA GLU K 108 -8.09 -1.76 16.59
C GLU K 108 -6.93 -0.97 16.01
N ARG K 109 -6.73 -1.11 14.70
CA ARG K 109 -5.56 -0.55 14.05
C ARG K 109 -5.87 -0.32 12.57
N THR K 110 -5.10 0.57 11.95
CA THR K 110 -5.17 0.74 10.51
C THR K 110 -4.68 -0.52 9.80
N VAL K 111 -5.27 -0.80 8.64
CA VAL K 111 -4.94 -2.01 7.89
C VAL K 111 -3.47 -2.01 7.51
N ALA K 112 -2.79 -3.12 7.79
CA ALA K 112 -1.37 -3.30 7.46
C ALA K 112 -1.18 -4.58 6.67
N ALA K 113 -0.63 -4.46 5.46
CA ALA K 113 -0.39 -5.63 4.63
C ALA K 113 0.79 -6.45 5.14
N PRO K 114 0.75 -7.77 4.97
CA PRO K 114 1.88 -8.60 5.41
C PRO K 114 3.07 -8.50 4.47
N SER K 115 4.27 -8.58 5.05
CA SER K 115 5.49 -8.81 4.30
C SER K 115 5.71 -10.32 4.21
N VAL K 116 5.74 -10.84 2.98
CA VAL K 116 5.75 -12.28 2.74
C VAL K 116 7.15 -12.69 2.31
N PHE K 117 7.69 -13.71 2.97
CA PHE K 117 9.00 -14.26 2.64
C PHE K 117 8.90 -15.78 2.64
N ILE K 118 9.51 -16.42 1.64
CA ILE K 118 9.54 -17.87 1.55
C ILE K 118 10.97 -18.36 1.75
N PHE K 119 11.11 -19.43 2.54
CA PHE K 119 12.42 -20.01 2.84
C PHE K 119 12.46 -21.45 2.34
N PRO K 120 13.37 -21.81 1.44
CA PRO K 120 13.47 -23.20 0.98
C PRO K 120 14.06 -24.07 2.08
N PRO K 121 13.89 -25.39 2.00
CA PRO K 121 14.51 -26.27 3.00
C PRO K 121 16.02 -26.14 3.00
N SER K 122 16.60 -26.18 4.20
CA SER K 122 18.05 -26.09 4.34
C SER K 122 18.71 -27.39 3.89
N ASP K 123 19.99 -27.28 3.52
CA ASP K 123 20.75 -28.45 3.12
C ASP K 123 20.89 -29.46 4.25
N GLU K 124 20.96 -29.00 5.50
CA GLU K 124 21.07 -29.89 6.64
C GLU K 124 19.85 -30.80 6.72
N GLN K 125 18.65 -30.22 6.60
CA GLN K 125 17.43 -31.02 6.68
C GLN K 125 17.31 -31.98 5.51
N LEU K 126 17.76 -31.57 4.32
CA LEU K 126 17.63 -32.42 3.15
C LEU K 126 18.41 -33.72 3.29
N LYS K 127 19.56 -33.67 3.98
CA LYS K 127 20.29 -34.90 4.28
C LYS K 127 19.48 -35.82 5.18
N SER K 128 18.64 -35.25 6.04
CA SER K 128 17.83 -36.04 6.97
C SER K 128 16.69 -36.78 6.29
N GLY K 129 16.36 -36.46 5.04
CA GLY K 129 15.33 -37.17 4.31
C GLY K 129 13.96 -36.52 4.29
N THR K 130 13.80 -35.32 4.86
CA THR K 130 12.55 -34.59 4.81
C THR K 130 12.81 -33.16 4.35
N ALA K 131 11.81 -32.56 3.72
CA ALA K 131 11.88 -31.19 3.24
C ALA K 131 10.76 -30.38 3.88
N SER K 132 11.12 -29.27 4.52
CA SER K 132 10.17 -28.35 5.14
C SER K 132 10.36 -26.97 4.51
N VAL K 133 9.29 -26.43 3.94
CA VAL K 133 9.28 -25.10 3.36
C VAL K 133 8.50 -24.18 4.28
N VAL K 134 9.11 -23.06 4.67
CA VAL K 134 8.52 -22.13 5.63
C VAL K 134 8.15 -20.85 4.92
N CYS K 135 6.93 -20.39 5.15
CA CYS K 135 6.45 -19.12 4.61
C CYS K 135 6.15 -18.18 5.76
N LEU K 136 6.76 -16.99 5.73
CA LEU K 136 6.65 -16.03 6.81
C LEU K 136 5.80 -14.85 6.36
N LEU K 137 4.77 -14.56 7.14
CA LEU K 137 3.95 -13.37 6.97
C LEU K 137 4.21 -12.47 8.18
N ASN K 138 4.81 -11.30 7.93
CA ASN K 138 5.34 -10.49 9.02
C ASN K 138 4.58 -9.19 9.15
N ASN K 139 4.14 -8.90 10.38
CA ASN K 139 3.60 -7.59 10.79
C ASN K 139 2.43 -7.15 9.91
N PHE K 140 1.37 -7.95 9.94
CA PHE K 140 0.13 -7.63 9.25
C PHE K 140 -0.99 -7.36 10.24
N TYR K 141 -1.97 -6.57 9.79
CA TYR K 141 -3.21 -6.32 10.50
C TYR K 141 -4.27 -6.10 9.44
N PRO K 142 -5.47 -6.69 9.58
CA PRO K 142 -5.94 -7.49 10.72
C PRO K 142 -5.45 -8.94 10.72
N ARG K 143 -5.93 -9.72 11.69
CA ARG K 143 -5.41 -11.07 11.89
C ARG K 143 -5.82 -12.02 10.75
N GLU K 144 -6.94 -11.74 10.10
CA GLU K 144 -7.44 -12.64 9.06
C GLU K 144 -6.44 -12.73 7.92
N ALA K 145 -5.97 -13.94 7.65
CA ALA K 145 -5.01 -14.19 6.59
C ALA K 145 -5.13 -15.64 6.14
N LYS K 146 -4.94 -15.86 4.85
CA LYS K 146 -4.97 -17.20 4.27
C LYS K 146 -3.67 -17.47 3.54
N VAL K 147 -2.99 -18.55 3.91
CA VAL K 147 -1.81 -19.02 3.21
C VAL K 147 -2.19 -20.28 2.44
N GLN K 148 -1.94 -20.29 1.14
CA GLN K 148 -2.19 -21.44 0.30
C GLN K 148 -0.89 -21.85 -0.36
N TRP K 149 -0.47 -23.09 -0.11
CA TRP K 149 0.74 -23.63 -0.71
C TRP K 149 0.44 -24.20 -2.08
N LYS K 150 1.32 -23.90 -3.03
CA LYS K 150 1.20 -24.42 -4.39
C LYS K 150 2.53 -25.07 -4.78
N VAL K 151 2.46 -26.31 -5.23
CA VAL K 151 3.61 -27.06 -5.69
C VAL K 151 3.35 -27.40 -7.15
N ASP K 152 4.13 -26.81 -8.04
CA ASP K 152 3.91 -26.90 -9.49
C ASP K 152 2.47 -26.51 -9.83
N ASN K 153 2.02 -25.41 -9.21
CA ASN K 153 0.70 -24.80 -9.37
C ASN K 153 -0.41 -25.61 -8.72
N ALA K 154 -0.12 -26.78 -8.15
CA ALA K 154 -1.12 -27.65 -7.55
C ALA K 154 -1.38 -27.26 -6.09
N LEU K 155 -2.65 -27.01 -5.76
CA LEU K 155 -3.02 -26.63 -4.41
C LEU K 155 -2.80 -27.80 -3.45
N GLN K 156 -2.11 -27.53 -2.34
CA GLN K 156 -1.74 -28.54 -1.35
C GLN K 156 -2.76 -28.60 -0.22
N SER K 157 -3.01 -29.82 0.27
CA SER K 157 -3.89 -30.02 1.43
C SER K 157 -3.31 -31.07 2.35
N GLY K 158 -3.37 -30.80 3.66
CA GLY K 158 -3.01 -31.76 4.67
C GLY K 158 -1.53 -31.85 4.97
N ASN K 159 -0.68 -31.15 4.23
CA ASN K 159 0.76 -31.16 4.45
C ASN K 159 1.30 -29.83 4.93
N SER K 160 0.45 -28.92 5.40
CA SER K 160 0.89 -27.63 5.89
C SER K 160 0.31 -27.37 7.27
N GLN K 161 1.05 -26.60 8.07
CA GLN K 161 0.61 -26.19 9.39
C GLN K 161 1.04 -24.75 9.63
N GLU K 162 0.21 -24.01 10.36
CA GLU K 162 0.49 -22.59 10.62
C GLU K 162 0.21 -22.27 12.08
N SER K 163 0.85 -21.20 12.55
CA SER K 163 0.55 -20.60 13.85
C SER K 163 0.71 -19.09 13.73
N VAL K 164 -0.02 -18.37 14.57
CA VAL K 164 -0.05 -16.91 14.55
C VAL K 164 0.43 -16.41 15.90
N THR K 165 1.23 -15.34 15.88
CA THR K 165 1.68 -14.73 17.12
C THR K 165 0.55 -13.91 17.76
N GLU K 166 0.73 -13.62 19.04
CA GLU K 166 -0.14 -12.66 19.69
C GLU K 166 0.18 -11.25 19.21
N GLN K 167 -0.81 -10.36 19.33
CA GLN K 167 -0.66 -8.98 18.89
C GLN K 167 0.55 -8.34 19.57
N ASP K 168 1.40 -7.72 18.76
CA ASP K 168 2.61 -7.11 19.29
C ASP K 168 2.29 -5.92 20.18
N SER K 169 3.03 -5.79 21.28
CA SER K 169 2.76 -4.71 22.23
C SER K 169 3.09 -3.34 21.64
N LYS K 170 4.01 -3.27 20.68
CA LYS K 170 4.46 -1.99 20.14
C LYS K 170 3.58 -1.51 18.99
N ASP K 171 3.52 -2.28 17.90
CA ASP K 171 2.80 -1.87 16.70
C ASP K 171 1.44 -2.53 16.54
N SER K 172 1.05 -3.41 17.47
CA SER K 172 -0.28 -4.05 17.46
C SER K 172 -0.54 -4.82 16.17
N THR K 173 0.49 -5.51 15.67
CA THR K 173 0.38 -6.30 14.46
C THR K 173 0.54 -7.78 14.80
N TYR K 174 0.19 -8.62 13.83
CA TYR K 174 0.34 -10.06 13.93
C TYR K 174 1.35 -10.56 12.90
N SER K 175 1.97 -11.69 13.21
CA SER K 175 2.85 -12.40 12.28
C SER K 175 2.45 -13.86 12.22
N LEU K 176 2.53 -14.44 11.02
CA LEU K 176 2.10 -15.81 10.77
C LEU K 176 3.26 -16.61 10.18
N SER K 177 3.38 -17.87 10.62
CA SER K 177 4.38 -18.80 10.11
C SER K 177 3.68 -20.05 9.62
N SER K 178 3.88 -20.38 8.34
CA SER K 178 3.31 -21.59 7.74
C SER K 178 4.44 -22.48 7.24
N THR K 179 4.32 -23.78 7.51
CA THR K 179 5.34 -24.76 7.13
C THR K 179 4.72 -25.85 6.27
N LEU K 180 5.27 -26.04 5.07
CA LEU K 180 4.91 -27.15 4.19
C LEU K 180 5.93 -28.25 4.36
N THR K 181 5.49 -29.42 4.83
CA THR K 181 6.37 -30.55 5.09
C THR K 181 6.13 -31.66 4.06
N LEU K 182 7.19 -32.04 3.36
CA LEU K 182 7.16 -33.12 2.39
C LEU K 182 8.37 -34.02 2.59
N SER K 183 8.27 -35.25 2.10
CA SER K 183 9.43 -36.12 2.05
C SER K 183 10.43 -35.61 1.01
N LYS K 184 11.70 -35.97 1.21
CA LYS K 184 12.75 -35.53 0.30
C LYS K 184 12.51 -36.04 -1.13
N ALA K 185 11.98 -37.26 -1.25
CA ALA K 185 11.67 -37.80 -2.58
C ALA K 185 10.59 -36.96 -3.27
N ASP K 186 9.51 -36.65 -2.54
CA ASP K 186 8.45 -35.83 -3.10
C ASP K 186 8.95 -34.42 -3.41
N TYR K 187 9.87 -33.90 -2.59
CA TYR K 187 10.43 -32.58 -2.85
C TYR K 187 11.23 -32.57 -4.14
N GLU K 188 12.02 -33.62 -4.38
CA GLU K 188 12.86 -33.70 -5.57
C GLU K 188 12.06 -33.97 -6.84
N LYS K 189 10.78 -34.35 -6.74
CA LYS K 189 9.95 -34.61 -7.91
C LYS K 189 9.38 -33.33 -8.53
N HIS K 190 9.33 -32.23 -7.79
CA HIS K 190 8.74 -30.98 -8.27
C HIS K 190 9.78 -29.86 -8.24
N LYS K 191 9.50 -28.80 -8.99
CA LYS K 191 10.44 -27.70 -9.18
C LYS K 191 10.02 -26.42 -8.47
N VAL K 192 8.77 -25.98 -8.63
CA VAL K 192 8.34 -24.66 -8.17
C VAL K 192 7.52 -24.81 -6.90
N TYR K 193 7.95 -24.13 -5.83
CA TYR K 193 7.27 -24.16 -4.55
C TYR K 193 6.87 -22.74 -4.19
N ALA K 194 5.57 -22.52 -4.04
CA ALA K 194 5.03 -21.17 -3.92
C ALA K 194 4.13 -21.06 -2.69
N CYS K 195 4.11 -19.86 -2.12
CA CYS K 195 3.28 -19.51 -0.98
C CYS K 195 2.41 -18.33 -1.37
N GLU K 196 1.11 -18.55 -1.48
CA GLU K 196 0.17 -17.49 -1.87
C GLU K 196 -0.55 -16.96 -0.64
N VAL K 197 -0.48 -15.64 -0.45
CA VAL K 197 -1.00 -14.97 0.74
C VAL K 197 -2.17 -14.10 0.34
N THR K 198 -3.31 -14.29 1.02
CA THR K 198 -4.49 -13.45 0.82
C THR K 198 -4.74 -12.64 2.08
N HIS K 199 -4.75 -11.30 1.94
CA HIS K 199 -4.95 -10.41 3.07
C HIS K 199 -5.65 -9.14 2.59
N GLN K 200 -6.33 -8.47 3.53
CA GLN K 200 -7.07 -7.26 3.17
C GLN K 200 -6.14 -6.14 2.72
N GLY K 201 -4.95 -6.05 3.31
CA GLY K 201 -3.98 -5.04 2.93
C GLY K 201 -3.44 -5.20 1.53
N LEU K 202 -3.55 -6.40 0.96
CA LEU K 202 -3.10 -6.66 -0.41
C LEU K 202 -4.28 -6.52 -1.36
N SER K 203 -4.11 -5.69 -2.40
CA SER K 203 -5.17 -5.52 -3.38
C SER K 203 -5.44 -6.83 -4.11
N SER K 204 -4.40 -7.60 -4.38
CA SER K 204 -4.49 -8.95 -4.91
C SER K 204 -3.59 -9.87 -4.11
N PRO K 205 -3.89 -11.17 -4.07
CA PRO K 205 -3.03 -12.09 -3.32
C PRO K 205 -1.60 -12.06 -3.83
N VAL K 206 -0.65 -12.20 -2.90
CA VAL K 206 0.77 -12.13 -3.19
C VAL K 206 1.35 -13.54 -3.11
N THR K 207 2.13 -13.90 -4.12
CA THR K 207 2.75 -15.22 -4.18
C THR K 207 4.27 -15.06 -4.14
N LYS K 208 4.92 -15.82 -3.26
CA LYS K 208 6.37 -15.91 -3.21
C LYS K 208 6.78 -17.34 -3.52
N SER K 209 7.72 -17.51 -4.45
CA SER K 209 8.08 -18.84 -4.95
C SER K 209 9.57 -18.93 -5.17
N PHE K 210 10.06 -20.17 -5.22
CA PHE K 210 11.45 -20.45 -5.53
C PHE K 210 11.52 -21.72 -6.37
N ASN K 211 12.57 -21.83 -7.17
CA ASN K 211 12.88 -23.08 -7.86
C ASN K 211 13.80 -23.92 -6.99
N ARG K 212 13.50 -25.21 -6.91
CA ARG K 212 14.30 -26.13 -6.11
C ARG K 212 15.73 -26.16 -6.61
N GLY K 213 16.67 -25.83 -5.72
CA GLY K 213 18.09 -25.87 -6.05
C GLY K 213 18.69 -24.57 -6.51
N GLU K 214 18.01 -23.45 -6.29
CA GLU K 214 18.53 -22.15 -6.72
C GLU K 214 18.65 -21.20 -5.54
N SER L 3 -24.97 -35.00 56.75
CA SER L 3 -24.94 -33.57 56.99
C SER L 3 -26.14 -32.89 56.35
N LYS L 4 -26.46 -31.67 56.80
CA LYS L 4 -27.56 -30.93 56.19
C LYS L 4 -27.25 -30.55 54.74
N ARG L 5 -26.03 -30.09 54.48
CA ARG L 5 -25.61 -29.81 53.11
C ARG L 5 -25.65 -31.07 52.26
N SER L 6 -25.29 -32.20 52.85
CA SER L 6 -25.20 -33.46 52.09
C SER L 6 -26.55 -33.88 51.55
N PHE L 7 -27.60 -33.79 52.37
CA PHE L 7 -28.93 -34.19 51.93
C PHE L 7 -29.44 -33.28 50.82
N ILE L 8 -29.21 -31.98 50.97
CA ILE L 8 -29.58 -31.02 49.92
C ILE L 8 -28.78 -31.27 48.65
N GLU L 9 -27.50 -31.61 48.80
CA GLU L 9 -26.65 -31.91 47.65
C GLU L 9 -27.11 -33.17 46.93
N ASP L 10 -27.59 -34.18 47.67
CA ASP L 10 -28.13 -35.37 47.03
C ASP L 10 -29.31 -35.03 46.12
N LEU L 11 -30.17 -34.12 46.56
CA LEU L 11 -31.31 -33.71 45.75
C LEU L 11 -30.84 -32.93 44.52
N LEU L 12 -29.85 -32.06 44.69
CA LEU L 12 -29.40 -31.23 43.57
C LEU L 12 -28.66 -32.06 42.52
N PHE L 13 -27.78 -32.97 42.96
CA PHE L 13 -27.03 -33.77 42.00
C PHE L 13 -27.91 -34.81 41.33
N ASN L 14 -28.92 -35.30 42.03
CA ASN L 14 -29.82 -36.31 41.50
C ASN L 14 -31.24 -35.78 41.37
#